data_3T5V
#
_entry.id   3T5V
#
_cell.length_a   164.770
_cell.length_b   164.770
_cell.length_c   276.790
_cell.angle_alpha   90.00
_cell.angle_beta   90.00
_cell.angle_gamma   90.00
#
_symmetry.space_group_name_H-M   'P 41 2 2'
#
loop_
_entity.id
_entity.type
_entity.pdbx_description
1 polymer 'Nuclear mRNA export protein SAC3'
2 polymer 'Nuclear mRNA export protein THP1'
3 polymer '26S proteasome complex subunit SEM1'
#
loop_
_entity_poly.entity_id
_entity_poly.type
_entity_poly.pdbx_seq_one_letter_code
_entity_poly.pdbx_strand_id
1 'polypeptide(L)'
;GSPLPSDVRPPHILVKTLDYIVDNLLTTLPESEGFLWDRMRSIRQDFTYQNYSGPEAVDCNERIVRIHLLILHIMVKSNV
EFSLQQELEQLHKSLITLSEIYDDVRSSGGTCPNEAEFRAYALLSKIRDPQYDENIQRLPKHIFQDKLVQMALCFRRVIS
NSAYTERGFVKTENCLNFYARFFQLMQSPSLPLLMGFFLQMHLTDIRFYALRALSHTLNKKHKPIPFIYLENMLLFNNRQ
EIIEFCNYYSIEIINGDAADLKTLQHYSHKLSETQPLKKTYLTCLERRLQKTTYKGLINGGEDNLASSVYVKDPKK
;
A,D
2 'polypeptide(L)'
;MDMANQLLDELAHGNFSHLTLNLSQNGREIAILQKQLTGFDDKQLETFVEQHPAMPNDTRFKIMCTSFLNYARDVDPWSA
WSSSDLIFEFYQCLINCLINDNAPHIEMLIPVATRETEFIINLAGKLDSFHLQLHTRSHQFLSHISSILSRLFNSIKPPR
GNASSTNIPGKQRILLYLVNKLNNIYFRIESPQLCSNIFKNFQPKSMLAHFNEYQLDQQIEYRYLLGRYYLLNSQVHNAF
VQFNEAFQSLLNLPLTNQAITRNGTRILNYMIPTGLILGKMVKWGPLRPFLSQETIDNWSVLYKHVRYGNIQGVSLWLRQ
NERHLCARQLLIVLLEKLPMVTYRNLIKTVIKSWTTEWGQNKLPYSLIERVLQLSIGPTFEDPGAQEITIYNGIHSPKNV
ENVLVTLINLGLLRANCFPQLQLCVVKKTTMIQEIVPPVNERITKMFPAHSHVLW
;
B,E
3 'polypeptide(L)'
;MSTDVAAAQAQSKIDLTKKKNEEINKKSLEEDDEFEDFPIDTWANGETIKSNAVTQTNIWEENWDDVEVDDDFTNELKAE
LDRYKRENQ
;
C,F
#
# COMPACT_ATOMS: atom_id res chain seq x y z
N SER A 6 -51.98 -24.71 12.36
CA SER A 6 -51.53 -25.75 13.35
C SER A 6 -50.30 -26.48 12.82
N ASP A 7 -50.48 -27.15 11.71
CA ASP A 7 -49.43 -27.92 11.04
C ASP A 7 -49.11 -27.32 9.69
N VAL A 8 -48.03 -27.78 9.09
CA VAL A 8 -47.57 -27.25 7.78
C VAL A 8 -47.28 -28.35 6.77
N ARG A 9 -47.89 -28.22 5.61
CA ARG A 9 -47.74 -29.21 4.54
C ARG A 9 -46.31 -29.28 4.03
N PRO A 10 -45.76 -30.50 3.90
CA PRO A 10 -44.42 -30.64 3.34
C PRO A 10 -44.37 -30.23 1.87
N PRO A 11 -43.18 -30.00 1.33
CA PRO A 11 -43.02 -29.52 -0.05
C PRO A 11 -43.73 -30.36 -1.09
N HIS A 12 -43.56 -31.66 -1.02
CA HIS A 12 -44.06 -32.55 -2.09
C HIS A 12 -45.57 -32.44 -2.28
N ILE A 13 -46.30 -32.36 -1.18
CA ILE A 13 -47.77 -32.25 -1.28
C ILE A 13 -48.21 -30.82 -1.64
N LEU A 14 -47.34 -29.87 -1.38
CA LEU A 14 -47.53 -28.51 -1.89
C LEU A 14 -47.45 -28.54 -3.43
N VAL A 15 -46.37 -29.12 -3.90
CA VAL A 15 -46.18 -29.32 -5.35
C VAL A 15 -47.39 -30.09 -5.93
N LYS A 16 -47.80 -31.11 -5.21
CA LYS A 16 -49.00 -31.91 -5.60
C LYS A 16 -50.24 -31.01 -5.71
N THR A 17 -50.45 -30.18 -4.70
CA THR A 17 -51.59 -29.25 -4.70
C THR A 17 -51.55 -28.34 -5.92
N LEU A 18 -50.41 -27.75 -6.13
CA LEU A 18 -50.23 -26.85 -7.28
C LEU A 18 -50.50 -27.62 -8.56
N ASP A 19 -50.02 -28.84 -8.61
CA ASP A 19 -50.28 -29.74 -9.75
C ASP A 19 -51.78 -29.85 -9.98
N TYR A 20 -52.50 -30.15 -8.93
CA TYR A 20 -53.98 -30.22 -9.00
C TYR A 20 -54.52 -28.94 -9.63
N ILE A 21 -54.14 -27.83 -9.05
CA ILE A 21 -54.59 -26.50 -9.54
C ILE A 21 -54.35 -26.32 -11.05
N VAL A 22 -53.12 -26.53 -11.44
CA VAL A 22 -52.70 -26.34 -12.85
C VAL A 22 -53.40 -27.35 -13.78
N ASP A 23 -53.54 -28.56 -13.30
CA ASP A 23 -54.08 -29.66 -14.10
C ASP A 23 -55.59 -29.61 -14.25
N ASN A 24 -56.27 -29.13 -13.22
CA ASN A 24 -57.75 -29.22 -13.21
C ASN A 24 -58.55 -27.92 -13.05
N LEU A 25 -57.99 -26.93 -12.39
CA LEU A 25 -58.79 -25.79 -11.92
C LEU A 25 -58.67 -24.48 -12.71
N LEU A 26 -57.67 -24.40 -13.57
CA LEU A 26 -57.46 -23.17 -14.37
C LEU A 26 -58.63 -22.95 -15.33
N THR A 27 -59.23 -24.04 -15.76
CA THR A 27 -60.44 -24.03 -16.64
C THR A 27 -61.58 -23.20 -16.07
N THR A 28 -61.64 -23.15 -14.75
CA THR A 28 -62.74 -22.50 -14.03
C THR A 28 -62.39 -21.08 -13.65
N LEU A 29 -61.44 -20.51 -14.35
CA LEU A 29 -60.70 -19.35 -13.83
C LEU A 29 -61.50 -18.06 -13.73
N PRO A 30 -62.18 -17.66 -14.80
CA PRO A 30 -62.74 -16.28 -14.78
C PRO A 30 -63.44 -15.98 -13.45
N GLU A 31 -64.15 -16.96 -12.92
CA GLU A 31 -64.98 -16.76 -11.72
C GLU A 31 -64.29 -17.24 -10.44
N SER A 32 -63.48 -18.26 -10.58
CA SER A 32 -62.83 -18.91 -9.44
C SER A 32 -61.48 -18.28 -9.06
N GLU A 33 -61.35 -17.00 -9.33
CA GLU A 33 -60.05 -16.30 -9.14
C GLU A 33 -59.71 -16.16 -7.65
N GLY A 34 -60.64 -15.66 -6.87
CA GLY A 34 -60.42 -15.46 -5.42
C GLY A 34 -59.88 -16.72 -4.73
N PHE A 35 -60.59 -17.81 -4.98
CA PHE A 35 -60.19 -19.14 -4.48
C PHE A 35 -58.72 -19.47 -4.80
N LEU A 36 -58.41 -19.44 -6.08
CA LEU A 36 -57.05 -19.76 -6.56
C LEU A 36 -56.03 -18.80 -5.96
N TRP A 37 -56.39 -17.54 -5.94
CA TRP A 37 -55.52 -16.52 -5.34
C TRP A 37 -55.14 -16.96 -3.92
N ASP A 38 -56.16 -17.23 -3.12
CA ASP A 38 -55.98 -17.71 -1.75
C ASP A 38 -55.09 -18.95 -1.69
N ARG A 39 -55.42 -19.94 -2.47
CA ARG A 39 -54.65 -21.19 -2.48
C ARG A 39 -53.16 -20.95 -2.78
N MET A 40 -52.92 -20.21 -3.83
CA MET A 40 -51.55 -19.91 -4.26
C MET A 40 -50.79 -19.17 -3.14
N ARG A 41 -51.43 -18.17 -2.59
CA ARG A 41 -50.83 -17.42 -1.47
C ARG A 41 -50.47 -18.38 -0.33
N SER A 42 -51.42 -19.20 0.03
CA SER A 42 -51.22 -20.20 1.08
C SER A 42 -49.99 -21.07 0.77
N ILE A 43 -49.95 -21.59 -0.43
CA ILE A 43 -48.82 -22.42 -0.89
C ILE A 43 -47.51 -21.67 -0.70
N ARG A 44 -47.49 -20.43 -1.16
CA ARG A 44 -46.30 -19.59 -1.07
C ARG A 44 -45.87 -19.45 0.40
N GLN A 45 -46.82 -19.12 1.25
CA GLN A 45 -46.57 -18.91 2.69
C GLN A 45 -46.05 -20.17 3.41
N ASP A 46 -46.73 -21.27 3.19
CA ASP A 46 -46.35 -22.56 3.83
C ASP A 46 -44.87 -22.90 3.59
N PHE A 47 -44.33 -22.42 2.48
CA PHE A 47 -42.93 -22.65 2.15
C PHE A 47 -42.02 -21.81 3.07
N THR A 48 -42.35 -20.55 3.21
CA THR A 48 -41.54 -19.63 4.02
C THR A 48 -41.67 -19.95 5.50
N TYR A 49 -42.82 -20.43 5.90
CA TYR A 49 -43.02 -20.85 7.29
C TYR A 49 -42.02 -21.97 7.65
N GLN A 50 -41.69 -22.79 6.67
CA GLN A 50 -40.72 -23.88 6.85
C GLN A 50 -39.28 -23.42 6.63
N ASN A 51 -39.14 -22.17 6.24
CA ASN A 51 -37.83 -21.64 5.85
C ASN A 51 -37.19 -22.57 4.81
N TYR A 52 -38.01 -22.99 3.86
CA TYR A 52 -37.59 -23.91 2.79
C TYR A 52 -37.49 -23.19 1.45
N SER A 53 -36.29 -23.20 0.90
CA SER A 53 -35.99 -22.50 -0.37
C SER A 53 -35.56 -23.48 -1.47
N GLY A 54 -35.88 -24.74 -1.25
CA GLY A 54 -35.45 -25.82 -2.15
C GLY A 54 -36.07 -25.69 -3.51
N PRO A 55 -35.71 -26.59 -4.44
CA PRO A 55 -36.23 -26.56 -5.81
C PRO A 55 -37.76 -26.53 -5.91
N GLU A 56 -38.42 -27.21 -4.97
CA GLU A 56 -39.90 -27.23 -4.92
C GLU A 56 -40.45 -25.81 -4.77
N ALA A 57 -39.80 -25.05 -3.92
CA ALA A 57 -40.21 -23.65 -3.67
C ALA A 57 -40.06 -22.79 -4.93
N VAL A 58 -38.91 -22.93 -5.55
CA VAL A 58 -38.62 -22.26 -6.82
C VAL A 58 -39.70 -22.58 -7.86
N ASP A 59 -39.87 -23.86 -8.08
CA ASP A 59 -40.86 -24.38 -9.03
C ASP A 59 -42.22 -23.75 -8.77
N CYS A 60 -42.66 -23.92 -7.56
CA CYS A 60 -44.02 -23.48 -7.16
C CYS A 60 -44.22 -21.98 -7.37
N ASN A 61 -43.28 -21.21 -6.90
CA ASN A 61 -43.34 -19.75 -7.10
C ASN A 61 -43.33 -19.37 -8.57
N GLU A 62 -42.48 -20.04 -9.32
CA GLU A 62 -42.41 -19.81 -10.77
C GLU A 62 -43.78 -20.01 -11.42
N ARG A 63 -44.30 -21.20 -11.26
CA ARG A 63 -45.61 -21.55 -11.82
C ARG A 63 -46.70 -20.58 -11.31
N ILE A 64 -46.61 -20.23 -10.04
CA ILE A 64 -47.55 -19.25 -9.45
C ILE A 64 -47.50 -17.89 -10.18
N VAL A 65 -46.30 -17.42 -10.38
CA VAL A 65 -46.08 -16.18 -11.14
C VAL A 65 -46.75 -16.29 -12.52
N ARG A 66 -46.45 -17.39 -13.20
CA ARG A 66 -47.07 -17.67 -14.52
C ARG A 66 -48.60 -17.56 -14.44
N ILE A 67 -49.15 -18.24 -13.45
CA ILE A 67 -50.60 -18.21 -13.24
C ILE A 67 -51.12 -16.78 -13.08
N HIS A 68 -50.43 -16.01 -12.27
CA HIS A 68 -50.85 -14.61 -12.05
C HIS A 68 -50.87 -13.88 -13.39
N LEU A 69 -49.82 -14.07 -14.15
CA LEU A 69 -49.72 -13.44 -15.49
C LEU A 69 -50.92 -13.81 -16.34
N LEU A 70 -51.24 -15.09 -16.37
CA LEU A 70 -52.43 -15.58 -17.11
C LEU A 70 -53.75 -14.91 -16.59
N ILE A 71 -53.90 -14.95 -15.28
CA ILE A 71 -55.08 -14.38 -14.63
C ILE A 71 -55.27 -12.90 -15.00
N LEU A 72 -54.20 -12.14 -15.01
CA LEU A 72 -54.30 -10.72 -15.41
C LEU A 72 -55.11 -10.59 -16.70
N HIS A 73 -54.67 -11.28 -17.72
CA HIS A 73 -55.37 -11.25 -19.02
C HIS A 73 -56.81 -11.74 -18.89
N ILE A 74 -56.94 -12.97 -18.42
CA ILE A 74 -58.27 -13.62 -18.31
C ILE A 74 -59.27 -12.73 -17.60
N MET A 75 -58.81 -12.08 -16.55
CA MET A 75 -59.67 -11.20 -15.75
C MET A 75 -59.99 -9.91 -16.49
N VAL A 76 -58.95 -9.26 -16.96
CA VAL A 76 -59.11 -7.96 -17.68
C VAL A 76 -60.12 -8.12 -18.80
N LYS A 77 -60.00 -9.19 -19.57
CA LYS A 77 -60.91 -9.41 -20.68
C LYS A 77 -62.36 -9.60 -20.20
N SER A 78 -62.50 -10.30 -19.09
CA SER A 78 -63.81 -10.62 -18.52
C SER A 78 -64.40 -9.45 -17.74
N ASN A 79 -65.70 -9.51 -17.57
CA ASN A 79 -66.47 -8.50 -16.80
C ASN A 79 -66.54 -8.84 -15.31
N VAL A 80 -65.87 -9.92 -14.95
CA VAL A 80 -65.84 -10.41 -13.55
C VAL A 80 -65.04 -9.45 -12.66
N GLU A 81 -65.54 -9.24 -11.45
CA GLU A 81 -64.90 -8.36 -10.46
C GLU A 81 -63.66 -9.01 -9.84
N PHE A 82 -62.61 -8.22 -9.75
CA PHE A 82 -61.37 -8.62 -9.07
C PHE A 82 -60.53 -7.40 -8.72
N SER A 83 -59.65 -7.57 -7.75
CA SER A 83 -58.74 -6.49 -7.38
C SER A 83 -57.44 -6.64 -8.15
N LEU A 84 -57.11 -5.62 -8.91
CA LEU A 84 -55.91 -5.63 -9.72
C LEU A 84 -54.68 -5.55 -8.80
N GLN A 85 -54.77 -4.68 -7.81
CA GLN A 85 -53.61 -4.37 -6.96
C GLN A 85 -53.13 -5.60 -6.19
N GLN A 86 -54.05 -6.41 -5.71
CA GLN A 86 -53.69 -7.62 -4.94
C GLN A 86 -53.06 -8.70 -5.83
N GLU A 87 -53.62 -8.82 -7.02
CA GLU A 87 -53.08 -9.74 -8.02
C GLU A 87 -51.64 -9.34 -8.34
N LEU A 88 -51.48 -8.08 -8.69
CA LEU A 88 -50.15 -7.51 -8.96
C LEU A 88 -49.23 -7.69 -7.76
N GLU A 89 -49.79 -7.41 -6.60
CA GLU A 89 -49.03 -7.48 -5.34
C GLU A 89 -48.42 -8.88 -5.16
N GLN A 90 -49.29 -9.86 -5.12
CA GLN A 90 -48.85 -11.26 -4.98
C GLN A 90 -47.82 -11.61 -6.07
N LEU A 91 -48.12 -11.19 -7.29
CA LEU A 91 -47.17 -11.32 -8.41
C LEU A 91 -45.76 -10.81 -7.99
N HIS A 92 -45.75 -9.55 -7.57
CA HIS A 92 -44.51 -8.88 -7.13
C HIS A 92 -43.78 -9.69 -6.02
N LYS A 93 -44.53 -10.07 -5.03
CA LYS A 93 -43.97 -10.84 -3.92
C LYS A 93 -43.28 -12.09 -4.43
N SER A 94 -44.04 -12.89 -5.15
CA SER A 94 -43.49 -14.14 -5.71
C SER A 94 -42.20 -13.83 -6.48
N LEU A 95 -42.25 -12.76 -7.27
CA LEU A 95 -41.09 -12.35 -8.06
C LEU A 95 -39.86 -12.05 -7.18
N ILE A 96 -40.05 -11.22 -6.16
CA ILE A 96 -38.91 -10.84 -5.27
C ILE A 96 -38.32 -12.09 -4.57
N THR A 97 -39.19 -12.93 -4.05
CA THR A 97 -38.73 -14.17 -3.38
C THR A 97 -37.93 -15.01 -4.38
N LEU A 98 -38.47 -15.10 -5.58
CA LEU A 98 -37.77 -15.80 -6.70
C LEU A 98 -36.36 -15.22 -6.95
N SER A 99 -36.30 -13.92 -7.07
CA SER A 99 -35.02 -13.22 -7.27
C SER A 99 -34.02 -13.62 -6.19
N GLU A 100 -34.41 -13.38 -4.94
CA GLU A 100 -33.48 -13.63 -3.83
C GLU A 100 -33.01 -15.10 -3.84
N ILE A 101 -33.93 -16.01 -4.05
CA ILE A 101 -33.55 -17.43 -4.16
C ILE A 101 -32.52 -17.64 -5.28
N TYR A 102 -32.79 -17.09 -6.44
CA TYR A 102 -31.85 -17.18 -7.57
C TYR A 102 -30.45 -16.74 -7.14
N ASP A 103 -30.41 -15.56 -6.54
CA ASP A 103 -29.15 -14.99 -6.04
C ASP A 103 -28.42 -15.96 -5.11
N ASP A 104 -29.14 -16.39 -4.08
CA ASP A 104 -28.59 -17.35 -3.10
C ASP A 104 -28.01 -18.57 -3.80
N VAL A 105 -28.80 -19.16 -4.67
CA VAL A 105 -28.35 -20.35 -5.42
C VAL A 105 -27.04 -20.04 -6.16
N ARG A 106 -27.00 -18.91 -6.80
CA ARG A 106 -25.81 -18.51 -7.56
C ARG A 106 -24.60 -18.39 -6.66
N SER A 107 -24.74 -17.66 -5.56
CA SER A 107 -23.60 -17.42 -4.64
C SER A 107 -23.09 -18.71 -4.01
N SER A 108 -23.90 -19.75 -4.10
CA SER A 108 -23.55 -21.09 -3.59
C SER A 108 -23.06 -22.01 -4.71
N GLY A 109 -22.81 -21.42 -5.86
CA GLY A 109 -22.30 -22.15 -7.03
C GLY A 109 -23.31 -23.08 -7.71
N GLY A 110 -24.58 -22.74 -7.57
CA GLY A 110 -25.68 -23.54 -8.12
C GLY A 110 -26.48 -22.81 -9.18
N THR A 111 -27.22 -23.57 -9.98
CA THR A 111 -28.03 -22.99 -11.07
C THR A 111 -29.52 -23.33 -11.07
N CYS A 112 -30.30 -22.36 -11.50
CA CYS A 112 -31.75 -22.48 -11.71
C CYS A 112 -31.98 -22.41 -13.23
N PRO A 113 -32.72 -23.37 -13.78
CA PRO A 113 -32.84 -23.42 -15.24
C PRO A 113 -33.79 -22.41 -15.86
N ASN A 114 -34.72 -21.92 -15.07
CA ASN A 114 -35.73 -20.94 -15.57
C ASN A 114 -35.49 -19.50 -15.13
N GLU A 115 -34.28 -19.21 -14.68
CA GLU A 115 -33.99 -17.89 -14.11
C GLU A 115 -34.24 -16.76 -15.12
N ALA A 116 -33.72 -16.95 -16.32
CA ALA A 116 -33.86 -15.95 -17.37
C ALA A 116 -35.31 -15.45 -17.47
N GLU A 117 -36.22 -16.40 -17.64
CA GLU A 117 -37.65 -16.10 -17.81
C GLU A 117 -38.19 -15.14 -16.74
N PHE A 118 -37.89 -15.46 -15.50
CA PHE A 118 -38.43 -14.68 -14.38
C PHE A 118 -37.62 -13.43 -14.10
N ARG A 119 -36.40 -13.43 -14.61
CA ARG A 119 -35.61 -12.19 -14.67
C ARG A 119 -36.31 -11.20 -15.64
N ALA A 120 -36.72 -11.73 -16.77
CA ALA A 120 -37.50 -10.97 -17.75
C ALA A 120 -38.82 -10.43 -17.13
N TYR A 121 -39.60 -11.37 -16.60
CA TYR A 121 -40.85 -10.98 -15.91
C TYR A 121 -40.56 -9.85 -14.91
N ALA A 122 -39.52 -10.07 -14.12
CA ALA A 122 -39.07 -9.04 -13.15
C ALA A 122 -38.85 -7.71 -13.88
N LEU A 123 -38.12 -7.78 -14.98
CA LEU A 123 -37.82 -6.58 -15.78
C LEU A 123 -39.10 -5.88 -16.22
N LEU A 124 -40.13 -6.66 -16.44
CA LEU A 124 -41.43 -6.12 -16.90
C LEU A 124 -42.31 -5.50 -15.79
N SER A 125 -42.01 -5.79 -14.53
CA SER A 125 -42.94 -5.39 -13.43
C SER A 125 -42.83 -3.89 -13.10
N LYS A 126 -41.61 -3.41 -13.02
CA LYS A 126 -41.34 -1.98 -12.80
C LYS A 126 -40.65 -1.43 -14.05
N ILE A 127 -41.44 -1.17 -15.04
CA ILE A 127 -40.93 -0.97 -16.44
C ILE A 127 -40.07 0.28 -16.60
N ARG A 128 -40.27 1.24 -15.74
CA ARG A 128 -39.55 2.54 -15.84
C ARG A 128 -38.52 2.74 -14.74
N ASP A 129 -38.44 1.77 -13.85
CA ASP A 129 -37.51 1.80 -12.70
C ASP A 129 -36.12 1.41 -13.15
N PRO A 130 -35.14 2.31 -13.03
CA PRO A 130 -33.82 2.04 -13.57
C PRO A 130 -33.02 1.00 -12.81
N GLN A 131 -33.33 0.80 -11.54
CA GLN A 131 -32.61 -0.17 -10.72
C GLN A 131 -32.64 -1.57 -11.33
N TYR A 132 -33.72 -1.86 -12.03
CA TYR A 132 -33.88 -3.17 -12.68
C TYR A 132 -32.91 -3.33 -13.85
N ASP A 133 -32.47 -2.21 -14.38
CA ASP A 133 -31.47 -2.20 -15.46
C ASP A 133 -30.07 -2.35 -14.89
N GLU A 134 -29.85 -1.65 -13.79
CA GLU A 134 -28.59 -1.72 -13.06
C GLU A 134 -28.34 -3.18 -12.66
N ASN A 135 -29.41 -3.81 -12.20
CA ASN A 135 -29.35 -5.18 -11.71
C ASN A 135 -29.04 -6.18 -12.82
N ILE A 136 -29.85 -6.11 -13.85
CA ILE A 136 -29.78 -7.09 -14.96
C ILE A 136 -28.40 -7.11 -15.64
N GLN A 137 -27.75 -5.96 -15.67
CA GLN A 137 -26.39 -5.87 -16.26
C GLN A 137 -25.34 -6.65 -15.47
N ARG A 138 -25.65 -6.92 -14.23
CA ARG A 138 -24.75 -7.63 -13.32
C ARG A 138 -24.77 -9.14 -13.54
N LEU A 139 -25.89 -9.64 -14.00
CA LEU A 139 -26.08 -11.10 -14.14
C LEU A 139 -25.18 -11.65 -15.25
N PRO A 140 -24.88 -12.94 -15.19
CA PRO A 140 -24.04 -13.62 -16.15
C PRO A 140 -24.49 -13.46 -17.61
N LYS A 141 -23.54 -13.56 -18.51
CA LYS A 141 -23.77 -13.39 -19.95
C LYS A 141 -24.94 -14.25 -20.39
N HIS A 142 -24.92 -15.50 -19.98
CA HIS A 142 -25.90 -16.48 -20.50
C HIS A 142 -27.32 -16.10 -20.10
N ILE A 143 -27.43 -15.35 -19.03
CA ILE A 143 -28.75 -14.85 -18.58
C ILE A 143 -29.13 -13.56 -19.31
N PHE A 144 -28.19 -12.66 -19.37
CA PHE A 144 -28.38 -11.35 -20.04
C PHE A 144 -28.74 -11.49 -21.51
N GLN A 145 -28.16 -12.49 -22.15
CA GLN A 145 -28.34 -12.69 -23.60
C GLN A 145 -29.47 -13.63 -23.95
N ASP A 146 -30.26 -13.96 -22.96
CA ASP A 146 -31.41 -14.85 -23.16
C ASP A 146 -32.51 -14.12 -23.92
N LYS A 147 -33.10 -14.80 -24.88
CA LYS A 147 -34.16 -14.23 -25.72
C LYS A 147 -35.14 -13.39 -24.90
N LEU A 148 -35.62 -13.97 -23.81
CA LEU A 148 -36.66 -13.32 -22.98
C LEU A 148 -36.16 -12.01 -22.36
N VAL A 149 -35.00 -12.05 -21.74
CA VAL A 149 -34.42 -10.82 -21.12
C VAL A 149 -34.16 -9.79 -22.20
N GLN A 150 -33.70 -10.26 -23.33
CA GLN A 150 -33.42 -9.39 -24.47
C GLN A 150 -34.70 -8.63 -24.88
N MET A 151 -35.74 -9.38 -25.13
CA MET A 151 -37.03 -8.76 -25.50
C MET A 151 -37.51 -7.82 -24.41
N ALA A 152 -37.40 -8.28 -23.17
CA ALA A 152 -37.79 -7.44 -22.04
C ALA A 152 -37.08 -6.09 -22.11
N LEU A 153 -35.78 -6.16 -22.35
CA LEU A 153 -34.93 -4.96 -22.46
C LEU A 153 -35.39 -4.07 -23.61
N CYS A 154 -35.64 -4.71 -24.75
CA CYS A 154 -36.20 -3.99 -25.91
C CYS A 154 -37.44 -3.22 -25.49
N PHE A 155 -38.35 -3.90 -24.83
CA PHE A 155 -39.59 -3.26 -24.37
C PHE A 155 -39.33 -2.07 -23.45
N ARG A 156 -38.47 -2.30 -22.48
CA ARG A 156 -38.08 -1.24 -21.54
C ARG A 156 -37.55 0.01 -22.28
N ARG A 157 -36.70 -0.21 -23.28
CA ARG A 157 -36.17 0.90 -24.07
C ARG A 157 -37.26 1.58 -24.85
N VAL A 158 -38.01 0.76 -25.57
CA VAL A 158 -39.10 1.22 -26.45
C VAL A 158 -40.17 2.01 -25.69
N ILE A 159 -40.43 1.62 -24.46
CA ILE A 159 -41.47 2.25 -23.62
C ILE A 159 -41.05 3.56 -22.97
N SER A 160 -39.76 3.74 -22.80
CA SER A 160 -39.24 4.95 -22.13
C SER A 160 -39.69 6.23 -22.82
N ASN A 161 -40.09 7.19 -22.02
CA ASN A 161 -40.43 8.54 -22.52
C ASN A 161 -39.77 9.59 -21.65
N SER A 162 -39.28 10.63 -22.31
CA SER A 162 -38.62 11.73 -21.61
C SER A 162 -39.64 12.68 -20.98
N ALA A 163 -40.89 12.47 -21.30
CA ALA A 163 -41.98 13.37 -20.90
C ALA A 163 -42.89 12.75 -19.84
N TYR A 164 -42.63 11.51 -19.51
CA TYR A 164 -43.48 10.77 -18.55
C TYR A 164 -43.59 11.57 -17.25
N THR A 165 -44.79 11.99 -16.96
CA THR A 165 -45.07 12.80 -15.75
C THR A 165 -45.84 11.99 -14.70
N GLU A 166 -45.28 11.97 -13.51
CA GLU A 166 -45.87 11.26 -12.38
C GLU A 166 -45.15 11.67 -11.09
N ARG A 167 -45.91 11.95 -10.06
CA ARG A 167 -45.34 12.42 -8.78
C ARG A 167 -44.19 11.51 -8.30
N GLY A 168 -43.04 12.11 -8.18
CA GLY A 168 -41.85 11.42 -7.66
C GLY A 168 -41.04 10.68 -8.70
N PHE A 169 -41.27 11.02 -9.95
CA PHE A 169 -40.57 10.37 -11.07
C PHE A 169 -39.66 11.35 -11.79
N VAL A 170 -38.37 11.09 -11.72
CA VAL A 170 -37.37 11.95 -12.37
C VAL A 170 -37.22 11.60 -13.87
N LYS A 171 -37.66 12.52 -14.72
CA LYS A 171 -37.51 12.38 -16.17
C LYS A 171 -36.03 12.32 -16.55
N THR A 172 -35.71 11.47 -17.50
CA THR A 172 -34.33 11.34 -17.98
C THR A 172 -34.25 11.72 -19.46
N GLU A 173 -33.05 11.99 -19.91
CA GLU A 173 -32.82 12.53 -21.27
C GLU A 173 -32.87 11.48 -22.38
N ASN A 174 -33.20 11.96 -23.56
CA ASN A 174 -33.06 11.19 -24.82
C ASN A 174 -33.82 9.87 -24.91
N CYS A 175 -34.96 9.80 -24.29
CA CYS A 175 -35.75 8.55 -24.31
C CYS A 175 -36.43 8.38 -25.66
N LEU A 176 -36.58 7.13 -26.06
CA LEU A 176 -37.05 6.78 -27.41
C LEU A 176 -38.54 7.08 -27.66
N ASN A 177 -39.35 6.69 -26.70
CA ASN A 177 -40.82 6.74 -26.85
C ASN A 177 -41.25 6.11 -28.18
N PHE A 178 -40.85 4.87 -28.39
CA PHE A 178 -41.16 4.12 -29.60
C PHE A 178 -42.45 3.28 -29.48
N TYR A 179 -43.59 3.97 -29.46
CA TYR A 179 -44.89 3.32 -29.42
C TYR A 179 -45.11 2.35 -30.59
N ALA A 180 -44.67 2.80 -31.75
CA ALA A 180 -44.76 2.00 -32.99
C ALA A 180 -44.13 0.63 -32.80
N ARG A 181 -42.86 0.67 -32.41
CA ARG A 181 -42.09 -0.56 -32.23
C ARG A 181 -42.73 -1.41 -31.15
N PHE A 182 -43.18 -0.75 -30.08
CA PHE A 182 -43.89 -1.45 -28.98
C PHE A 182 -45.00 -2.32 -29.57
N PHE A 183 -45.92 -1.66 -30.25
CA PHE A 183 -47.07 -2.36 -30.83
C PHE A 183 -46.64 -3.41 -31.85
N GLN A 184 -45.56 -3.15 -32.55
CA GLN A 184 -45.02 -4.11 -33.52
C GLN A 184 -44.49 -5.36 -32.81
N LEU A 185 -43.81 -5.12 -31.70
CA LEU A 185 -43.23 -6.22 -30.90
C LEU A 185 -44.36 -7.06 -30.29
N MET A 186 -45.36 -6.36 -29.78
CA MET A 186 -46.54 -7.00 -29.16
C MET A 186 -47.23 -7.98 -30.12
N GLN A 187 -47.14 -7.68 -31.39
CA GLN A 187 -47.80 -8.50 -32.42
C GLN A 187 -46.93 -9.63 -32.95
N SER A 188 -45.70 -9.68 -32.49
CA SER A 188 -44.73 -10.66 -32.96
C SER A 188 -45.06 -12.04 -32.48
N PRO A 189 -44.90 -13.06 -33.33
CA PRO A 189 -45.04 -14.44 -32.90
C PRO A 189 -43.93 -14.89 -31.95
N SER A 190 -42.87 -14.10 -31.90
CA SER A 190 -41.70 -14.44 -31.09
C SER A 190 -41.90 -14.05 -29.64
N LEU A 191 -42.86 -13.18 -29.40
CA LEU A 191 -43.16 -12.71 -28.03
C LEU A 191 -43.88 -13.80 -27.24
N PRO A 192 -43.31 -14.26 -26.12
CA PRO A 192 -43.99 -15.22 -25.29
C PRO A 192 -45.29 -14.62 -24.71
N LEU A 193 -46.33 -15.42 -24.66
CA LEU A 193 -47.67 -14.93 -24.34
C LEU A 193 -47.75 -14.29 -22.94
N LEU A 194 -47.18 -14.95 -21.94
CA LEU A 194 -47.24 -14.43 -20.55
C LEU A 194 -46.65 -13.01 -20.48
N MET A 195 -45.54 -12.82 -21.17
CA MET A 195 -44.88 -11.51 -21.24
C MET A 195 -45.84 -10.47 -21.78
N GLY A 196 -46.48 -10.82 -22.87
CA GLY A 196 -47.48 -9.95 -23.47
C GLY A 196 -48.52 -9.58 -22.44
N PHE A 197 -49.08 -10.61 -21.82
CA PHE A 197 -50.10 -10.41 -20.78
C PHE A 197 -49.59 -9.37 -19.80
N PHE A 198 -48.36 -9.53 -19.38
CA PHE A 198 -47.75 -8.61 -18.41
C PHE A 198 -47.63 -7.19 -18.97
N LEU A 199 -47.25 -7.11 -20.22
CA LEU A 199 -47.02 -5.80 -20.89
C LEU A 199 -48.32 -5.05 -21.17
N GLN A 200 -49.39 -5.78 -21.39
CA GLN A 200 -50.69 -5.15 -21.65
C GLN A 200 -51.09 -4.11 -20.61
N MET A 201 -50.52 -4.23 -19.43
CA MET A 201 -50.85 -3.31 -18.33
C MET A 201 -50.50 -1.83 -18.63
N HIS A 202 -49.70 -1.60 -19.66
CA HIS A 202 -49.21 -0.22 -19.96
C HIS A 202 -49.84 0.44 -21.18
N LEU A 203 -50.79 -0.27 -21.78
CA LEU A 203 -51.43 0.17 -23.01
C LEU A 203 -51.88 1.63 -22.90
N THR A 204 -52.60 1.93 -21.84
CA THR A 204 -53.20 3.27 -21.70
C THR A 204 -52.14 4.40 -21.69
N ASP A 205 -51.15 4.25 -20.85
CA ASP A 205 -50.09 5.28 -20.74
C ASP A 205 -49.26 5.39 -22.03
N ILE A 206 -48.88 4.24 -22.55
CA ILE A 206 -48.17 4.19 -23.82
C ILE A 206 -48.94 5.00 -24.88
N ARG A 207 -50.21 4.64 -25.03
CA ARG A 207 -51.12 5.30 -25.99
C ARG A 207 -51.24 6.79 -25.74
N PHE A 208 -51.48 7.14 -24.50
CA PHE A 208 -51.62 8.56 -24.12
C PHE A 208 -50.41 9.35 -24.59
N TYR A 209 -49.24 8.92 -24.17
CA TYR A 209 -48.02 9.69 -24.50
C TYR A 209 -47.71 9.67 -25.99
N ALA A 210 -48.05 8.57 -26.63
CA ALA A 210 -47.93 8.47 -28.10
C ALA A 210 -48.77 9.60 -28.71
N LEU A 211 -50.02 9.64 -28.29
CA LEU A 211 -50.98 10.62 -28.84
C LEU A 211 -50.53 12.06 -28.58
N ARG A 212 -50.14 12.32 -27.37
CA ARG A 212 -49.68 13.68 -27.00
C ARG A 212 -48.45 14.07 -27.83
N ALA A 213 -47.48 13.19 -27.84
CA ALA A 213 -46.24 13.41 -28.62
C ALA A 213 -46.60 13.73 -30.06
N LEU A 214 -47.47 12.91 -30.65
CA LEU A 214 -47.91 13.12 -32.04
C LEU A 214 -48.54 14.48 -32.17
N SER A 215 -49.40 14.81 -31.23
CA SER A 215 -50.14 16.09 -31.26
C SER A 215 -49.17 17.27 -31.29
N HIS A 216 -48.17 17.22 -30.45
CA HIS A 216 -47.18 18.31 -30.35
C HIS A 216 -46.55 18.67 -31.70
N THR A 217 -46.53 17.73 -32.62
CA THR A 217 -45.86 17.92 -33.93
C THR A 217 -46.76 18.57 -34.99
N LEU A 218 -48.06 18.49 -34.76
CA LEU A 218 -49.04 19.04 -35.71
C LEU A 218 -49.09 20.56 -35.63
N ASN A 219 -49.33 21.18 -36.76
CA ASN A 219 -49.46 22.64 -36.85
C ASN A 219 -50.83 23.12 -36.39
N LYS A 220 -50.88 24.34 -35.88
CA LYS A 220 -52.16 24.95 -35.49
C LYS A 220 -53.09 24.90 -36.71
N LYS A 221 -54.30 24.48 -36.48
CA LYS A 221 -55.34 24.43 -37.55
C LYS A 221 -55.18 23.20 -38.45
N HIS A 222 -54.33 22.29 -38.04
CA HIS A 222 -54.22 20.99 -38.72
C HIS A 222 -55.55 20.26 -38.54
N LYS A 223 -55.98 19.57 -39.57
CA LYS A 223 -57.26 18.83 -39.53
C LYS A 223 -57.15 17.65 -38.57
N PRO A 224 -58.26 17.26 -37.94
CA PRO A 224 -58.24 16.13 -37.02
C PRO A 224 -57.85 14.82 -37.71
N ILE A 225 -57.35 13.90 -36.93
CA ILE A 225 -56.83 12.62 -37.44
C ILE A 225 -57.95 11.60 -37.50
N PRO A 226 -58.13 10.94 -38.65
CA PRO A 226 -59.11 9.88 -38.79
C PRO A 226 -58.97 8.78 -37.75
N PHE A 227 -60.06 8.07 -37.49
CA PHE A 227 -60.07 7.01 -36.47
C PHE A 227 -59.18 5.85 -36.92
N ILE A 228 -59.35 5.43 -38.15
CA ILE A 228 -58.62 4.26 -38.67
C ILE A 228 -57.12 4.41 -38.43
N TYR A 229 -56.63 5.57 -38.76
CA TYR A 229 -55.18 5.86 -38.59
C TYR A 229 -54.79 5.68 -37.13
N LEU A 230 -55.52 6.37 -36.27
CA LEU A 230 -55.21 6.33 -34.83
C LEU A 230 -55.39 4.93 -34.25
N GLU A 231 -56.33 4.19 -34.80
CA GLU A 231 -56.60 2.81 -34.36
C GLU A 231 -55.41 1.93 -34.70
N ASN A 232 -54.90 2.16 -35.88
CA ASN A 232 -53.70 1.47 -36.34
C ASN A 232 -52.47 1.90 -35.51
N MET A 233 -52.38 3.19 -35.27
CA MET A 233 -51.24 3.78 -34.57
C MET A 233 -51.13 3.22 -33.15
N LEU A 234 -52.28 2.99 -32.54
CA LEU A 234 -52.33 2.55 -31.15
C LEU A 234 -52.92 1.15 -30.99
N LEU A 235 -53.00 0.46 -32.11
CA LEU A 235 -53.51 -0.93 -32.17
C LEU A 235 -54.78 -1.14 -31.32
N PHE A 236 -55.68 -0.16 -31.38
CA PHE A 236 -57.01 -0.31 -30.74
C PHE A 236 -57.74 -1.50 -31.35
N ASN A 237 -58.56 -2.13 -30.55
CA ASN A 237 -59.32 -3.32 -31.03
C ASN A 237 -60.46 -2.94 -31.96
N ASN A 238 -61.13 -1.87 -31.60
CA ASN A 238 -62.27 -1.36 -32.34
C ASN A 238 -62.61 0.08 -32.03
N ARG A 239 -63.60 0.61 -32.71
CA ARG A 239 -63.93 2.04 -32.60
C ARG A 239 -64.36 2.41 -31.18
N GLN A 240 -65.04 1.48 -30.55
CA GLN A 240 -65.55 1.72 -29.20
C GLN A 240 -64.39 2.16 -28.29
N GLU A 241 -63.26 1.46 -28.42
CA GLU A 241 -62.09 1.72 -27.57
C GLU A 241 -61.54 3.13 -27.77
N ILE A 242 -61.38 3.53 -29.01
CA ILE A 242 -60.86 4.88 -29.30
C ILE A 242 -61.87 5.94 -28.82
N ILE A 243 -63.14 5.66 -29.02
CA ILE A 243 -64.19 6.57 -28.55
C ILE A 243 -64.06 6.74 -27.03
N GLU A 244 -64.07 5.63 -26.33
CA GLU A 244 -63.94 5.63 -24.87
C GLU A 244 -62.65 6.34 -24.43
N PHE A 245 -61.58 6.04 -25.14
CA PHE A 245 -60.27 6.63 -24.83
C PHE A 245 -60.29 8.15 -24.97
N CYS A 246 -60.86 8.61 -26.07
CA CYS A 246 -60.96 10.06 -26.35
C CYS A 246 -61.84 10.72 -25.31
N ASN A 247 -62.97 10.10 -25.07
CA ASN A 247 -63.91 10.59 -24.03
C ASN A 247 -63.14 10.78 -22.72
N TYR A 248 -62.45 9.74 -22.31
CA TYR A 248 -61.71 9.75 -21.04
C TYR A 248 -60.75 10.95 -20.93
N TYR A 249 -60.01 11.17 -21.98
CA TYR A 249 -58.97 12.22 -21.98
C TYR A 249 -59.40 13.54 -22.59
N SER A 250 -60.70 13.69 -22.73
CA SER A 250 -61.27 14.95 -23.26
C SER A 250 -60.63 15.32 -24.61
N ILE A 251 -60.64 14.36 -25.51
CA ILE A 251 -60.23 14.60 -26.89
C ILE A 251 -61.48 14.71 -27.76
N GLU A 252 -61.72 15.90 -28.29
CA GLU A 252 -62.92 16.15 -29.10
C GLU A 252 -62.98 15.22 -30.33
N ILE A 253 -64.15 14.65 -30.56
CA ILE A 253 -64.40 13.74 -31.68
C ILE A 253 -65.29 14.42 -32.70
N ILE A 254 -64.75 14.60 -33.90
CA ILE A 254 -65.45 15.27 -35.00
C ILE A 254 -66.03 14.31 -36.03
N ASN A 255 -67.32 14.43 -36.27
CA ASN A 255 -68.03 13.59 -37.27
C ASN A 255 -68.10 12.10 -36.91
N GLY A 256 -67.65 11.78 -35.71
CA GLY A 256 -67.59 10.38 -35.28
C GLY A 256 -66.66 9.55 -36.15
N ASP A 257 -65.74 10.24 -36.82
CA ASP A 257 -64.75 9.61 -37.69
C ASP A 257 -63.34 9.94 -37.28
N ALA A 258 -63.18 11.05 -36.59
CA ALA A 258 -61.83 11.60 -36.33
C ALA A 258 -61.73 12.28 -34.97
N ALA A 259 -60.50 12.48 -34.54
CA ALA A 259 -60.20 13.12 -33.25
C ALA A 259 -59.31 14.32 -33.48
N ASP A 260 -59.72 15.46 -32.93
CA ASP A 260 -58.93 16.70 -33.04
C ASP A 260 -57.91 16.75 -31.91
N LEU A 261 -56.70 16.36 -32.23
CA LEU A 261 -55.66 16.11 -31.21
C LEU A 261 -55.15 17.37 -30.51
N LYS A 262 -55.51 18.53 -31.02
CA LYS A 262 -55.05 19.78 -30.42
C LYS A 262 -55.82 20.04 -29.11
N THR A 263 -56.91 19.31 -28.95
CA THR A 263 -57.77 19.42 -27.76
C THR A 263 -57.23 18.60 -26.60
N LEU A 264 -56.26 17.75 -26.90
CA LEU A 264 -55.61 16.91 -25.88
C LEU A 264 -54.70 17.78 -25.01
N GLN A 265 -55.24 18.23 -23.90
CA GLN A 265 -54.54 19.14 -23.00
C GLN A 265 -54.46 18.63 -21.57
N HIS A 266 -53.54 17.72 -21.34
CA HIS A 266 -53.33 17.11 -20.02
C HIS A 266 -51.86 17.09 -19.58
N TYR A 267 -51.62 17.69 -18.43
CA TYR A 267 -50.30 17.69 -17.77
C TYR A 267 -49.72 16.28 -17.82
N SER A 268 -50.51 15.33 -17.34
CA SER A 268 -50.10 13.93 -17.18
C SER A 268 -51.17 12.96 -17.66
N HIS A 269 -50.78 11.72 -17.79
CA HIS A 269 -51.71 10.62 -18.19
C HIS A 269 -52.62 10.27 -17.03
N LYS A 270 -52.19 10.65 -15.84
CA LYS A 270 -52.99 10.42 -14.63
C LYS A 270 -53.85 11.65 -14.40
N LEU A 271 -55.14 11.43 -14.38
CA LEU A 271 -56.12 12.51 -14.17
C LEU A 271 -56.43 12.67 -12.68
N SER A 272 -56.48 13.92 -12.26
CA SER A 272 -56.52 14.25 -10.82
C SER A 272 -57.88 14.00 -10.16
N GLU A 273 -58.93 14.20 -10.92
CA GLU A 273 -60.29 14.08 -10.35
C GLU A 273 -61.07 12.89 -10.90
N THR A 274 -60.35 11.96 -11.49
CA THR A 274 -60.96 10.76 -12.06
C THR A 274 -60.18 9.50 -11.71
N GLN A 275 -60.90 8.40 -11.60
CA GLN A 275 -60.25 7.09 -11.39
C GLN A 275 -59.70 6.60 -12.74
N PRO A 276 -58.61 5.83 -12.71
CA PRO A 276 -57.93 5.41 -13.92
C PRO A 276 -58.85 4.69 -14.92
N LEU A 277 -58.61 4.96 -16.19
CA LEU A 277 -59.30 4.27 -17.28
C LEU A 277 -59.05 2.76 -17.12
N LYS A 278 -60.09 1.97 -17.28
CA LYS A 278 -59.99 0.53 -17.05
C LYS A 278 -58.94 -0.11 -17.95
N LYS A 279 -58.27 -1.12 -17.41
CA LYS A 279 -57.26 -1.87 -18.16
C LYS A 279 -57.92 -2.53 -19.39
N THR A 280 -57.10 -2.76 -20.40
CA THR A 280 -57.57 -3.34 -21.65
C THR A 280 -56.64 -4.48 -22.10
N TYR A 281 -56.87 -4.98 -23.29
CA TYR A 281 -56.04 -6.02 -23.85
C TYR A 281 -55.91 -5.89 -25.37
N LEU A 282 -55.15 -6.79 -25.96
CA LEU A 282 -54.98 -6.83 -27.42
C LEU A 282 -55.58 -8.11 -27.99
N THR A 283 -56.31 -7.97 -29.07
CA THR A 283 -56.99 -9.10 -29.72
C THR A 283 -56.04 -10.23 -30.07
N CYS A 284 -54.88 -9.89 -30.61
CA CYS A 284 -53.93 -10.90 -31.10
C CYS A 284 -53.56 -11.86 -29.96
N LEU A 285 -53.26 -11.28 -28.80
CA LEU A 285 -52.86 -12.08 -27.64
C LEU A 285 -54.01 -12.98 -27.16
N GLU A 286 -55.22 -12.45 -27.22
CA GLU A 286 -56.45 -13.23 -26.91
C GLU A 286 -56.56 -14.43 -27.85
N ARG A 287 -56.44 -14.11 -29.12
CA ARG A 287 -56.52 -15.11 -30.19
C ARG A 287 -55.46 -16.21 -29.98
N ARG A 288 -54.27 -15.77 -29.64
CA ARG A 288 -53.17 -16.69 -29.35
C ARG A 288 -53.52 -17.56 -28.15
N LEU A 289 -54.04 -16.92 -27.12
CA LEU A 289 -54.46 -17.64 -25.91
C LEU A 289 -55.45 -18.75 -26.26
N GLN A 290 -56.45 -18.39 -27.03
CA GLN A 290 -57.51 -19.33 -27.43
C GLN A 290 -56.99 -20.55 -28.21
N LYS A 291 -55.82 -20.43 -28.77
CA LYS A 291 -55.23 -21.51 -29.58
C LYS A 291 -54.27 -22.41 -28.81
N THR A 292 -54.16 -22.16 -27.51
CA THR A 292 -53.31 -22.99 -26.64
C THR A 292 -54.04 -23.36 -25.37
N THR A 293 -53.41 -24.17 -24.55
CA THR A 293 -53.99 -24.59 -23.26
C THR A 293 -53.36 -23.83 -22.08
N TYR A 294 -54.18 -23.51 -21.08
CA TYR A 294 -53.69 -22.92 -19.83
C TYR A 294 -52.54 -23.73 -19.22
N LYS A 295 -52.77 -25.04 -19.18
CA LYS A 295 -51.80 -26.00 -18.64
C LYS A 295 -50.46 -25.86 -19.35
N GLY A 296 -50.54 -25.76 -20.66
CA GLY A 296 -49.34 -25.65 -21.50
C GLY A 296 -48.55 -24.41 -21.14
N LEU A 297 -49.25 -23.29 -21.03
CA LEU A 297 -48.63 -22.03 -20.69
C LEU A 297 -47.96 -22.10 -19.31
N ILE A 298 -48.70 -22.53 -18.31
CA ILE A 298 -48.20 -22.53 -16.93
C ILE A 298 -47.05 -23.52 -16.72
N ASN A 299 -47.05 -24.59 -17.46
CA ASN A 299 -46.02 -25.63 -17.29
C ASN A 299 -44.84 -25.49 -18.24
N GLY A 300 -44.78 -24.36 -18.93
CA GLY A 300 -43.83 -24.17 -20.04
C GLY A 300 -42.40 -23.81 -19.60
N GLY A 301 -41.78 -24.71 -18.86
CA GLY A 301 -40.40 -24.51 -18.38
C GLY A 301 -39.68 -25.82 -18.11
N GLU A 302 -38.43 -25.70 -17.68
CA GLU A 302 -37.60 -26.86 -17.32
C GLU A 302 -37.98 -27.36 -15.92
N ASP A 303 -37.57 -28.58 -15.64
CA ASP A 303 -37.88 -29.21 -14.33
C ASP A 303 -36.82 -28.88 -13.29
N ASN A 304 -37.26 -28.78 -12.06
CA ASN A 304 -36.37 -28.48 -10.91
C ASN A 304 -36.11 -29.70 -10.02
N ASP B 2 8.10 -8.25 30.81
CA ASP B 2 6.64 -8.43 30.61
C ASP B 2 6.15 -7.52 29.50
N MET B 3 5.47 -8.12 28.54
CA MET B 3 4.98 -7.40 27.34
C MET B 3 3.56 -6.84 27.54
N ALA B 4 2.70 -7.70 28.04
CA ALA B 4 1.28 -7.35 28.26
C ALA B 4 1.12 -5.98 28.93
N ASN B 5 1.71 -5.86 30.10
CA ASN B 5 1.60 -4.62 30.90
C ASN B 5 2.16 -3.39 30.18
N GLN B 6 3.25 -3.61 29.46
CA GLN B 6 3.87 -2.54 28.67
C GLN B 6 2.87 -1.99 27.66
N LEU B 7 2.26 -2.92 26.94
CA LEU B 7 1.21 -2.59 25.97
C LEU B 7 0.07 -1.85 26.67
N LEU B 8 -0.52 -2.51 27.65
CA LEU B 8 -1.63 -1.92 28.41
C LEU B 8 -1.30 -0.52 28.89
N ASP B 9 -0.04 -0.31 29.25
CA ASP B 9 0.44 1.04 29.62
C ASP B 9 0.37 1.97 28.41
N GLU B 10 1.00 1.55 27.33
CA GLU B 10 0.99 2.33 26.07
C GLU B 10 -0.42 2.75 25.69
N LEU B 11 -1.33 1.79 25.75
CA LEU B 11 -2.74 2.03 25.41
C LEU B 11 -3.38 2.97 26.40
N ALA B 12 -3.22 2.65 27.67
CA ALA B 12 -3.78 3.47 28.77
C ALA B 12 -3.41 4.94 28.56
N HIS B 13 -2.15 5.17 28.32
CA HIS B 13 -1.63 6.54 28.11
C HIS B 13 -2.07 7.10 26.76
N GLY B 14 -2.42 6.21 25.86
CA GLY B 14 -3.01 6.59 24.57
C GLY B 14 -2.03 6.75 23.44
N ASN B 15 -0.87 6.11 23.59
CA ASN B 15 0.16 6.13 22.53
C ASN B 15 -0.32 5.36 21.29
N PHE B 16 -0.80 4.15 21.52
CA PHE B 16 -1.38 3.32 20.45
C PHE B 16 -0.40 3.03 19.32
N SER B 17 0.88 2.96 19.67
CA SER B 17 1.93 2.71 18.66
C SER B 17 1.86 1.28 18.13
N HIS B 18 1.49 0.36 18.99
CA HIS B 18 1.45 -1.06 18.65
C HIS B 18 0.03 -1.63 18.62
N LEU B 19 -0.95 -0.76 18.61
CA LEU B 19 -2.35 -1.18 18.51
C LEU B 19 -2.76 -1.26 17.04
N THR B 20 -2.52 -2.42 16.45
CA THR B 20 -2.75 -2.62 15.02
C THR B 20 -2.99 -4.10 14.70
N LEU B 21 -3.65 -4.34 13.60
CA LEU B 21 -3.92 -5.72 13.14
C LEU B 21 -2.87 -6.19 12.13
N ASN B 22 -2.36 -5.23 11.39
CA ASN B 22 -1.32 -5.49 10.39
C ASN B 22 -0.09 -6.08 11.04
N LEU B 23 0.31 -7.25 10.59
CA LEU B 23 1.44 -7.99 11.19
C LEU B 23 2.77 -7.79 10.47
N SER B 24 2.75 -6.95 9.43
CA SER B 24 4.02 -6.53 8.78
C SER B 24 4.85 -5.81 9.84
N GLN B 25 4.27 -4.76 10.38
CA GLN B 25 4.82 -4.01 11.51
C GLN B 25 4.09 -4.43 12.76
N ASN B 26 4.83 -4.64 13.83
CA ASN B 26 4.22 -5.04 15.11
C ASN B 26 3.98 -6.54 15.20
N GLY B 27 4.47 -7.27 14.23
CA GLY B 27 4.35 -8.73 14.24
C GLY B 27 5.07 -9.38 15.42
N ARG B 28 6.26 -8.90 15.71
CA ARG B 28 7.08 -9.46 16.82
C ARG B 28 6.45 -9.33 18.20
N GLU B 29 5.90 -8.16 18.45
CA GLU B 29 5.26 -7.90 19.75
C GLU B 29 4.09 -8.86 19.91
N ILE B 30 3.35 -8.99 18.84
CA ILE B 30 2.17 -9.84 18.84
C ILE B 30 2.58 -11.28 19.11
N ALA B 31 3.66 -11.67 18.47
CA ALA B 31 4.20 -13.04 18.63
C ALA B 31 4.52 -13.30 20.10
N ILE B 32 5.15 -12.32 20.70
CA ILE B 32 5.49 -12.42 22.13
C ILE B 32 4.27 -12.47 23.08
N LEU B 33 3.29 -11.65 22.80
CA LEU B 33 2.11 -11.51 23.71
C LEU B 33 1.26 -12.76 23.89
N GLN B 34 1.00 -13.41 22.77
CA GLN B 34 0.15 -14.59 22.72
C GLN B 34 0.59 -15.63 23.77
N LYS B 35 1.89 -15.89 23.77
CA LYS B 35 2.47 -16.89 24.68
C LYS B 35 2.28 -16.50 26.16
N GLN B 36 2.57 -15.25 26.47
CA GLN B 36 2.35 -14.80 27.84
C GLN B 36 0.85 -14.94 28.06
N LEU B 37 0.15 -14.52 27.02
CA LEU B 37 -1.31 -14.54 26.94
C LEU B 37 -1.87 -15.96 26.94
N THR B 38 -1.13 -16.86 26.30
CA THR B 38 -1.61 -18.23 26.09
C THR B 38 -1.94 -18.94 27.40
N GLY B 39 -1.09 -18.76 28.38
CA GLY B 39 -1.33 -19.38 29.68
C GLY B 39 -2.63 -18.88 30.29
N PHE B 40 -2.84 -17.58 30.17
CA PHE B 40 -4.03 -16.91 30.74
C PHE B 40 -5.35 -17.33 30.10
N ASP B 41 -6.34 -17.53 30.95
CA ASP B 41 -7.70 -17.88 30.52
C ASP B 41 -8.32 -16.65 29.86
N ASP B 42 -9.20 -16.87 28.93
CA ASP B 42 -9.85 -15.76 28.22
C ASP B 42 -10.65 -14.88 29.20
N LYS B 43 -11.35 -15.54 30.09
CA LYS B 43 -12.14 -14.84 31.12
C LYS B 43 -11.27 -14.03 32.07
N GLN B 44 -10.15 -14.63 32.45
CA GLN B 44 -9.20 -14.01 33.40
C GLN B 44 -8.59 -12.71 32.89
N LEU B 45 -8.25 -12.70 31.63
CA LEU B 45 -7.58 -11.55 31.00
C LEU B 45 -8.41 -10.26 31.03
N GLU B 46 -9.70 -10.39 30.81
CA GLU B 46 -10.55 -9.20 30.75
C GLU B 46 -10.52 -8.39 32.05
N THR B 47 -10.61 -9.08 33.16
CA THR B 47 -10.55 -8.40 34.46
C THR B 47 -9.17 -7.76 34.55
N PHE B 48 -8.20 -8.55 34.12
CA PHE B 48 -6.79 -8.14 34.03
C PHE B 48 -6.71 -6.73 33.46
N VAL B 49 -7.28 -6.57 32.28
CA VAL B 49 -7.32 -5.25 31.63
C VAL B 49 -7.90 -4.21 32.58
N GLU B 50 -9.03 -4.56 33.18
CA GLU B 50 -9.71 -3.63 34.10
C GLU B 50 -8.83 -3.29 35.29
N GLN B 51 -8.26 -4.32 35.89
CA GLN B 51 -7.41 -4.15 37.08
C GLN B 51 -6.18 -3.27 36.80
N HIS B 52 -5.83 -3.14 35.54
CA HIS B 52 -4.62 -2.40 35.15
C HIS B 52 -4.76 -0.91 35.50
N PRO B 53 -3.67 -0.29 35.99
CA PRO B 53 -3.69 1.13 36.36
C PRO B 53 -3.62 2.06 35.17
N ALA B 54 -4.11 3.28 35.37
CA ALA B 54 -4.10 4.34 34.34
C ALA B 54 -5.19 4.11 33.27
N MET B 55 -5.99 3.09 33.49
CA MET B 55 -7.07 2.74 32.55
C MET B 55 -8.27 3.67 32.73
N PRO B 56 -8.66 4.37 31.65
CA PRO B 56 -9.87 5.19 31.66
C PRO B 56 -11.08 4.42 32.17
N ASN B 57 -11.96 5.12 32.87
CA ASN B 57 -13.20 4.50 33.41
C ASN B 57 -14.30 4.47 32.35
N ASP B 58 -14.02 3.75 31.27
CA ASP B 58 -14.98 3.59 30.17
C ASP B 58 -15.11 2.12 29.80
N THR B 59 -16.33 1.64 29.80
CA THR B 59 -16.63 0.23 29.48
C THR B 59 -16.11 -0.14 28.06
N ARG B 60 -16.39 0.72 27.12
CA ARG B 60 -16.02 0.48 25.71
C ARG B 60 -14.51 0.32 25.52
N PHE B 61 -13.76 1.24 26.09
CA PHE B 61 -12.29 1.22 25.99
C PHE B 61 -11.75 -0.11 26.51
N LYS B 62 -12.23 -0.48 27.68
CA LYS B 62 -11.83 -1.75 28.31
C LYS B 62 -12.18 -2.94 27.40
N ILE B 63 -13.42 -2.95 26.94
CA ILE B 63 -13.88 -3.99 26.00
C ILE B 63 -12.95 -4.08 24.78
N MET B 64 -12.60 -2.92 24.26
CA MET B 64 -11.71 -2.84 23.09
C MET B 64 -10.33 -3.46 23.40
N CYS B 65 -9.75 -3.02 24.49
CA CYS B 65 -8.45 -3.56 24.94
C CYS B 65 -8.48 -5.08 25.12
N THR B 66 -9.47 -5.54 25.85
CA THR B 66 -9.66 -6.99 26.06
C THR B 66 -9.78 -7.71 24.72
N SER B 67 -10.54 -7.10 23.82
CA SER B 67 -10.69 -7.62 22.47
C SER B 67 -9.32 -7.79 21.79
N PHE B 68 -8.53 -6.73 21.84
CA PHE B 68 -7.18 -6.75 21.25
C PHE B 68 -6.32 -7.86 21.86
N LEU B 69 -6.37 -7.96 23.18
CA LEU B 69 -5.66 -9.05 23.88
C LEU B 69 -6.09 -10.41 23.33
N ASN B 70 -7.40 -10.60 23.27
CA ASN B 70 -7.96 -11.82 22.67
C ASN B 70 -7.34 -12.09 21.29
N TYR B 71 -7.34 -11.05 20.48
CA TYR B 71 -6.72 -11.12 19.14
C TYR B 71 -5.28 -11.63 19.23
N ALA B 72 -4.50 -10.95 20.06
CA ALA B 72 -3.08 -11.29 20.24
C ALA B 72 -2.91 -12.75 20.72
N ARG B 73 -3.82 -13.17 21.57
CA ARG B 73 -3.76 -14.52 22.13
C ARG B 73 -4.13 -15.60 21.11
N ASP B 74 -5.21 -15.38 20.38
CA ASP B 74 -5.75 -16.41 19.49
C ASP B 74 -5.29 -16.33 18.02
N VAL B 75 -4.78 -15.19 17.63
CA VAL B 75 -4.49 -14.94 16.19
C VAL B 75 -3.59 -16.02 15.60
N ASP B 76 -3.94 -16.45 14.40
CA ASP B 76 -3.10 -17.40 13.64
C ASP B 76 -2.47 -16.66 12.48
N PRO B 77 -1.14 -16.44 12.55
CA PRO B 77 -0.44 -15.68 11.51
C PRO B 77 -0.52 -16.31 10.14
N TRP B 78 -0.60 -17.62 10.12
CA TRP B 78 -0.56 -18.39 8.87
C TRP B 78 -1.77 -18.09 7.97
N SER B 79 -2.83 -17.60 8.59
CA SER B 79 -4.10 -17.36 7.86
C SER B 79 -4.91 -16.22 8.43
N ALA B 80 -5.22 -15.27 7.58
CA ALA B 80 -6.09 -14.14 7.99
C ALA B 80 -7.54 -14.62 8.11
N TRP B 81 -7.90 -15.59 7.29
CA TRP B 81 -9.26 -16.16 7.31
C TRP B 81 -9.53 -16.89 8.62
N SER B 82 -8.60 -17.75 8.98
CA SER B 82 -8.73 -18.58 10.20
C SER B 82 -8.89 -17.74 11.46
N SER B 83 -8.51 -16.49 11.35
CA SER B 83 -8.56 -15.56 12.49
C SER B 83 -9.36 -14.31 12.18
N SER B 84 -10.29 -14.45 11.24
CA SER B 84 -11.15 -13.32 10.79
C SER B 84 -12.08 -12.85 11.90
N ASP B 85 -12.65 -13.79 12.62
CA ASP B 85 -13.57 -13.49 13.72
C ASP B 85 -12.94 -12.51 14.70
N LEU B 86 -11.75 -12.86 15.14
CA LEU B 86 -10.98 -12.03 16.08
C LEU B 86 -10.80 -10.61 15.51
N ILE B 87 -10.36 -10.59 14.27
CA ILE B 87 -10.08 -9.33 13.54
C ILE B 87 -11.31 -8.41 13.49
N PHE B 88 -12.41 -8.98 13.04
CA PHE B 88 -13.66 -8.22 12.89
C PHE B 88 -14.25 -7.79 14.22
N GLU B 89 -14.26 -8.70 15.17
CA GLU B 89 -14.73 -8.37 16.53
C GLU B 89 -13.92 -7.17 17.04
N PHE B 90 -12.62 -7.29 16.99
CA PHE B 90 -11.74 -6.20 17.41
C PHE B 90 -12.14 -4.90 16.69
N TYR B 91 -12.08 -4.95 15.39
CA TYR B 91 -12.40 -3.76 14.57
C TYR B 91 -13.73 -3.11 15.02
N GLN B 92 -14.75 -3.94 15.17
CA GLN B 92 -16.04 -3.49 15.71
C GLN B 92 -15.79 -2.66 16.98
N CYS B 93 -15.20 -3.32 17.96
CA CYS B 93 -14.91 -2.68 19.25
C CYS B 93 -14.19 -1.35 19.06
N LEU B 94 -13.16 -1.36 18.23
CA LEU B 94 -12.38 -0.15 17.92
C LEU B 94 -13.29 0.96 17.44
N ILE B 95 -14.05 0.67 16.40
CA ILE B 95 -14.91 1.68 15.78
C ILE B 95 -15.93 2.25 16.77
N ASN B 96 -16.61 1.41 17.53
CA ASN B 96 -17.58 1.96 18.50
C ASN B 96 -16.93 2.49 19.77
N CYS B 97 -15.65 2.75 19.71
CA CYS B 97 -14.93 3.56 20.73
C CYS B 97 -14.86 5.02 20.29
N LEU B 98 -15.40 5.28 19.12
CA LEU B 98 -15.39 6.63 18.52
C LEU B 98 -16.77 7.25 18.46
N ILE B 99 -17.77 6.48 18.84
CA ILE B 99 -19.17 6.95 18.82
C ILE B 99 -19.34 8.19 19.72
N ASN B 100 -19.09 7.99 21.00
CA ASN B 100 -19.12 9.07 21.98
C ASN B 100 -18.10 10.14 21.60
N ASP B 101 -18.58 11.34 21.37
CA ASP B 101 -17.73 12.45 20.86
C ASP B 101 -16.61 12.85 21.83
N ASN B 102 -16.88 12.72 23.11
CA ASN B 102 -15.87 13.00 24.16
C ASN B 102 -15.32 11.73 24.79
N ALA B 103 -15.22 10.69 23.98
CA ALA B 103 -14.68 9.39 24.45
C ALA B 103 -13.17 9.52 24.68
N PRO B 104 -12.61 8.66 25.54
CA PRO B 104 -11.19 8.72 25.87
C PRO B 104 -10.25 8.54 24.68
N HIS B 105 -9.36 9.50 24.51
CA HIS B 105 -8.27 9.44 23.52
C HIS B 105 -8.75 9.47 22.07
N ILE B 106 -10.01 9.81 21.88
CA ILE B 106 -10.59 9.85 20.52
C ILE B 106 -9.60 10.41 19.49
N GLU B 107 -9.02 11.54 19.83
CA GLU B 107 -8.18 12.29 18.88
C GLU B 107 -6.98 11.48 18.42
N MET B 108 -6.42 10.72 19.35
CA MET B 108 -5.29 9.83 19.06
C MET B 108 -5.78 8.46 18.60
N LEU B 109 -7.08 8.30 18.61
CA LEU B 109 -7.71 7.01 18.26
C LEU B 109 -8.22 6.98 16.83
N ILE B 110 -8.61 8.15 16.36
CA ILE B 110 -9.13 8.30 15.00
C ILE B 110 -8.08 7.88 13.96
N PRO B 111 -6.81 8.23 14.18
CA PRO B 111 -5.80 7.94 13.18
C PRO B 111 -5.53 6.44 13.09
N VAL B 112 -5.69 5.80 14.22
CA VAL B 112 -5.59 4.34 14.32
C VAL B 112 -6.73 3.69 13.55
N ALA B 113 -7.91 4.24 13.70
CA ALA B 113 -9.13 3.69 13.05
C ALA B 113 -9.02 3.76 11.52
N THR B 114 -8.45 4.83 11.02
CA THR B 114 -8.35 5.04 9.56
C THR B 114 -7.39 4.02 8.94
N ARG B 115 -6.28 3.81 9.62
CA ARG B 115 -5.24 2.87 9.16
C ARG B 115 -5.71 1.41 9.21
N GLU B 116 -6.40 1.07 10.29
CA GLU B 116 -6.97 -0.28 10.48
C GLU B 116 -8.13 -0.53 9.50
N THR B 117 -8.89 0.51 9.25
CA THR B 117 -9.99 0.43 8.29
C THR B 117 -9.53 -0.05 6.92
N GLU B 118 -8.44 0.53 6.46
CA GLU B 118 -7.90 0.19 5.14
C GLU B 118 -7.50 -1.27 5.09
N PHE B 119 -6.98 -1.73 6.20
CA PHE B 119 -6.52 -3.11 6.33
C PHE B 119 -7.70 -4.07 6.32
N ILE B 120 -8.74 -3.71 7.04
CA ILE B 120 -9.90 -4.60 7.21
C ILE B 120 -10.78 -4.64 5.97
N ILE B 121 -10.81 -3.54 5.26
CA ILE B 121 -11.54 -3.46 3.99
C ILE B 121 -10.90 -4.39 2.98
N ASN B 122 -9.60 -4.24 2.84
CA ASN B 122 -8.83 -5.10 1.90
C ASN B 122 -9.08 -6.59 2.20
N LEU B 123 -9.03 -6.93 3.48
CA LEU B 123 -9.21 -8.31 3.90
C LEU B 123 -10.63 -8.77 3.54
N ALA B 124 -11.60 -8.00 3.98
CA ALA B 124 -13.01 -8.28 3.69
C ALA B 124 -13.23 -8.50 2.19
N GLY B 125 -12.74 -7.55 1.42
CA GLY B 125 -12.82 -7.64 -0.04
C GLY B 125 -12.27 -8.95 -0.57
N LYS B 126 -11.03 -9.22 -0.19
CA LYS B 126 -10.34 -10.46 -0.60
C LYS B 126 -11.20 -11.70 -0.29
N LEU B 127 -11.65 -11.78 0.95
CA LEU B 127 -12.43 -12.91 1.43
C LEU B 127 -13.69 -13.11 0.59
N ASP B 128 -14.40 -12.01 0.38
CA ASP B 128 -15.65 -12.05 -0.39
C ASP B 128 -15.45 -12.58 -1.81
N SER B 129 -14.34 -12.19 -2.41
CA SER B 129 -14.03 -12.60 -3.79
C SER B 129 -13.93 -14.11 -3.92
N PHE B 130 -13.51 -14.74 -2.84
CA PHE B 130 -13.37 -16.20 -2.81
C PHE B 130 -14.40 -16.83 -1.89
N HIS B 131 -15.59 -16.29 -1.94
CA HIS B 131 -16.68 -16.72 -1.02
C HIS B 131 -17.12 -18.13 -1.35
N LEU B 132 -17.12 -18.42 -2.64
CA LEU B 132 -17.55 -19.75 -3.13
C LEU B 132 -16.63 -20.83 -2.56
N GLN B 133 -15.35 -20.53 -2.60
CA GLN B 133 -14.31 -21.46 -2.12
C GLN B 133 -14.29 -21.54 -0.59
N LEU B 134 -14.55 -20.41 0.05
CA LEU B 134 -14.56 -20.33 1.52
C LEU B 134 -15.91 -20.74 2.11
N HIS B 135 -16.85 -21.00 1.22
CA HIS B 135 -18.24 -21.35 1.61
C HIS B 135 -18.83 -20.27 2.53
N THR B 136 -18.59 -19.02 2.18
CA THR B 136 -19.14 -17.87 2.90
C THR B 136 -20.16 -17.15 2.01
N ARG B 137 -21.11 -16.48 2.65
CA ARG B 137 -22.15 -15.72 1.91
C ARG B 137 -21.53 -14.63 1.06
N SER B 138 -22.19 -14.31 -0.03
CA SER B 138 -21.73 -13.27 -0.95
C SER B 138 -21.70 -11.91 -0.24
N HIS B 139 -20.60 -11.20 -0.43
CA HIS B 139 -20.40 -9.87 0.18
C HIS B 139 -20.64 -9.86 1.70
N GLN B 140 -20.40 -10.99 2.33
CA GLN B 140 -20.71 -11.14 3.77
C GLN B 140 -19.94 -10.15 4.66
N PHE B 141 -18.67 -9.95 4.33
CA PHE B 141 -17.77 -9.19 5.20
C PHE B 141 -17.81 -7.68 4.94
N LEU B 142 -17.66 -7.32 3.69
CA LEU B 142 -17.74 -5.90 3.29
C LEU B 142 -19.05 -5.28 3.79
N SER B 143 -20.10 -6.07 3.72
CA SER B 143 -21.42 -5.67 4.25
C SER B 143 -21.33 -5.30 5.74
N HIS B 144 -20.77 -6.20 6.51
CA HIS B 144 -20.55 -6.00 7.96
C HIS B 144 -19.77 -4.69 8.20
N ILE B 145 -18.69 -4.57 7.46
CA ILE B 145 -17.87 -3.36 7.53
C ILE B 145 -18.74 -2.12 7.30
N SER B 146 -19.46 -2.14 6.19
CA SER B 146 -20.32 -1.01 5.80
C SER B 146 -21.31 -0.65 6.92
N SER B 147 -21.92 -1.68 7.48
CA SER B 147 -22.84 -1.48 8.64
C SER B 147 -22.13 -0.72 9.77
N ILE B 148 -20.99 -1.26 10.18
CA ILE B 148 -20.15 -0.62 11.23
C ILE B 148 -19.86 0.86 10.90
N LEU B 149 -19.31 1.06 9.72
CA LEU B 149 -18.94 2.40 9.26
C LEU B 149 -20.15 3.32 9.17
N SER B 150 -21.29 2.74 8.84
CA SER B 150 -22.53 3.54 8.73
C SER B 150 -22.94 4.01 10.13
N ARG B 151 -22.88 3.12 11.09
CA ARG B 151 -23.13 3.50 12.49
C ARG B 151 -22.20 4.65 12.88
N LEU B 152 -20.93 4.47 12.59
CA LEU B 152 -19.93 5.53 12.83
C LEU B 152 -20.37 6.84 12.14
N PHE B 153 -20.78 6.73 10.90
CA PHE B 153 -21.22 7.89 10.12
C PHE B 153 -22.38 8.59 10.82
N ASN B 154 -23.31 7.79 11.33
CA ASN B 154 -24.44 8.31 12.10
C ASN B 154 -23.97 9.08 13.33
N SER B 155 -23.03 8.49 14.04
CA SER B 155 -22.51 9.11 15.28
C SER B 155 -21.94 10.54 15.12
N ILE B 156 -21.67 10.92 13.89
CA ILE B 156 -21.01 12.22 13.60
C ILE B 156 -21.98 13.40 13.51
N LYS B 157 -21.65 14.47 14.22
CA LYS B 157 -22.44 15.71 14.23
C LYS B 157 -21.54 16.92 14.45
N PRO B 158 -21.86 18.05 13.79
CA PRO B 158 -21.05 19.27 13.90
C PRO B 158 -20.95 19.85 15.32
N PRO B 159 -22.09 19.99 16.02
CA PRO B 159 -22.07 20.66 17.32
C PRO B 159 -21.13 20.02 18.31
N SER B 164 -12.72 27.74 21.25
CA SER B 164 -12.39 28.44 20.02
C SER B 164 -13.01 27.76 18.80
N SER B 165 -12.80 28.38 17.66
CA SER B 165 -13.29 27.87 16.37
C SER B 165 -12.14 27.61 15.40
N THR B 166 -10.99 27.28 15.98
CA THR B 166 -9.73 27.18 15.20
C THR B 166 -9.46 25.77 14.67
N ASN B 167 -9.75 24.78 15.49
CA ASN B 167 -9.42 23.38 15.16
C ASN B 167 -10.65 22.47 15.13
N ILE B 168 -10.77 21.75 14.03
CA ILE B 168 -11.87 20.79 13.81
C ILE B 168 -11.61 19.50 14.58
N PRO B 169 -12.67 18.88 15.10
CA PRO B 169 -12.55 17.63 15.81
C PRO B 169 -12.09 16.55 14.85
N GLY B 170 -11.47 15.52 15.37
CA GLY B 170 -10.90 14.45 14.53
C GLY B 170 -11.93 13.76 13.66
N LYS B 171 -13.09 13.52 14.24
CA LYS B 171 -14.18 12.85 13.51
C LYS B 171 -14.57 13.68 12.28
N GLN B 172 -14.61 14.98 12.48
CA GLN B 172 -14.98 15.91 11.40
C GLN B 172 -13.97 15.85 10.26
N ARG B 173 -12.71 15.79 10.63
CA ARG B 173 -11.62 15.73 9.63
C ARG B 173 -11.72 14.47 8.77
N ILE B 174 -12.08 13.37 9.40
CA ILE B 174 -12.18 12.09 8.66
C ILE B 174 -13.53 11.85 8.01
N LEU B 175 -14.47 12.73 8.23
CA LEU B 175 -15.85 12.52 7.71
C LEU B 175 -15.95 12.27 6.20
N LEU B 176 -15.26 13.07 5.42
CA LEU B 176 -15.29 12.91 3.96
C LEU B 176 -14.67 11.57 3.55
N TYR B 177 -13.60 11.22 4.24
CA TYR B 177 -12.86 9.98 4.00
C TYR B 177 -13.77 8.77 4.22
N LEU B 178 -14.55 8.88 5.28
CA LEU B 178 -15.53 7.87 5.68
C LEU B 178 -16.64 7.73 4.62
N VAL B 179 -17.13 8.85 4.17
CA VAL B 179 -18.16 8.89 3.10
C VAL B 179 -17.69 8.06 1.91
N ASN B 180 -16.58 8.48 1.34
CA ASN B 180 -16.05 7.82 0.15
C ASN B 180 -15.78 6.31 0.36
N LYS B 181 -15.20 5.99 1.50
CA LYS B 181 -14.96 4.59 1.87
C LYS B 181 -16.28 3.81 1.82
N LEU B 182 -17.22 4.31 2.58
CA LEU B 182 -18.56 3.69 2.69
C LEU B 182 -19.21 3.50 1.33
N ASN B 183 -19.25 4.57 0.56
CA ASN B 183 -19.85 4.53 -0.80
C ASN B 183 -19.13 3.52 -1.72
N ASN B 184 -17.83 3.55 -1.69
CA ASN B 184 -17.04 2.56 -2.46
C ASN B 184 -17.45 1.15 -2.07
N ILE B 185 -17.55 0.92 -0.77
CA ILE B 185 -18.05 -0.37 -0.27
C ILE B 185 -19.42 -0.69 -0.87
N TYR B 186 -20.30 0.29 -0.81
CA TYR B 186 -21.66 0.13 -1.38
C TYR B 186 -21.64 -0.29 -2.86
N PHE B 187 -20.83 0.39 -3.64
CA PHE B 187 -20.65 0.00 -5.05
C PHE B 187 -19.99 -1.39 -5.15
N ARG B 188 -19.10 -1.70 -4.24
CA ARG B 188 -18.39 -2.99 -4.22
C ARG B 188 -19.39 -4.13 -3.98
N ILE B 189 -20.22 -3.95 -2.98
CA ILE B 189 -21.42 -4.77 -2.77
C ILE B 189 -22.33 -4.51 -3.97
N GLU B 190 -23.21 -5.43 -4.27
CA GLU B 190 -24.02 -5.29 -5.49
C GLU B 190 -24.95 -4.07 -5.45
N SER B 191 -25.33 -3.64 -4.27
CA SER B 191 -26.29 -2.56 -4.11
C SER B 191 -25.67 -1.22 -3.73
N PRO B 192 -25.53 -0.30 -4.70
CA PRO B 192 -25.06 1.06 -4.49
C PRO B 192 -26.11 2.12 -4.33
N GLN B 193 -27.37 1.72 -4.27
CA GLN B 193 -28.48 2.66 -4.01
C GLN B 193 -28.30 3.32 -2.65
N LEU B 194 -27.93 2.51 -1.68
CA LEU B 194 -27.77 2.94 -0.26
C LEU B 194 -26.86 4.15 -0.11
N CYS B 195 -26.12 4.46 -1.14
CA CYS B 195 -25.29 5.67 -1.15
C CYS B 195 -26.15 6.91 -0.88
N SER B 196 -27.33 6.93 -1.46
CA SER B 196 -28.19 8.13 -1.45
C SER B 196 -28.37 8.66 -0.03
N ASN B 197 -28.56 7.74 0.89
CA ASN B 197 -28.71 8.10 2.32
C ASN B 197 -27.46 8.83 2.83
N ILE B 198 -26.30 8.38 2.40
CA ILE B 198 -25.02 8.94 2.86
C ILE B 198 -24.80 10.33 2.26
N PHE B 199 -25.17 10.46 1.01
CA PHE B 199 -25.02 11.73 0.29
C PHE B 199 -25.85 12.85 0.96
N LYS B 200 -27.15 12.62 1.02
CA LYS B 200 -28.08 13.62 1.53
C LYS B 200 -27.77 14.01 2.98
N ASN B 201 -27.25 13.08 3.74
CA ASN B 201 -26.87 13.33 5.14
C ASN B 201 -25.45 13.88 5.30
N PHE B 202 -24.72 13.96 4.19
CA PHE B 202 -23.32 14.41 4.23
C PHE B 202 -23.22 15.84 4.75
N GLN B 203 -23.77 16.76 3.98
CA GLN B 203 -23.71 18.20 4.29
C GLN B 203 -24.14 18.50 5.74
N PRO B 204 -25.32 17.99 6.14
CA PRO B 204 -25.79 18.17 7.51
C PRO B 204 -24.77 17.81 8.58
N LYS B 205 -23.90 16.85 8.27
CA LYS B 205 -22.93 16.33 9.25
C LYS B 205 -21.62 17.12 9.28
N SER B 206 -21.36 17.84 8.19
CA SER B 206 -20.08 18.56 8.01
C SER B 206 -20.06 19.90 8.72
N MET B 207 -19.00 20.13 9.47
CA MET B 207 -18.75 21.44 10.11
C MET B 207 -18.30 22.45 9.05
N LEU B 208 -17.39 21.99 8.22
CA LEU B 208 -16.70 22.88 7.26
C LEU B 208 -17.70 23.67 6.43
N ALA B 209 -17.40 24.94 6.24
CA ALA B 209 -18.26 25.85 5.47
C ALA B 209 -18.39 25.37 4.02
N HIS B 210 -17.26 25.34 3.35
CA HIS B 210 -17.22 25.00 1.91
C HIS B 210 -16.67 23.61 1.65
N PHE B 211 -17.05 23.07 0.51
CA PHE B 211 -16.60 21.73 0.07
C PHE B 211 -15.13 21.80 -0.30
N ASN B 212 -14.69 22.97 -0.71
CA ASN B 212 -13.31 23.21 -1.14
C ASN B 212 -12.32 22.96 -0.01
N GLU B 213 -12.82 23.06 1.21
CA GLU B 213 -11.97 22.97 2.41
C GLU B 213 -11.48 21.55 2.66
N TYR B 214 -12.22 20.59 2.14
CA TYR B 214 -11.80 19.16 2.19
C TYR B 214 -10.65 18.93 1.21
N GLN B 215 -9.86 17.92 1.52
CA GLN B 215 -8.73 17.55 0.66
C GLN B 215 -9.19 17.29 -0.78
N LEU B 216 -8.34 17.66 -1.72
CA LEU B 216 -8.69 17.63 -3.15
C LEU B 216 -8.98 16.20 -3.64
N ASP B 217 -8.11 15.28 -3.26
CA ASP B 217 -8.26 13.87 -3.66
C ASP B 217 -9.63 13.31 -3.22
N GLN B 218 -9.95 13.59 -1.97
CA GLN B 218 -11.25 13.17 -1.41
C GLN B 218 -12.41 13.79 -2.21
N GLN B 219 -12.24 15.06 -2.55
CA GLN B 219 -13.22 15.77 -3.38
C GLN B 219 -13.43 15.03 -4.69
N ILE B 220 -12.33 14.77 -5.37
CA ILE B 220 -12.37 14.11 -6.68
C ILE B 220 -13.06 12.73 -6.59
N GLU B 221 -12.64 11.94 -5.62
CA GLU B 221 -13.25 10.62 -5.44
C GLU B 221 -14.76 10.75 -5.20
N TYR B 222 -15.10 11.65 -4.30
CA TYR B 222 -16.50 11.94 -3.98
C TYR B 222 -17.29 12.25 -5.25
N ARG B 223 -16.80 13.20 -6.03
CA ARG B 223 -17.47 13.58 -7.29
C ARG B 223 -17.61 12.38 -8.21
N TYR B 224 -16.54 11.61 -8.32
CA TYR B 224 -16.53 10.38 -9.14
C TYR B 224 -17.71 9.46 -8.74
N LEU B 225 -17.73 9.12 -7.47
CA LEU B 225 -18.79 8.25 -6.93
C LEU B 225 -20.19 8.84 -7.16
N LEU B 226 -20.36 10.11 -6.80
CA LEU B 226 -21.65 10.78 -6.97
C LEU B 226 -22.11 10.73 -8.44
N GLY B 227 -21.17 11.02 -9.32
CA GLY B 227 -21.44 10.95 -10.77
C GLY B 227 -21.92 9.57 -11.18
N ARG B 228 -21.17 8.56 -10.75
CA ARG B 228 -21.56 7.15 -11.01
C ARG B 228 -22.97 6.86 -10.47
N TYR B 229 -23.22 7.34 -9.27
CA TYR B 229 -24.53 7.19 -8.63
C TYR B 229 -25.65 7.80 -9.48
N TYR B 230 -25.43 9.02 -9.91
CA TYR B 230 -26.38 9.71 -10.80
C TYR B 230 -26.60 8.90 -12.07
N LEU B 231 -25.51 8.45 -12.66
CA LEU B 231 -25.59 7.68 -13.91
C LEU B 231 -26.35 6.36 -13.71
N LEU B 232 -26.19 5.76 -12.56
CA LEU B 232 -26.96 4.55 -12.21
C LEU B 232 -28.47 4.80 -12.33
N ASN B 233 -28.86 6.04 -12.10
CA ASN B 233 -30.26 6.44 -12.17
C ASN B 233 -30.62 7.15 -13.49
N SER B 234 -29.73 7.04 -14.45
CA SER B 234 -29.96 7.58 -15.82
C SER B 234 -30.06 9.11 -15.86
N GLN B 235 -29.75 9.73 -14.74
CA GLN B 235 -29.69 11.20 -14.69
C GLN B 235 -28.35 11.64 -15.27
N VAL B 236 -28.31 11.67 -16.59
CA VAL B 236 -27.05 11.82 -17.35
C VAL B 236 -26.33 13.13 -17.06
N HIS B 237 -27.06 14.23 -17.24
CA HIS B 237 -26.46 15.57 -17.06
C HIS B 237 -25.82 15.74 -15.67
N ASN B 238 -26.61 15.37 -14.67
CA ASN B 238 -26.16 15.42 -13.26
C ASN B 238 -24.84 14.68 -13.07
N ALA B 239 -24.74 13.53 -13.72
CA ALA B 239 -23.52 12.71 -13.66
C ALA B 239 -22.38 13.42 -14.38
N PHE B 240 -22.70 13.88 -15.57
CA PHE B 240 -21.73 14.58 -16.43
C PHE B 240 -21.03 15.74 -15.70
N VAL B 241 -21.82 16.64 -15.13
CA VAL B 241 -21.23 17.81 -14.44
C VAL B 241 -20.18 17.33 -13.42
N GLN B 242 -20.58 16.35 -12.64
CA GLN B 242 -19.72 15.78 -11.58
C GLN B 242 -18.44 15.19 -12.15
N PHE B 243 -18.59 14.35 -13.15
CA PHE B 243 -17.43 13.77 -13.84
C PHE B 243 -16.47 14.86 -14.31
N ASN B 244 -17.01 15.74 -15.11
CA ASN B 244 -16.22 16.85 -15.67
C ASN B 244 -15.53 17.65 -14.57
N GLU B 245 -16.27 17.94 -13.51
CA GLU B 245 -15.70 18.69 -12.40
C GLU B 245 -14.55 17.91 -11.77
N ALA B 246 -14.77 16.63 -11.61
CA ALA B 246 -13.76 15.72 -10.99
C ALA B 246 -12.47 15.61 -11.79
N PHE B 247 -12.63 15.46 -13.10
CA PHE B 247 -11.47 15.33 -14.00
C PHE B 247 -10.67 16.63 -14.08
N GLN B 248 -11.39 17.75 -14.12
CA GLN B 248 -10.73 19.06 -14.12
C GLN B 248 -9.87 19.19 -12.85
N SER B 249 -10.52 18.94 -11.73
CA SER B 249 -9.85 18.96 -10.41
C SER B 249 -8.63 18.04 -10.41
N LEU B 250 -8.78 16.88 -11.03
CA LEU B 250 -7.66 15.94 -11.14
C LEU B 250 -6.55 16.53 -12.01
N LEU B 251 -6.93 17.15 -13.12
CA LEU B 251 -5.95 17.76 -14.05
C LEU B 251 -5.10 18.82 -13.36
N ASN B 252 -5.77 19.75 -12.72
CA ASN B 252 -5.07 20.90 -12.09
C ASN B 252 -4.13 20.45 -10.96
N LEU B 253 -4.32 19.21 -10.51
CA LEU B 253 -3.44 18.60 -9.50
C LEU B 253 -2.07 18.36 -10.12
N PRO B 254 -1.07 19.18 -9.76
CA PRO B 254 0.24 19.16 -10.43
C PRO B 254 0.98 17.84 -10.30
N LEU B 255 0.80 17.20 -9.16
CA LEU B 255 1.50 15.94 -8.86
C LEU B 255 1.06 14.86 -9.84
N THR B 256 2.02 14.17 -10.41
CA THR B 256 1.73 13.08 -11.38
C THR B 256 2.29 11.74 -10.88
N ASN B 257 1.60 11.20 -9.88
CA ASN B 257 1.82 9.83 -9.44
C ASN B 257 1.01 8.90 -10.36
N GLN B 258 1.40 7.65 -10.43
CA GLN B 258 0.68 6.67 -11.26
C GLN B 258 -0.79 6.55 -10.81
N ALA B 259 -0.97 6.53 -9.51
CA ALA B 259 -2.32 6.48 -8.93
C ALA B 259 -3.20 7.60 -9.51
N ILE B 260 -2.66 8.81 -9.51
CA ILE B 260 -3.33 9.98 -10.09
C ILE B 260 -3.84 9.69 -11.50
N THR B 261 -2.93 9.31 -12.36
CA THR B 261 -3.25 9.05 -13.78
C THR B 261 -4.28 7.92 -13.94
N ARG B 262 -4.08 6.87 -13.18
CA ARG B 262 -5.01 5.71 -13.20
C ARG B 262 -6.43 6.14 -12.81
N ASN B 263 -6.53 6.86 -11.71
CA ASN B 263 -7.81 7.43 -11.27
C ASN B 263 -8.42 8.33 -12.35
N GLY B 264 -7.57 9.14 -12.94
CA GLY B 264 -7.96 9.97 -14.08
C GLY B 264 -8.63 9.13 -15.16
N THR B 265 -7.96 8.05 -15.52
CA THR B 265 -8.51 7.09 -16.49
C THR B 265 -9.88 6.59 -16.03
N ARG B 266 -9.93 6.13 -14.79
CA ARG B 266 -11.18 5.66 -14.19
C ARG B 266 -12.33 6.66 -14.41
N ILE B 267 -12.06 7.93 -14.15
CA ILE B 267 -13.04 8.99 -14.41
C ILE B 267 -13.39 9.06 -15.90
N LEU B 268 -12.37 9.13 -16.71
CA LEU B 268 -12.53 9.24 -18.17
C LEU B 268 -13.46 8.16 -18.71
N ASN B 269 -13.29 6.97 -18.19
CA ASN B 269 -14.13 5.82 -18.60
C ASN B 269 -15.64 6.16 -18.61
N TYR B 270 -16.07 6.83 -17.57
CA TYR B 270 -17.48 7.22 -17.45
C TYR B 270 -17.79 8.56 -18.12
N MET B 271 -16.85 9.48 -18.01
CA MET B 271 -17.04 10.82 -18.59
C MET B 271 -17.21 10.79 -20.11
N ILE B 272 -16.38 10.00 -20.78
CA ILE B 272 -16.41 9.93 -22.25
C ILE B 272 -17.81 9.56 -22.73
N PRO B 273 -18.37 8.43 -22.23
CA PRO B 273 -19.71 8.01 -22.57
C PRO B 273 -20.79 9.05 -22.27
N THR B 274 -20.73 9.58 -21.07
CA THR B 274 -21.78 10.52 -20.59
C THR B 274 -21.87 11.73 -21.52
N GLY B 275 -20.71 12.28 -21.84
CA GLY B 275 -20.64 13.45 -22.72
C GLY B 275 -21.27 13.16 -24.07
N LEU B 276 -21.03 11.97 -24.58
CA LEU B 276 -21.51 11.59 -25.91
C LEU B 276 -23.03 11.64 -25.97
N ILE B 277 -23.66 11.18 -24.90
CA ILE B 277 -25.13 11.21 -24.78
C ILE B 277 -25.64 12.65 -24.84
N LEU B 278 -24.94 13.52 -24.12
CA LEU B 278 -25.27 14.95 -24.08
C LEU B 278 -24.81 15.67 -25.35
N GLY B 279 -24.18 14.94 -26.23
CA GLY B 279 -23.69 15.50 -27.50
C GLY B 279 -22.39 16.27 -27.34
N LYS B 280 -21.62 15.87 -26.34
CA LYS B 280 -20.30 16.47 -26.05
C LYS B 280 -19.19 15.53 -26.51
N MET B 281 -18.23 16.07 -27.22
CA MET B 281 -17.11 15.28 -27.78
C MET B 281 -15.81 15.70 -27.10
N VAL B 282 -14.85 14.81 -27.06
CA VAL B 282 -13.61 15.02 -26.30
C VAL B 282 -12.41 15.25 -27.23
N LYS B 283 -11.65 16.29 -26.96
CA LYS B 283 -10.35 16.49 -27.62
C LYS B 283 -9.36 15.50 -27.03
N TRP B 284 -8.86 14.60 -27.86
CA TRP B 284 -8.05 13.47 -27.36
C TRP B 284 -6.65 13.86 -26.82
N GLY B 285 -6.04 14.84 -27.46
CA GLY B 285 -4.71 15.32 -27.06
C GLY B 285 -4.54 15.34 -25.54
N PRO B 286 -5.33 16.15 -24.84
CA PRO B 286 -5.20 16.27 -23.40
C PRO B 286 -5.38 14.96 -22.64
N LEU B 287 -6.24 14.11 -23.15
CA LEU B 287 -6.51 12.81 -22.51
C LEU B 287 -5.53 11.70 -22.93
N ARG B 288 -4.57 12.05 -23.74
CA ARG B 288 -3.57 11.05 -24.23
C ARG B 288 -2.77 10.37 -23.11
N PRO B 289 -2.36 11.15 -22.10
CA PRO B 289 -1.61 10.56 -20.99
C PRO B 289 -2.34 9.51 -20.16
N PHE B 290 -3.66 9.57 -20.09
CA PHE B 290 -4.44 8.63 -19.25
C PHE B 290 -5.10 7.48 -20.01
N LEU B 291 -4.98 7.50 -21.32
CA LEU B 291 -5.67 6.52 -22.16
C LEU B 291 -4.76 5.86 -23.17
N SER B 292 -4.87 4.55 -23.27
CA SER B 292 -4.13 3.78 -24.28
C SER B 292 -4.68 4.13 -25.66
N GLN B 293 -3.93 3.82 -26.69
CA GLN B 293 -4.36 4.10 -28.05
C GLN B 293 -5.57 3.26 -28.43
N GLU B 294 -5.59 2.04 -27.93
CA GLU B 294 -6.71 1.11 -28.16
C GLU B 294 -8.04 1.78 -27.76
N THR B 295 -8.06 2.24 -26.52
CA THR B 295 -9.21 2.95 -25.97
C THR B 295 -9.66 4.10 -26.89
N ILE B 296 -8.73 5.01 -27.13
CA ILE B 296 -8.99 6.16 -27.98
C ILE B 296 -9.64 5.69 -29.29
N ASP B 297 -8.97 4.79 -29.96
CA ASP B 297 -9.44 4.28 -31.26
C ASP B 297 -10.89 3.76 -31.16
N ASN B 298 -11.12 2.97 -30.14
CA ASN B 298 -12.46 2.41 -29.87
C ASN B 298 -13.51 3.53 -29.74
N TRP B 299 -13.34 4.34 -28.72
CA TRP B 299 -14.27 5.44 -28.47
C TRP B 299 -14.40 6.28 -29.74
N SER B 300 -13.32 6.31 -30.49
CA SER B 300 -13.28 7.07 -31.74
C SER B 300 -14.25 6.50 -32.77
N VAL B 301 -14.14 5.21 -33.01
CA VAL B 301 -15.03 4.55 -33.98
C VAL B 301 -16.49 4.80 -33.57
N LEU B 302 -16.75 4.68 -32.28
CA LEU B 302 -18.11 4.98 -31.78
C LEU B 302 -18.50 6.43 -32.14
N TYR B 303 -17.63 7.35 -31.77
CA TYR B 303 -17.79 8.78 -32.10
C TYR B 303 -18.18 8.95 -33.56
N LYS B 304 -17.43 8.32 -34.43
CA LYS B 304 -17.71 8.39 -35.87
C LYS B 304 -19.16 7.96 -36.11
N HIS B 305 -19.45 6.77 -35.63
CA HIS B 305 -20.80 6.19 -35.80
C HIS B 305 -21.89 7.18 -35.41
N VAL B 306 -21.81 7.71 -34.21
CA VAL B 306 -22.81 8.65 -33.72
C VAL B 306 -22.85 9.89 -34.62
N ARG B 307 -21.69 10.45 -34.84
CA ARG B 307 -21.54 11.71 -35.57
C ARG B 307 -22.20 11.67 -36.95
N TYR B 308 -21.94 10.61 -37.69
CA TYR B 308 -22.43 10.51 -39.06
C TYR B 308 -23.81 9.85 -39.18
N GLY B 309 -24.37 9.50 -38.05
CA GLY B 309 -25.79 9.03 -37.98
C GLY B 309 -26.03 7.59 -38.38
N ASN B 310 -25.11 6.72 -38.00
CA ASN B 310 -25.20 5.30 -38.33
C ASN B 310 -25.65 4.46 -37.13
N ILE B 311 -26.93 4.10 -37.12
CA ILE B 311 -27.52 3.35 -36.01
C ILE B 311 -26.90 1.96 -35.90
N GLN B 312 -26.90 1.26 -37.01
CA GLN B 312 -26.38 -0.11 -37.05
C GLN B 312 -24.99 -0.13 -36.44
N GLY B 313 -24.22 0.87 -36.81
CA GLY B 313 -22.85 1.04 -36.27
C GLY B 313 -22.86 1.08 -34.75
N VAL B 314 -23.65 1.99 -34.22
CA VAL B 314 -23.76 2.14 -32.76
C VAL B 314 -24.16 0.81 -32.10
N SER B 315 -25.09 0.14 -32.73
CA SER B 315 -25.56 -1.16 -32.23
C SER B 315 -24.40 -2.16 -32.18
N LEU B 316 -23.78 -2.37 -33.32
CA LEU B 316 -22.65 -3.31 -33.43
C LEU B 316 -21.51 -2.93 -32.48
N TRP B 317 -21.34 -1.65 -32.30
CA TRP B 317 -20.28 -1.13 -31.41
C TRP B 317 -20.60 -1.53 -29.97
N LEU B 318 -21.80 -1.19 -29.55
CA LEU B 318 -22.26 -1.56 -28.21
C LEU B 318 -22.14 -3.07 -28.04
N ARG B 319 -22.48 -3.78 -29.11
CA ARG B 319 -22.44 -5.25 -29.09
C ARG B 319 -21.02 -5.76 -28.82
N GLN B 320 -20.07 -5.31 -29.63
CA GLN B 320 -18.65 -5.68 -29.45
C GLN B 320 -18.16 -5.43 -28.04
N ASN B 321 -18.58 -4.31 -27.47
CA ASN B 321 -18.15 -3.92 -26.12
C ASN B 321 -19.16 -4.23 -25.03
N GLU B 322 -20.04 -5.17 -25.32
CA GLU B 322 -21.18 -5.45 -24.42
C GLU B 322 -20.74 -5.75 -22.98
N ARG B 323 -19.89 -6.76 -22.84
CA ARG B 323 -19.51 -7.28 -21.50
C ARG B 323 -18.85 -6.19 -20.63
N HIS B 324 -17.82 -5.60 -21.18
CA HIS B 324 -17.10 -4.51 -20.49
C HIS B 324 -18.09 -3.44 -20.06
N LEU B 325 -18.90 -3.03 -21.01
CA LEU B 325 -19.92 -1.99 -20.77
C LEU B 325 -20.85 -2.38 -19.64
N CYS B 326 -21.26 -3.62 -19.64
CA CYS B 326 -22.12 -4.16 -18.58
C CYS B 326 -21.41 -4.07 -17.22
N ALA B 327 -20.12 -4.37 -17.25
CA ALA B 327 -19.30 -4.30 -16.03
C ALA B 327 -19.35 -2.92 -15.35
N ARG B 328 -19.58 -1.90 -16.15
CA ARG B 328 -19.63 -0.51 -15.62
C ARG B 328 -21.05 0.09 -15.58
N GLN B 329 -22.04 -0.72 -15.90
CA GLN B 329 -23.41 -0.23 -16.05
C GLN B 329 -23.47 0.88 -17.09
N LEU B 330 -22.89 0.61 -18.24
CA LEU B 330 -22.88 1.59 -19.33
C LEU B 330 -23.65 1.14 -20.57
N LEU B 331 -23.98 -0.14 -20.60
CA LEU B 331 -24.57 -0.76 -21.81
C LEU B 331 -25.96 -0.23 -22.09
N ILE B 332 -26.81 -0.32 -21.09
CA ILE B 332 -28.23 0.06 -21.23
C ILE B 332 -28.39 1.56 -21.50
N VAL B 333 -27.84 2.35 -20.62
CA VAL B 333 -27.96 3.84 -20.76
C VAL B 333 -27.54 4.30 -22.16
N LEU B 334 -26.42 3.79 -22.62
CA LEU B 334 -25.93 4.11 -23.98
C LEU B 334 -26.92 3.58 -25.01
N LEU B 335 -27.27 2.32 -24.86
CA LEU B 335 -28.20 1.64 -25.77
C LEU B 335 -29.48 2.45 -25.96
N GLU B 336 -29.91 3.05 -24.87
CA GLU B 336 -31.17 3.81 -24.85
C GLU B 336 -31.00 5.26 -25.30
N LYS B 337 -29.92 5.88 -24.85
CA LYS B 337 -29.77 7.35 -24.96
C LYS B 337 -28.98 7.83 -26.17
N LEU B 338 -28.17 6.96 -26.76
CA LEU B 338 -27.37 7.36 -27.95
C LEU B 338 -28.21 7.52 -29.22
N PRO B 339 -29.13 6.58 -29.48
CA PRO B 339 -29.86 6.53 -30.75
C PRO B 339 -30.48 7.85 -31.22
N MET B 340 -30.89 8.68 -30.29
CA MET B 340 -31.56 9.95 -30.65
C MET B 340 -30.56 10.99 -31.17
N VAL B 341 -29.43 11.09 -30.50
CA VAL B 341 -28.32 11.94 -31.00
C VAL B 341 -27.95 11.49 -32.42
N THR B 342 -27.82 10.17 -32.56
CA THR B 342 -27.51 9.56 -33.86
C THR B 342 -28.58 9.91 -34.91
N TYR B 343 -29.83 9.70 -34.54
CA TYR B 343 -30.97 10.01 -35.40
C TYR B 343 -30.94 11.48 -35.82
N ARG B 344 -30.63 12.34 -34.86
CA ARG B 344 -30.56 13.78 -35.10
C ARG B 344 -29.58 14.07 -36.25
N ASN B 345 -28.37 13.58 -36.08
CA ASN B 345 -27.32 13.74 -37.09
C ASN B 345 -27.74 13.17 -38.45
N LEU B 346 -28.33 12.00 -38.41
CA LEU B 346 -28.83 11.34 -39.62
C LEU B 346 -29.80 12.25 -40.36
N ILE B 347 -30.80 12.71 -39.64
CA ILE B 347 -31.82 13.61 -40.19
C ILE B 347 -31.23 14.95 -40.61
N LYS B 348 -30.38 15.49 -39.76
CA LYS B 348 -29.73 16.76 -40.04
C LYS B 348 -28.99 16.70 -41.37
N THR B 349 -28.29 15.61 -41.57
CA THR B 349 -27.55 15.37 -42.82
C THR B 349 -28.51 15.37 -44.02
N VAL B 350 -29.58 14.62 -43.88
CA VAL B 350 -30.63 14.55 -44.92
C VAL B 350 -31.20 15.95 -45.19
N ILE B 351 -31.61 16.59 -44.14
CA ILE B 351 -32.30 17.89 -44.24
C ILE B 351 -31.42 18.93 -44.93
N LYS B 352 -30.18 19.00 -44.50
CA LYS B 352 -29.23 20.01 -45.03
C LYS B 352 -29.08 19.89 -46.55
N SER B 353 -28.88 18.68 -47.01
CA SER B 353 -28.75 18.41 -48.44
C SER B 353 -30.08 18.61 -49.17
N TRP B 354 -31.14 18.19 -48.53
CA TRP B 354 -32.47 18.13 -49.18
C TRP B 354 -33.14 19.49 -49.27
N THR B 355 -33.03 20.27 -48.21
CA THR B 355 -33.74 21.57 -48.13
C THR B 355 -32.81 22.77 -48.38
N THR B 356 -31.78 22.90 -47.57
CA THR B 356 -30.87 24.06 -47.68
C THR B 356 -30.14 24.09 -49.03
N GLU B 357 -29.64 22.96 -49.43
CA GLU B 357 -28.91 22.83 -50.71
C GLU B 357 -29.86 22.82 -51.90
N TRP B 358 -30.94 22.09 -51.80
CA TRP B 358 -31.87 21.90 -52.93
C TRP B 358 -33.22 22.61 -52.77
N GLY B 359 -33.36 23.30 -51.67
CA GLY B 359 -34.55 24.15 -51.43
C GLY B 359 -35.88 23.42 -51.37
N GLN B 360 -35.84 22.16 -50.99
CA GLN B 360 -37.07 21.35 -50.83
C GLN B 360 -37.61 21.46 -49.41
N ASN B 361 -38.79 22.02 -49.28
CA ASN B 361 -39.35 22.34 -47.95
C ASN B 361 -39.91 21.10 -47.23
N LYS B 362 -40.56 20.24 -48.00
CA LYS B 362 -41.21 19.05 -47.46
C LYS B 362 -40.61 17.75 -47.96
N LEU B 363 -40.35 16.87 -47.02
CA LEU B 363 -39.77 15.54 -47.33
C LEU B 363 -40.75 14.44 -47.05
N PRO B 364 -41.01 13.61 -48.05
CA PRO B 364 -41.92 12.51 -47.91
C PRO B 364 -41.38 11.44 -46.97
N TYR B 365 -42.27 10.78 -46.27
CA TYR B 365 -41.89 9.72 -45.35
C TYR B 365 -41.07 8.59 -46.01
N SER B 366 -41.43 8.27 -47.23
CA SER B 366 -40.75 7.18 -47.98
C SER B 366 -39.24 7.42 -48.07
N LEU B 367 -38.90 8.67 -48.31
CA LEU B 367 -37.49 9.09 -48.39
C LEU B 367 -36.76 8.79 -47.07
N ILE B 368 -37.29 9.35 -46.01
CA ILE B 368 -36.73 9.13 -44.67
C ILE B 368 -36.73 7.65 -44.34
N GLU B 369 -37.72 6.97 -44.88
CA GLU B 369 -37.84 5.52 -44.72
C GLU B 369 -36.58 4.84 -45.28
N ARG B 370 -36.28 5.15 -46.52
CA ARG B 370 -35.10 4.62 -47.20
C ARG B 370 -33.79 4.97 -46.48
N VAL B 371 -33.65 6.23 -46.18
CA VAL B 371 -32.48 6.70 -45.41
C VAL B 371 -32.35 5.88 -44.10
N LEU B 372 -33.48 5.75 -43.41
CA LEU B 372 -33.52 4.98 -42.15
C LEU B 372 -33.13 3.52 -42.38
N GLN B 373 -33.61 2.97 -43.47
CA GLN B 373 -33.17 1.60 -43.87
C GLN B 373 -31.66 1.55 -43.89
N LEU B 374 -31.07 2.44 -44.68
CA LEU B 374 -29.60 2.48 -44.82
C LEU B 374 -28.90 2.62 -43.46
N SER B 375 -29.40 3.50 -42.62
CA SER B 375 -28.79 3.76 -41.32
C SER B 375 -28.96 2.62 -40.32
N ILE B 376 -30.13 2.03 -40.31
CA ILE B 376 -30.51 1.04 -39.26
C ILE B 376 -29.99 -0.37 -39.57
N GLY B 377 -29.95 -0.70 -40.83
CA GLY B 377 -29.51 -2.04 -41.26
C GLY B 377 -30.61 -3.06 -41.01
N PRO B 378 -30.35 -4.34 -41.27
CA PRO B 378 -31.34 -5.37 -41.11
C PRO B 378 -31.86 -5.55 -39.69
N THR B 379 -33.16 -5.71 -39.63
CA THR B 379 -33.91 -5.91 -38.39
C THR B 379 -34.17 -7.40 -38.17
N PHE B 380 -34.43 -7.77 -36.93
CA PHE B 380 -34.60 -9.19 -36.57
C PHE B 380 -35.65 -9.86 -37.48
N GLU B 381 -36.64 -9.09 -37.86
CA GLU B 381 -37.71 -9.56 -38.74
C GLU B 381 -37.22 -9.80 -40.18
N ASP B 382 -36.14 -9.15 -40.53
CA ASP B 382 -35.58 -9.22 -41.91
C ASP B 382 -34.78 -10.51 -42.12
N PRO B 383 -34.58 -10.89 -43.40
CA PRO B 383 -33.92 -12.15 -43.74
C PRO B 383 -32.48 -12.22 -43.25
N GLY B 384 -32.05 -13.42 -42.94
CA GLY B 384 -30.69 -13.67 -42.51
C GLY B 384 -30.45 -13.44 -41.03
N ALA B 385 -31.51 -13.15 -40.33
CA ALA B 385 -31.46 -12.95 -38.87
C ALA B 385 -31.69 -14.27 -38.15
N GLN B 386 -30.86 -14.54 -37.16
CA GLN B 386 -30.95 -15.82 -36.42
C GLN B 386 -31.43 -15.65 -34.98
N GLU B 387 -31.61 -14.41 -34.55
CA GLU B 387 -31.96 -14.15 -33.15
C GLU B 387 -32.60 -12.80 -32.90
N ILE B 388 -33.36 -12.71 -31.83
CA ILE B 388 -33.95 -11.42 -31.39
C ILE B 388 -33.03 -10.87 -30.31
N THR B 389 -32.63 -9.63 -30.47
CA THR B 389 -31.67 -9.03 -29.55
C THR B 389 -31.88 -7.53 -29.40
N ILE B 390 -31.26 -6.98 -28.38
CA ILE B 390 -31.34 -5.53 -28.11
C ILE B 390 -30.58 -4.72 -29.18
N TYR B 391 -30.04 -5.41 -30.16
CA TYR B 391 -29.29 -4.80 -31.27
C TYR B 391 -30.02 -4.86 -32.62
N ASN B 392 -31.04 -5.67 -32.69
CA ASN B 392 -31.87 -5.80 -33.90
C ASN B 392 -33.36 -5.73 -33.63
N GLY B 393 -33.71 -5.43 -32.40
CA GLY B 393 -35.13 -5.38 -31.98
C GLY B 393 -35.72 -3.99 -31.81
N ILE B 394 -34.93 -3.08 -31.33
CA ILE B 394 -35.42 -1.74 -30.94
C ILE B 394 -35.72 -0.82 -32.13
N HIS B 395 -34.80 -0.76 -33.07
CA HIS B 395 -34.88 0.18 -34.20
C HIS B 395 -35.40 -0.45 -35.51
N SER B 396 -36.36 0.22 -36.10
CA SER B 396 -36.97 -0.18 -37.38
C SER B 396 -37.06 1.00 -38.34
N PRO B 397 -36.83 0.74 -39.62
CA PRO B 397 -36.91 1.69 -40.70
C PRO B 397 -38.33 2.22 -40.93
N LYS B 398 -39.30 1.33 -40.76
CA LYS B 398 -40.72 1.64 -41.02
C LYS B 398 -41.29 2.75 -40.16
N ASN B 399 -40.89 2.84 -38.91
CA ASN B 399 -41.43 3.87 -38.01
C ASN B 399 -40.79 5.24 -38.21
N VAL B 400 -41.08 5.85 -39.34
CA VAL B 400 -40.53 7.17 -39.68
C VAL B 400 -41.14 8.27 -38.81
N GLU B 401 -42.45 8.26 -38.79
CA GLU B 401 -43.21 9.28 -38.06
C GLU B 401 -42.80 9.32 -36.59
N ASN B 402 -42.66 8.14 -36.01
CA ASN B 402 -42.33 8.03 -34.60
C ASN B 402 -41.01 8.72 -34.28
N VAL B 403 -40.01 8.33 -35.02
CA VAL B 403 -38.66 8.91 -34.85
C VAL B 403 -38.69 10.43 -35.07
N LEU B 404 -39.40 10.84 -36.09
CA LEU B 404 -39.62 12.29 -36.31
C LEU B 404 -40.27 12.94 -35.06
N VAL B 405 -41.29 12.28 -34.56
CA VAL B 405 -42.07 12.80 -33.42
C VAL B 405 -41.18 12.96 -32.19
N THR B 406 -40.49 11.91 -31.83
CA THR B 406 -39.61 11.97 -30.64
C THR B 406 -38.51 13.00 -30.86
N LEU B 407 -37.95 13.03 -32.07
CA LEU B 407 -36.94 14.03 -32.41
C LEU B 407 -37.51 15.43 -32.13
N ILE B 408 -38.70 15.66 -32.64
CA ILE B 408 -39.37 16.97 -32.47
C ILE B 408 -39.61 17.29 -30.99
N ASN B 409 -40.21 16.34 -30.29
CA ASN B 409 -40.55 16.51 -28.87
C ASN B 409 -39.34 16.72 -27.97
N LEU B 410 -38.26 16.05 -28.32
CA LEU B 410 -36.99 16.22 -27.58
C LEU B 410 -36.37 17.61 -27.83
N GLY B 411 -36.86 18.28 -28.86
CA GLY B 411 -36.40 19.62 -29.20
C GLY B 411 -35.11 19.62 -30.00
N LEU B 412 -34.86 18.52 -30.68
CA LEU B 412 -33.64 18.37 -31.50
C LEU B 412 -33.93 18.66 -32.97
N LEU B 413 -35.20 18.70 -33.28
CA LEU B 413 -35.65 18.99 -34.65
C LEU B 413 -36.87 19.93 -34.59
N ARG B 414 -36.84 20.95 -35.42
CA ARG B 414 -38.00 21.84 -35.56
C ARG B 414 -38.73 21.52 -36.86
N ALA B 415 -39.86 20.85 -36.75
CA ALA B 415 -40.65 20.46 -37.92
C ALA B 415 -42.10 20.19 -37.58
N ASN B 416 -42.89 20.01 -38.61
CA ASN B 416 -44.30 19.61 -38.49
C ASN B 416 -44.56 18.41 -39.38
N CYS B 417 -45.19 17.37 -38.83
CA CYS B 417 -45.54 16.20 -39.63
C CYS B 417 -47.03 16.08 -39.83
N PHE B 418 -47.40 15.52 -40.97
CA PHE B 418 -48.80 15.33 -41.34
C PHE B 418 -49.02 13.86 -41.66
N PRO B 419 -49.64 13.12 -40.73
CA PRO B 419 -49.83 11.70 -40.96
C PRO B 419 -50.50 11.34 -42.27
N GLN B 420 -51.50 12.12 -42.66
CA GLN B 420 -52.29 11.80 -43.88
C GLN B 420 -51.47 12.06 -45.14
N LEU B 421 -50.76 13.17 -45.13
CA LEU B 421 -49.89 13.52 -46.26
C LEU B 421 -48.66 12.61 -46.35
N GLN B 422 -48.25 12.09 -45.20
CA GLN B 422 -47.09 11.21 -45.11
C GLN B 422 -45.80 11.96 -45.43
N LEU B 423 -45.79 13.25 -45.16
CA LEU B 423 -44.57 14.05 -45.32
C LEU B 423 -44.31 14.94 -44.13
N CYS B 424 -43.04 15.16 -43.85
CA CYS B 424 -42.61 16.08 -42.80
C CYS B 424 -42.34 17.46 -43.44
N VAL B 425 -42.53 18.50 -42.65
CA VAL B 425 -42.32 19.87 -43.12
C VAL B 425 -41.38 20.65 -42.21
N VAL B 426 -40.51 21.39 -42.83
CA VAL B 426 -39.49 22.16 -42.11
C VAL B 426 -39.48 23.61 -42.59
N LYS B 427 -38.86 24.48 -41.81
CA LYS B 427 -38.81 25.91 -42.14
C LYS B 427 -37.90 26.15 -43.35
N LYS B 428 -38.47 26.77 -44.37
CA LYS B 428 -37.72 27.09 -45.60
C LYS B 428 -36.59 28.09 -45.30
N THR B 429 -35.40 27.57 -45.13
CA THR B 429 -34.23 28.39 -44.80
C THR B 429 -32.94 27.80 -45.37
N THR B 430 -31.90 28.62 -45.36
CA THR B 430 -30.57 28.22 -45.83
C THR B 430 -29.69 27.79 -44.65
N MET B 431 -29.99 28.35 -43.50
CA MET B 431 -29.26 28.05 -42.26
C MET B 431 -29.80 26.78 -41.62
N ILE B 432 -28.96 25.78 -41.51
CA ILE B 432 -29.38 24.46 -40.98
C ILE B 432 -29.65 24.50 -39.47
N GLN B 433 -28.92 25.35 -38.77
CA GLN B 433 -29.00 25.39 -37.30
C GLN B 433 -30.35 25.95 -36.82
N GLU B 434 -31.09 26.52 -37.74
CA GLU B 434 -32.43 27.05 -37.43
C GLU B 434 -33.44 25.91 -37.33
N ILE B 435 -33.17 24.89 -38.10
CA ILE B 435 -34.07 23.73 -38.19
C ILE B 435 -33.60 22.55 -37.31
N VAL B 436 -32.29 22.44 -37.16
CA VAL B 436 -31.69 21.43 -36.29
C VAL B 436 -30.67 22.07 -35.33
N PRO B 437 -31.13 22.63 -34.23
CA PRO B 437 -30.29 23.34 -33.27
C PRO B 437 -29.17 22.49 -32.68
N PRO B 438 -28.14 23.13 -32.12
CA PRO B 438 -27.04 22.42 -31.46
C PRO B 438 -27.57 21.54 -30.32
N VAL B 439 -27.27 20.26 -30.43
CA VAL B 439 -27.86 19.23 -29.57
C VAL B 439 -27.65 19.47 -28.05
N ASN B 440 -26.40 19.67 -27.67
CA ASN B 440 -26.05 19.79 -26.25
C ASN B 440 -26.87 20.86 -25.51
N GLU B 441 -26.94 22.04 -26.13
CA GLU B 441 -27.67 23.18 -25.55
C GLU B 441 -29.13 22.82 -25.32
N ARG B 442 -29.72 22.21 -26.32
CA ARG B 442 -31.14 21.79 -26.24
C ARG B 442 -31.36 20.77 -25.11
N ILE B 443 -30.60 19.69 -25.18
CA ILE B 443 -30.71 18.63 -24.16
C ILE B 443 -30.57 19.23 -22.76
N THR B 444 -29.50 19.98 -22.56
CA THR B 444 -29.23 20.59 -21.25
C THR B 444 -30.34 21.57 -20.86
N LYS B 445 -30.84 22.29 -21.84
CA LYS B 445 -31.98 23.20 -21.60
C LYS B 445 -33.16 22.42 -21.01
N MET B 446 -33.48 21.32 -21.67
CA MET B 446 -34.59 20.45 -21.25
C MET B 446 -34.29 19.76 -19.91
N PHE B 447 -33.03 19.49 -19.67
CA PHE B 447 -32.60 18.79 -18.44
C PHE B 447 -31.44 19.49 -17.75
N PRO B 448 -31.73 20.52 -16.95
CA PRO B 448 -30.69 21.24 -16.23
C PRO B 448 -30.15 20.42 -15.07
N ALA B 449 -28.97 20.78 -14.59
CA ALA B 449 -28.31 20.08 -13.48
C ALA B 449 -28.47 20.85 -12.18
N HIS B 450 -28.13 20.18 -11.08
CA HIS B 450 -28.12 20.83 -9.75
C HIS B 450 -26.93 21.79 -9.66
N SER B 451 -26.78 22.41 -8.51
CA SER B 451 -25.63 23.30 -8.25
C SER B 451 -24.31 22.54 -8.44
N HIS B 452 -23.37 23.19 -9.11
CA HIS B 452 -22.08 22.53 -9.48
C HIS B 452 -21.24 22.21 -8.24
N VAL B 453 -21.09 23.19 -7.37
CA VAL B 453 -20.47 22.98 -6.04
C VAL B 453 -21.55 23.11 -4.97
N LEU B 454 -21.71 22.06 -4.19
CA LEU B 454 -22.82 22.00 -3.20
C LEU B 454 -22.69 23.09 -2.13
N TRP B 455 -21.46 23.40 -1.76
CA TRP B 455 -21.19 24.51 -0.82
C TRP B 455 -20.28 25.55 -1.45
N GLU C 23 -17.52 -21.79 -20.50
CA GLU C 23 -18.74 -21.21 -19.90
C GLU C 23 -18.44 -20.79 -18.45
N ILE C 24 -19.29 -19.93 -17.93
CA ILE C 24 -19.15 -19.48 -16.54
C ILE C 24 -20.38 -18.73 -16.04
N ASN C 25 -20.60 -18.87 -14.74
CA ASN C 25 -21.81 -18.37 -14.07
C ASN C 25 -21.53 -17.21 -13.12
N LYS C 26 -20.34 -16.65 -13.23
CA LYS C 26 -19.91 -15.55 -12.34
C LYS C 26 -20.61 -14.21 -12.64
N LYS C 27 -20.84 -13.45 -11.58
CA LYS C 27 -21.45 -12.11 -11.68
C LYS C 27 -20.48 -11.12 -12.34
N SER C 28 -21.03 -10.08 -12.93
CA SER C 28 -20.24 -9.03 -13.59
C SER C 28 -20.15 -7.78 -12.73
N LEU C 29 -18.93 -7.38 -12.46
CA LEU C 29 -18.63 -6.16 -11.70
C LEU C 29 -17.18 -5.82 -11.91
N GLU C 30 -16.89 -4.53 -11.94
CA GLU C 30 -15.52 -4.07 -12.18
C GLU C 30 -14.85 -3.61 -10.88
N GLU C 31 -13.89 -4.40 -10.43
CA GLU C 31 -13.13 -4.09 -9.21
C GLU C 31 -12.21 -2.89 -9.48
N ASP C 32 -11.70 -2.85 -10.70
CA ASP C 32 -10.72 -1.84 -11.11
C ASP C 32 -11.27 -0.41 -11.01
N ASP C 33 -12.58 -0.28 -11.07
CA ASP C 33 -13.24 1.06 -11.06
C ASP C 33 -12.98 1.86 -9.76
N GLU C 34 -12.72 1.14 -8.69
CA GLU C 34 -12.48 1.74 -7.37
C GLU C 34 -11.20 2.56 -7.41
N PHE C 35 -11.26 3.76 -6.89
CA PHE C 35 -10.11 4.68 -6.88
C PHE C 35 -8.94 4.14 -6.06
N GLU C 36 -7.74 4.37 -6.57
CA GLU C 36 -6.51 4.00 -5.85
C GLU C 36 -6.32 4.94 -4.64
N ASP C 37 -5.31 4.67 -3.86
CA ASP C 37 -5.05 5.38 -2.58
C ASP C 37 -4.66 6.86 -2.71
N PHE C 38 -5.09 7.61 -1.71
CA PHE C 38 -4.91 9.07 -1.65
C PHE C 38 -3.54 9.44 -1.08
N PRO C 39 -2.73 10.09 -1.89
CA PRO C 39 -1.40 10.54 -1.48
C PRO C 39 -1.29 12.03 -1.18
N ILE C 40 -2.42 12.70 -1.18
CA ILE C 40 -2.44 14.19 -1.06
C ILE C 40 -1.86 14.71 0.26
N ASP C 41 -2.20 14.04 1.33
CA ASP C 41 -1.75 14.44 2.68
C ASP C 41 -2.84 15.16 3.46
N ALA C 53 -5.15 28.47 -9.18
CA ALA C 53 -5.99 27.40 -9.71
C ALA C 53 -6.04 27.44 -11.22
N VAL C 54 -4.98 26.94 -11.84
CA VAL C 54 -4.92 26.83 -13.31
C VAL C 54 -5.75 25.61 -13.74
N THR C 55 -7.06 25.74 -13.61
CA THR C 55 -8.01 24.67 -13.96
C THR C 55 -8.71 24.89 -15.29
N GLN C 56 -8.32 25.97 -15.96
CA GLN C 56 -8.97 26.36 -17.23
C GLN C 56 -8.39 25.59 -18.40
N THR C 57 -8.65 24.30 -18.42
CA THR C 57 -8.25 23.44 -19.56
C THR C 57 -9.48 22.92 -20.28
N ASN C 58 -9.58 23.22 -21.57
CA ASN C 58 -10.72 22.77 -22.37
C ASN C 58 -10.43 21.38 -22.92
N ILE C 59 -11.37 20.48 -22.72
CA ILE C 59 -11.18 19.07 -23.13
C ILE C 59 -12.25 18.59 -24.09
N TRP C 60 -13.17 19.49 -24.42
CA TRP C 60 -14.27 19.19 -25.34
C TRP C 60 -14.13 19.94 -26.64
N GLU C 61 -14.37 19.26 -27.75
CA GLU C 61 -14.41 19.91 -29.07
C GLU C 61 -15.52 20.94 -29.09
N GLU C 62 -15.15 22.18 -29.34
CA GLU C 62 -16.09 23.32 -29.31
C GLU C 62 -17.22 23.12 -30.32
N ASN C 63 -16.82 22.67 -31.50
CA ASN C 63 -17.72 22.62 -32.64
C ASN C 63 -17.49 21.41 -33.54
N TRP C 64 -17.78 20.24 -33.02
CA TRP C 64 -17.75 19.01 -33.82
C TRP C 64 -18.70 19.20 -34.98
N ASP C 65 -19.87 19.70 -34.63
CA ASP C 65 -21.03 19.79 -35.53
C ASP C 65 -20.73 20.64 -36.77
N ASP C 66 -20.11 21.79 -36.55
CA ASP C 66 -19.80 22.74 -37.62
C ASP C 66 -18.84 22.12 -38.64
N VAL C 67 -17.82 21.46 -38.12
CA VAL C 67 -16.80 20.81 -38.96
C VAL C 67 -17.48 19.85 -39.95
N GLU C 68 -17.05 19.94 -41.19
CA GLU C 68 -17.52 19.04 -42.25
C GLU C 68 -16.33 18.33 -42.90
N VAL C 69 -16.43 17.02 -43.00
CA VAL C 69 -15.39 16.20 -43.63
C VAL C 69 -15.98 15.11 -44.50
N ASP C 70 -15.21 14.69 -45.49
CA ASP C 70 -15.60 13.63 -46.43
C ASP C 70 -15.77 12.29 -45.68
N ASP C 71 -16.84 11.59 -46.02
CA ASP C 71 -17.16 10.30 -45.39
C ASP C 71 -17.98 9.44 -46.35
N ASP C 72 -17.74 8.14 -46.29
CA ASP C 72 -18.40 7.20 -47.21
C ASP C 72 -19.91 7.13 -46.95
N PHE C 73 -20.26 6.98 -45.69
CA PHE C 73 -21.67 6.86 -45.28
C PHE C 73 -22.48 8.07 -45.77
N THR C 74 -22.02 9.24 -45.39
CA THR C 74 -22.68 10.50 -45.78
C THR C 74 -22.91 10.54 -47.29
N ASN C 75 -21.86 10.26 -48.03
CA ASN C 75 -21.94 10.23 -49.50
C ASN C 75 -22.99 9.22 -49.96
N GLU C 76 -23.01 8.10 -49.28
CA GLU C 76 -24.02 7.06 -49.56
C GLU C 76 -25.44 7.63 -49.38
N LEU C 77 -25.64 8.29 -48.26
CA LEU C 77 -26.92 8.95 -47.99
C LEU C 77 -27.28 9.89 -49.13
N LYS C 78 -26.34 10.78 -49.45
CA LYS C 78 -26.54 11.78 -50.52
C LYS C 78 -26.91 11.09 -51.83
N ALA C 79 -26.21 10.01 -52.10
CA ALA C 79 -26.48 9.19 -53.29
C ALA C 79 -27.95 8.74 -53.30
N GLU C 80 -28.37 8.17 -52.17
CA GLU C 80 -29.75 7.72 -52.00
C GLU C 80 -30.74 8.86 -52.24
N LEU C 81 -30.46 10.00 -51.64
CA LEU C 81 -31.27 11.22 -51.83
C LEU C 81 -31.41 11.54 -53.33
N ASP C 82 -30.27 11.53 -54.00
CA ASP C 82 -30.24 11.73 -55.46
C ASP C 82 -31.16 10.74 -56.17
N ARG C 83 -30.97 9.47 -55.87
CA ARG C 83 -31.79 8.40 -56.49
C ARG C 83 -33.27 8.67 -56.30
N TYR C 84 -33.64 8.93 -55.06
CA TYR C 84 -35.04 9.23 -54.73
C TYR C 84 -35.56 10.39 -55.56
N LYS C 85 -34.81 11.47 -55.56
CA LYS C 85 -35.19 12.68 -56.31
C LYS C 85 -35.43 12.34 -57.79
N ARG C 86 -34.43 11.71 -58.38
CA ARG C 86 -34.49 11.29 -59.79
C ARG C 86 -35.71 10.41 -60.07
N GLU C 87 -35.95 9.48 -59.15
CA GLU C 87 -37.03 8.48 -59.32
C GLU C 87 -38.41 9.12 -59.39
N ASN C 88 -38.55 10.29 -58.79
CA ASN C 88 -39.87 10.96 -58.70
C ASN C 88 -39.88 12.35 -59.31
N GLN C 89 -40.09 12.39 -60.61
CA GLN C 89 -40.16 13.65 -61.37
C GLN C 89 -41.19 13.58 -62.49
N PRO D 5 32.24 -37.55 -5.10
CA PRO D 5 32.36 -36.21 -4.48
C PRO D 5 31.46 -36.04 -3.28
N SER D 6 30.61 -37.03 -3.06
CA SER D 6 29.67 -37.01 -1.92
C SER D 6 30.24 -37.74 -0.70
N ASP D 7 31.50 -38.11 -0.80
CA ASP D 7 32.21 -38.80 0.30
C ASP D 7 32.91 -37.79 1.24
N VAL D 8 32.30 -37.60 2.39
CA VAL D 8 32.87 -36.75 3.44
C VAL D 8 32.68 -37.42 4.80
N ARG D 9 33.70 -37.30 5.63
CA ARG D 9 33.64 -37.93 6.97
C ARG D 9 32.40 -37.46 7.74
N PRO D 10 31.60 -38.39 8.26
CA PRO D 10 30.51 -38.05 9.15
C PRO D 10 30.97 -37.21 10.34
N PRO D 11 30.08 -36.43 10.94
CA PRO D 11 30.41 -35.60 12.10
C PRO D 11 31.16 -36.35 13.18
N HIS D 12 30.68 -37.53 13.51
CA HIS D 12 31.23 -38.30 14.64
C HIS D 12 32.74 -38.52 14.54
N ILE D 13 33.18 -38.97 13.38
CA ILE D 13 34.60 -39.28 13.22
C ILE D 13 35.43 -38.01 13.10
N LEU D 14 34.80 -36.94 12.68
CA LEU D 14 35.44 -35.61 12.74
C LEU D 14 35.70 -35.24 14.20
N VAL D 15 34.66 -35.37 15.00
CA VAL D 15 34.77 -35.15 16.45
C VAL D 15 35.90 -36.02 17.07
N LYS D 16 35.88 -37.30 16.73
CA LYS D 16 36.93 -38.22 17.21
C LYS D 16 38.34 -37.81 16.75
N THR D 17 38.42 -37.42 15.49
CA THR D 17 39.68 -36.90 14.95
C THR D 17 40.21 -35.74 15.82
N LEU D 18 39.38 -34.73 15.94
CA LEU D 18 39.74 -33.53 16.72
C LEU D 18 40.10 -33.93 18.15
N ASP D 19 39.33 -34.87 18.69
CA ASP D 19 39.62 -35.42 20.02
C ASP D 19 41.06 -35.90 20.07
N TYR D 20 41.42 -36.71 19.10
CA TYR D 20 42.81 -37.23 19.02
C TYR D 20 43.80 -36.06 19.00
N ILE D 21 43.63 -35.19 18.05
CA ILE D 21 44.52 -34.01 17.91
C ILE D 21 44.70 -33.31 19.25
N VAL D 22 43.60 -33.01 19.91
CA VAL D 22 43.63 -32.32 21.21
C VAL D 22 44.29 -33.18 22.27
N ASP D 23 44.08 -34.48 22.17
CA ASP D 23 44.58 -35.43 23.19
C ASP D 23 46.08 -35.70 23.11
N ASN D 24 46.64 -35.75 21.92
CA ASN D 24 48.06 -36.11 21.78
C ASN D 24 48.97 -35.25 20.89
N LEU D 25 48.41 -34.27 20.21
CA LEU D 25 49.22 -33.48 19.25
C LEU D 25 49.53 -32.05 19.66
N LEU D 26 49.07 -31.66 20.84
CA LEU D 26 49.24 -30.28 21.30
C LEU D 26 50.63 -30.03 21.92
N THR D 27 51.18 -31.04 22.52
CA THR D 27 52.51 -30.93 23.17
C THR D 27 53.63 -30.74 22.14
N THR D 28 53.47 -31.40 21.01
CA THR D 28 54.43 -31.31 19.90
C THR D 28 54.07 -30.13 19.00
N LEU D 29 53.16 -29.32 19.50
CA LEU D 29 52.49 -28.27 18.68
C LEU D 29 53.49 -27.33 18.01
N PRO D 30 54.49 -26.84 18.78
CA PRO D 30 55.37 -25.80 18.22
C PRO D 30 55.88 -26.11 16.83
N GLU D 31 56.26 -27.35 16.61
CA GLU D 31 56.86 -27.80 15.33
C GLU D 31 55.90 -28.61 14.48
N SER D 32 54.79 -28.99 15.06
CA SER D 32 53.79 -29.81 14.37
C SER D 32 52.60 -29.01 13.83
N GLU D 33 52.73 -27.70 13.80
CA GLU D 33 51.66 -26.82 13.36
C GLU D 33 51.32 -27.06 11.89
N GLY D 34 52.37 -27.23 11.11
CA GLY D 34 52.23 -27.50 9.68
C GLY D 34 51.41 -28.76 9.45
N PHE D 35 51.57 -29.70 10.36
CA PHE D 35 50.82 -30.98 10.33
C PHE D 35 49.33 -30.76 10.66
N LEU D 36 49.09 -30.04 11.73
CA LEU D 36 47.72 -29.81 12.23
C LEU D 36 46.88 -28.90 11.32
N TRP D 37 47.50 -27.87 10.82
CA TRP D 37 46.81 -26.80 10.06
C TRP D 37 45.83 -27.33 9.00
N ASP D 38 46.35 -27.99 8.00
CA ASP D 38 45.51 -28.50 6.88
C ASP D 38 44.43 -29.47 7.39
N ARG D 39 44.77 -30.25 8.39
CA ARG D 39 43.84 -31.24 8.97
C ARG D 39 42.66 -30.54 9.64
N MET D 40 42.96 -29.54 10.44
CA MET D 40 41.92 -28.74 11.08
C MET D 40 41.04 -28.05 10.03
N ARG D 41 41.71 -27.45 9.06
CA ARG D 41 40.99 -26.81 7.95
C ARG D 41 40.00 -27.83 7.33
N SER D 42 40.53 -29.00 7.02
CA SER D 42 39.71 -30.05 6.41
C SER D 42 38.51 -30.37 7.29
N ILE D 43 38.74 -30.50 8.59
CA ILE D 43 37.64 -30.79 9.53
C ILE D 43 36.55 -29.71 9.44
N ARG D 44 36.99 -28.48 9.41
CA ARG D 44 36.05 -27.35 9.27
C ARG D 44 35.24 -27.46 7.98
N GLN D 45 35.93 -27.66 6.88
CA GLN D 45 35.29 -27.73 5.54
C GLN D 45 34.29 -28.89 5.41
N ASP D 46 34.71 -30.05 5.87
CA ASP D 46 33.87 -31.27 5.76
C ASP D 46 32.50 -31.08 6.40
N PHE D 47 32.43 -30.20 7.38
CA PHE D 47 31.14 -29.90 8.06
C PHE D 47 30.22 -29.09 7.18
N THR D 48 30.75 -28.04 6.58
CA THR D 48 29.94 -27.15 5.75
C THR D 48 29.58 -27.82 4.43
N TYR D 49 30.45 -28.71 3.97
CA TYR D 49 30.15 -29.49 2.76
C TYR D 49 28.89 -30.35 2.96
N GLN D 50 28.66 -30.76 4.19
CA GLN D 50 27.47 -31.56 4.55
C GLN D 50 26.27 -30.70 4.94
N ASN D 51 26.48 -29.40 4.96
CA ASN D 51 25.44 -28.47 5.44
C ASN D 51 24.94 -28.89 6.82
N TYR D 52 25.87 -29.30 7.66
CA TYR D 52 25.58 -29.74 9.04
C TYR D 52 26.02 -28.72 10.08
N SER D 53 25.10 -28.36 10.96
CA SER D 53 25.36 -27.34 12.01
C SER D 53 25.02 -27.83 13.40
N GLY D 54 25.08 -29.13 13.56
CA GLY D 54 24.73 -29.77 14.84
C GLY D 54 25.71 -29.39 15.92
N PRO D 55 25.49 -29.88 17.15
CA PRO D 55 26.36 -29.56 18.29
C PRO D 55 27.82 -29.93 18.03
N GLU D 56 28.02 -31.10 17.45
CA GLU D 56 29.36 -31.56 17.09
C GLU D 56 30.13 -30.50 16.28
N ALA D 57 29.43 -29.91 15.32
CA ALA D 57 30.04 -28.90 14.42
C ALA D 57 30.48 -27.65 15.20
N VAL D 58 29.61 -27.20 16.09
CA VAL D 58 29.92 -26.02 16.91
C VAL D 58 31.12 -26.34 17.82
N ASP D 59 31.05 -27.50 18.43
CA ASP D 59 32.11 -27.96 19.33
C ASP D 59 33.46 -27.95 18.59
N CYS D 60 33.46 -28.64 17.47
CA CYS D 60 34.69 -28.75 16.66
C CYS D 60 35.23 -27.38 16.28
N ASN D 61 34.39 -26.56 15.68
CA ASN D 61 34.84 -25.20 15.27
C ASN D 61 35.38 -24.37 16.44
N GLU D 62 34.63 -24.39 17.52
CA GLU D 62 35.05 -23.73 18.76
C GLU D 62 36.46 -24.17 19.18
N ARG D 63 36.61 -25.47 19.36
CA ARG D 63 37.89 -26.03 19.79
C ARG D 63 39.01 -25.67 18.81
N ILE D 64 38.70 -25.71 17.53
CA ILE D 64 39.70 -25.36 16.51
C ILE D 64 40.15 -23.91 16.70
N VAL D 65 39.19 -23.02 16.85
CA VAL D 65 39.50 -21.60 17.13
C VAL D 65 40.44 -21.50 18.34
N ARG D 66 40.04 -22.14 19.43
CA ARG D 66 40.87 -22.16 20.65
C ARG D 66 42.31 -22.59 20.33
N ILE D 67 42.43 -23.70 19.63
CA ILE D 67 43.75 -24.22 19.23
C ILE D 67 44.55 -23.18 18.46
N HIS D 68 43.93 -22.58 17.47
CA HIS D 68 44.60 -21.52 16.71
C HIS D 68 45.14 -20.44 17.65
N LEU D 69 44.28 -20.01 18.55
CA LEU D 69 44.66 -19.00 19.55
C LEU D 69 45.89 -19.44 20.34
N LEU D 70 45.87 -20.67 20.82
CA LEU D 70 47.04 -21.24 21.53
C LEU D 70 48.30 -21.23 20.66
N ILE D 71 48.09 -21.62 19.41
CA ILE D 71 49.21 -21.69 18.44
C ILE D 71 49.84 -20.33 18.25
N LEU D 72 49.04 -19.30 18.15
CA LEU D 72 49.58 -17.94 18.02
C LEU D 72 50.66 -17.68 19.06
N HIS D 73 50.29 -17.88 20.31
CA HIS D 73 51.25 -17.66 21.43
C HIS D 73 52.46 -18.58 21.33
N ILE D 74 52.21 -19.87 21.24
CA ILE D 74 53.32 -20.83 21.20
C ILE D 74 54.25 -20.53 20.03
N MET D 75 53.64 -20.25 18.88
CA MET D 75 54.45 -19.94 17.70
C MET D 75 55.28 -18.70 17.92
N VAL D 76 54.64 -17.69 18.46
CA VAL D 76 55.28 -16.38 18.71
C VAL D 76 56.41 -16.43 19.74
N LYS D 77 56.18 -17.15 20.82
CA LYS D 77 57.17 -17.27 21.89
C LYS D 77 58.46 -17.93 21.38
N SER D 78 58.28 -18.98 20.60
CA SER D 78 59.41 -19.72 20.02
C SER D 78 60.06 -18.89 18.92
N ASN D 79 61.35 -19.02 18.79
CA ASN D 79 62.07 -18.32 17.72
C ASN D 79 61.92 -19.15 16.45
N VAL D 80 60.69 -19.19 15.97
CA VAL D 80 60.32 -19.95 14.77
C VAL D 80 59.88 -19.00 13.66
N GLU D 81 60.50 -19.18 12.50
CA GLU D 81 60.17 -18.36 11.34
C GLU D 81 59.11 -19.06 10.49
N PHE D 82 57.93 -18.49 10.53
CA PHE D 82 56.77 -18.99 9.79
C PHE D 82 55.80 -17.84 9.58
N SER D 83 54.89 -18.01 8.64
CA SER D 83 53.89 -16.98 8.36
C SER D 83 52.58 -17.34 9.04
N LEU D 84 52.17 -16.48 9.94
CA LEU D 84 50.93 -16.68 10.72
C LEU D 84 49.70 -16.19 9.98
N GLN D 85 49.91 -15.50 8.88
CA GLN D 85 48.79 -14.96 8.12
C GLN D 85 47.75 -16.05 7.89
N GLN D 86 48.24 -17.23 7.53
CA GLN D 86 47.35 -18.37 7.26
C GLN D 86 46.64 -18.78 8.55
N GLU D 87 47.38 -18.74 9.64
CA GLU D 87 46.85 -19.08 10.97
C GLU D 87 45.72 -18.11 11.35
N LEU D 88 46.04 -16.83 11.28
CA LEU D 88 45.06 -15.76 11.52
C LEU D 88 43.86 -15.90 10.60
N GLU D 89 44.14 -16.16 9.34
CA GLU D 89 43.09 -16.30 8.33
C GLU D 89 42.11 -17.43 8.71
N GLN D 90 42.65 -18.60 8.93
CA GLN D 90 41.86 -19.76 9.32
C GLN D 90 41.08 -19.51 10.61
N LEU D 91 41.75 -18.86 11.53
CA LEU D 91 41.10 -18.38 12.77
C LEU D 91 39.83 -17.58 12.42
N HIS D 92 40.04 -16.56 11.61
CA HIS D 92 38.95 -15.68 11.16
C HIS D 92 37.79 -16.47 10.52
N LYS D 93 38.15 -17.31 9.57
CA LYS D 93 37.14 -18.14 8.88
C LYS D 93 36.33 -18.98 9.87
N SER D 94 37.03 -19.69 10.72
CA SER D 94 36.36 -20.47 11.77
C SER D 94 35.39 -19.60 12.55
N LEU D 95 35.87 -18.40 12.87
CA LEU D 95 35.02 -17.41 13.59
C LEU D 95 33.73 -17.02 12.82
N ILE D 96 33.88 -16.65 11.57
CA ILE D 96 32.68 -16.27 10.76
C ILE D 96 31.68 -17.42 10.65
N THR D 97 32.20 -18.61 10.36
CA THR D 97 31.36 -19.80 10.25
C THR D 97 30.64 -20.05 11.59
N LEU D 98 31.38 -19.93 12.65
CA LEU D 98 30.82 -20.05 14.01
C LEU D 98 29.67 -19.06 14.21
N SER D 99 29.91 -17.83 13.83
CA SER D 99 28.87 -16.79 13.91
C SER D 99 27.59 -17.25 13.18
N GLU D 100 27.76 -17.60 11.91
CA GLU D 100 26.64 -18.13 11.12
C GLU D 100 25.87 -19.18 11.94
N ILE D 101 26.59 -20.22 12.32
CA ILE D 101 26.00 -21.34 13.07
C ILE D 101 25.21 -20.86 14.30
N TYR D 102 25.83 -19.97 15.04
CA TYR D 102 25.17 -19.38 16.23
C TYR D 102 23.82 -18.77 15.85
N ASP D 103 23.86 -17.92 14.83
CA ASP D 103 22.62 -17.26 14.35
C ASP D 103 21.56 -18.29 13.96
N ASP D 104 21.96 -19.22 13.10
CA ASP D 104 21.06 -20.31 12.67
C ASP D 104 20.41 -20.98 13.87
N VAL D 105 21.24 -21.47 14.76
CA VAL D 105 20.75 -22.14 15.98
C VAL D 105 19.77 -21.24 16.73
N ARG D 106 20.09 -19.97 16.81
CA ARG D 106 19.23 -19.01 17.50
C ARG D 106 17.85 -18.95 16.87
N SER D 107 17.84 -18.80 15.56
CA SER D 107 16.56 -18.71 14.81
C SER D 107 15.69 -19.97 15.00
N SER D 108 16.34 -21.08 15.27
CA SER D 108 15.66 -22.36 15.52
C SER D 108 15.26 -22.54 16.99
N GLY D 109 15.26 -21.44 17.71
CA GLY D 109 14.93 -21.43 19.17
C GLY D 109 15.94 -22.18 20.03
N GLY D 110 17.07 -22.52 19.44
CA GLY D 110 18.11 -23.29 20.11
C GLY D 110 19.10 -22.44 20.91
N THR D 111 20.06 -23.11 21.51
CA THR D 111 21.08 -22.45 22.36
C THR D 111 22.45 -23.08 22.17
N CYS D 112 23.45 -22.23 22.17
CA CYS D 112 24.85 -22.66 22.21
C CYS D 112 25.48 -22.06 23.47
N PRO D 113 26.00 -22.91 24.35
CA PRO D 113 26.40 -22.44 25.68
C PRO D 113 27.71 -21.66 25.69
N ASN D 114 28.44 -21.71 24.59
CA ASN D 114 29.75 -21.04 24.50
C ASN D 114 29.77 -19.86 23.54
N GLU D 115 28.61 -19.36 23.21
CA GLU D 115 28.50 -18.31 22.19
C GLU D 115 29.25 -17.03 22.59
N ALA D 116 28.98 -16.55 23.79
CA ALA D 116 29.63 -15.31 24.28
C ALA D 116 31.13 -15.32 23.99
N GLU D 117 31.78 -16.37 24.50
CA GLU D 117 33.23 -16.55 24.35
C GLU D 117 33.71 -16.26 22.92
N PHE D 118 33.07 -16.90 21.98
CA PHE D 118 33.51 -16.81 20.58
C PHE D 118 33.00 -15.55 19.88
N ARG D 119 31.95 -14.96 20.45
CA ARG D 119 31.55 -13.60 20.04
C ARG D 119 32.67 -12.62 20.40
N ALA D 120 33.20 -12.81 21.58
CA ALA D 120 34.35 -11.99 22.07
C ALA D 120 35.58 -12.21 21.16
N TYR D 121 35.97 -13.46 21.01
CA TYR D 121 37.04 -13.80 20.08
C TYR D 121 36.79 -13.07 18.75
N ALA D 122 35.57 -13.21 18.26
CA ALA D 122 35.17 -12.54 17.00
C ALA D 122 35.44 -11.04 17.08
N LEU D 123 35.07 -10.45 18.20
CA LEU D 123 35.30 -9.01 18.44
C LEU D 123 36.79 -8.66 18.41
N LEU D 124 37.61 -9.59 18.85
CA LEU D 124 39.09 -9.38 18.88
C LEU D 124 39.79 -9.55 17.52
N SER D 125 39.16 -10.23 16.58
CA SER D 125 39.85 -10.60 15.31
C SER D 125 40.10 -9.41 14.39
N LYS D 126 39.09 -8.57 14.26
CA LYS D 126 39.22 -7.30 13.52
C LYS D 126 39.01 -6.15 14.48
N ILE D 127 40.06 -5.82 15.22
CA ILE D 127 39.96 -4.96 16.42
C ILE D 127 39.57 -3.53 16.11
N ARG D 128 39.78 -3.10 14.89
CA ARG D 128 39.52 -1.69 14.50
C ARG D 128 38.35 -1.55 13.52
N ASP D 129 37.83 -2.68 13.10
CA ASP D 129 36.72 -2.72 12.12
C ASP D 129 35.39 -2.48 12.84
N PRO D 130 34.66 -1.43 12.47
CA PRO D 130 33.44 -1.06 13.18
C PRO D 130 32.27 -2.01 12.97
N GLN D 131 32.28 -2.73 11.85
CA GLN D 131 31.20 -3.68 11.54
C GLN D 131 30.94 -4.66 12.68
N TYR D 132 32.00 -5.04 13.34
CA TYR D 132 31.90 -6.00 14.45
C TYR D 132 31.17 -5.39 15.65
N ASP D 133 31.20 -4.08 15.72
CA ASP D 133 30.52 -3.35 16.79
C ASP D 133 29.05 -3.22 16.47
N GLU D 134 28.79 -2.93 15.21
CA GLU D 134 27.44 -2.90 14.67
C GLU D 134 26.73 -4.22 15.02
N ASN D 135 27.43 -5.28 14.74
CA ASN D 135 26.91 -6.64 14.92
C ASN D 135 26.58 -6.96 16.38
N ILE D 136 27.57 -6.81 17.22
CA ILE D 136 27.48 -7.23 18.63
C ILE D 136 26.34 -6.53 19.38
N GLN D 137 25.95 -5.34 18.92
CA GLN D 137 24.86 -4.58 19.57
C GLN D 137 23.48 -5.21 19.31
N ARG D 138 23.43 -6.00 18.25
CA ARG D 138 22.20 -6.65 17.80
C ARG D 138 21.85 -7.90 18.65
N LEU D 139 22.87 -8.57 19.11
CA LEU D 139 22.69 -9.83 19.87
C LEU D 139 21.92 -9.60 21.16
N PRO D 140 21.34 -10.66 21.73
CA PRO D 140 20.54 -10.56 22.94
C PRO D 140 21.30 -9.96 24.10
N LYS D 141 20.55 -9.38 25.01
CA LYS D 141 21.08 -8.78 26.23
C LYS D 141 22.07 -9.71 26.93
N HIS D 142 21.64 -10.93 27.20
CA HIS D 142 22.43 -11.86 28.03
C HIS D 142 23.79 -12.18 27.41
N ILE D 143 23.87 -12.06 26.09
CA ILE D 143 25.17 -12.24 25.40
C ILE D 143 26.03 -10.97 25.47
N PHE D 144 25.42 -9.87 25.13
CA PHE D 144 26.07 -8.56 25.15
C PHE D 144 26.61 -8.26 26.53
N GLN D 145 25.84 -8.61 27.54
CA GLN D 145 26.19 -8.31 28.94
C GLN D 145 27.17 -9.34 29.52
N ASP D 146 27.49 -10.34 28.72
CA ASP D 146 28.44 -11.38 29.15
C ASP D 146 29.83 -10.80 29.37
N LYS D 147 30.45 -11.23 30.44
CA LYS D 147 31.78 -10.69 30.87
C LYS D 147 32.81 -10.70 29.73
N LEU D 148 32.99 -11.84 29.11
CA LEU D 148 33.96 -11.97 27.99
C LEU D 148 33.71 -10.90 26.92
N VAL D 149 32.48 -10.79 26.50
CA VAL D 149 32.09 -9.80 25.49
C VAL D 149 32.39 -8.38 25.97
N GLN D 150 32.01 -8.12 27.20
CA GLN D 150 32.29 -6.82 27.84
C GLN D 150 33.78 -6.45 27.74
N MET D 151 34.61 -7.37 28.20
CA MET D 151 36.06 -7.16 28.15
C MET D 151 36.49 -6.90 26.70
N ALA D 152 36.05 -7.78 25.83
CA ALA D 152 36.38 -7.62 24.40
C ALA D 152 36.12 -6.17 23.96
N LEU D 153 34.95 -5.69 24.31
CA LEU D 153 34.56 -4.29 23.99
C LEU D 153 35.53 -3.27 24.61
N CYS D 154 35.75 -3.42 25.90
CA CYS D 154 36.73 -2.59 26.61
C CYS D 154 38.01 -2.48 25.78
N PHE D 155 38.58 -3.63 25.48
CA PHE D 155 39.81 -3.68 24.65
C PHE D 155 39.64 -2.89 23.35
N ARG D 156 38.62 -3.25 22.61
CA ARG D 156 38.36 -2.56 21.34
C ARG D 156 38.41 -1.03 21.53
N ARG D 157 37.80 -0.57 22.61
CA ARG D 157 37.74 0.87 22.97
C ARG D 157 39.07 1.52 23.39
N VAL D 158 39.82 0.83 24.25
CA VAL D 158 41.15 1.31 24.69
C VAL D 158 42.18 1.28 23.58
N ILE D 159 42.06 0.30 22.72
CA ILE D 159 42.96 0.10 21.58
C ILE D 159 42.84 1.22 20.52
N SER D 160 41.66 1.72 20.33
CA SER D 160 41.38 2.68 19.25
C SER D 160 42.24 3.91 19.28
N ASN D 161 42.74 4.23 18.09
CA ASN D 161 43.64 5.40 17.90
C ASN D 161 43.12 6.26 16.76
N SER D 162 43.02 7.55 17.03
CA SER D 162 42.54 8.51 16.01
C SER D 162 43.57 8.79 14.91
N ALA D 163 44.79 8.37 15.18
CA ALA D 163 45.95 8.62 14.29
C ALA D 163 46.42 7.37 13.58
N TYR D 164 45.77 6.26 13.88
CA TYR D 164 46.15 4.97 13.25
C TYR D 164 46.20 5.11 11.72
N THR D 165 47.38 5.01 11.17
CA THR D 165 47.57 5.15 9.72
C THR D 165 47.87 3.81 9.04
N GLU D 166 47.03 3.48 8.08
CA GLU D 166 47.18 2.25 7.29
C GLU D 166 46.39 2.39 6.01
N ARG D 167 46.96 1.88 4.94
CA ARG D 167 46.33 1.96 3.61
C ARG D 167 44.88 1.44 3.63
N GLY D 168 43.97 2.36 3.37
CA GLY D 168 42.54 2.04 3.24
C GLY D 168 41.75 2.11 4.54
N PHE D 169 42.39 2.66 5.55
CA PHE D 169 41.75 2.78 6.88
C PHE D 169 41.38 4.23 7.17
N VAL D 170 40.10 4.48 7.35
CA VAL D 170 39.60 5.85 7.63
C VAL D 170 39.61 6.13 9.15
N LYS D 171 40.42 7.10 9.52
CA LYS D 171 40.52 7.53 10.92
C LYS D 171 39.20 8.14 11.38
N THR D 172 38.87 7.91 12.63
CA THR D 172 37.61 8.43 13.21
C THR D 172 37.89 9.33 14.42
N GLU D 173 36.87 10.00 14.88
CA GLU D 173 37.01 11.06 15.90
C GLU D 173 37.19 10.55 17.33
N ASN D 174 37.95 11.29 18.11
CA ASN D 174 37.97 11.17 19.58
C ASN D 174 38.35 9.80 20.13
N CYS D 175 39.25 9.12 19.47
CA CYS D 175 39.67 7.77 19.91
C CYS D 175 40.53 7.88 21.18
N LEU D 176 40.32 6.94 22.07
CA LEU D 176 40.92 6.95 23.41
C LEU D 176 42.45 6.79 23.37
N ASN D 177 42.88 5.79 22.64
CA ASN D 177 44.31 5.42 22.61
C ASN D 177 44.84 5.21 24.03
N PHE D 178 44.13 4.36 24.76
CA PHE D 178 44.48 4.06 26.16
C PHE D 178 45.41 2.85 26.28
N TYR D 179 46.66 3.01 25.87
CA TYR D 179 47.66 1.96 26.02
C TYR D 179 47.81 1.51 27.48
N ALA D 180 47.81 2.47 28.36
CA ALA D 180 47.92 2.22 29.81
C ALA D 180 46.88 1.17 30.24
N ARG D 181 45.64 1.50 29.95
CA ARG D 181 44.53 0.61 30.33
C ARG D 181 44.67 -0.74 29.65
N PHE D 182 45.08 -0.71 28.39
CA PHE D 182 45.28 -1.95 27.66
C PHE D 182 46.21 -2.87 28.46
N PHE D 183 47.37 -2.36 28.76
CA PHE D 183 48.38 -3.15 29.47
C PHE D 183 47.91 -3.56 30.87
N GLN D 184 47.15 -2.68 31.50
CA GLN D 184 46.57 -3.02 32.82
C GLN D 184 45.62 -4.21 32.69
N LEU D 185 44.75 -4.14 31.69
CA LEU D 185 43.73 -5.19 31.42
C LEU D 185 44.41 -6.51 31.12
N MET D 186 45.40 -6.45 30.23
CA MET D 186 46.18 -7.65 29.85
C MET D 186 46.72 -8.39 31.09
N GLN D 187 47.06 -7.63 32.11
CA GLN D 187 47.66 -8.22 33.33
C GLN D 187 46.64 -8.69 34.37
N SER D 188 45.37 -8.50 34.06
CA SER D 188 44.29 -8.83 34.98
C SER D 188 44.12 -10.35 35.09
N PRO D 189 43.81 -10.86 36.29
CA PRO D 189 43.57 -12.28 36.45
C PRO D 189 42.22 -12.70 35.91
N SER D 190 41.41 -11.72 35.56
CA SER D 190 40.06 -11.97 35.04
C SER D 190 40.09 -12.21 33.53
N LEU D 191 41.13 -11.75 32.89
CA LEU D 191 41.29 -11.90 31.45
C LEU D 191 41.58 -13.37 31.10
N PRO D 192 40.67 -14.01 30.34
CA PRO D 192 40.93 -15.36 29.90
C PRO D 192 42.19 -15.43 29.03
N LEU D 193 42.95 -16.47 29.24
CA LEU D 193 44.25 -16.63 28.59
C LEU D 193 44.17 -16.57 27.06
N LEU D 194 43.23 -17.30 26.49
CA LEU D 194 43.11 -17.36 25.02
C LEU D 194 42.92 -15.96 24.44
N MET D 195 42.12 -15.16 25.16
CA MET D 195 41.88 -13.77 24.74
C MET D 195 43.18 -12.99 24.72
N GLY D 196 43.93 -13.17 25.78
CA GLY D 196 45.27 -12.55 25.89
C GLY D 196 46.11 -12.93 24.68
N PHE D 197 46.21 -14.24 24.48
CA PHE D 197 46.97 -14.77 23.32
C PHE D 197 46.55 -14.03 22.05
N PHE D 198 45.26 -13.91 21.86
CA PHE D 198 44.74 -13.26 20.67
C PHE D 198 45.13 -11.77 20.60
N LEU D 199 45.06 -11.11 21.74
CA LEU D 199 45.32 -9.67 21.82
C LEU D 199 46.79 -9.30 21.66
N GLN D 200 47.66 -10.19 22.11
CA GLN D 200 49.13 -10.00 21.95
C GLN D 200 49.54 -9.59 20.53
N MET D 201 48.70 -9.93 19.57
CA MET D 201 48.98 -9.66 18.15
C MET D 201 49.07 -8.16 17.86
N HIS D 202 48.63 -7.34 18.79
CA HIS D 202 48.59 -5.87 18.56
C HIS D 202 49.64 -5.08 19.37
N LEU D 203 50.51 -5.81 20.03
CA LEU D 203 51.55 -5.22 20.85
C LEU D 203 52.34 -4.15 20.07
N THR D 204 52.80 -4.54 18.90
CA THR D 204 53.65 -3.64 18.08
C THR D 204 52.98 -2.29 17.83
N ASP D 205 51.84 -2.33 17.17
CA ASP D 205 51.11 -1.09 16.82
C ASP D 205 50.70 -0.30 18.06
N ILE D 206 50.17 -1.01 19.05
CA ILE D 206 49.77 -0.35 20.30
C ILE D 206 50.95 0.46 20.85
N ARG D 207 52.06 -0.23 21.01
CA ARG D 207 53.28 0.37 21.53
C ARG D 207 53.74 1.54 20.68
N PHE D 208 53.79 1.30 19.37
CA PHE D 208 54.23 2.34 18.41
C PHE D 208 53.45 3.63 18.63
N TYR D 209 52.14 3.51 18.54
CA TYR D 209 51.27 4.71 18.63
C TYR D 209 51.28 5.32 20.04
N ALA D 210 51.46 4.47 21.03
CA ALA D 210 51.65 4.95 22.41
C ALA D 210 52.87 5.91 22.45
N LEU D 211 53.98 5.37 22.04
CA LEU D 211 55.25 6.11 22.02
C LEU D 211 55.11 7.41 21.22
N ARG D 212 54.64 7.31 20.00
CA ARG D 212 54.50 8.49 19.14
C ARG D 212 53.60 9.53 19.83
N ALA D 213 52.46 9.07 20.30
CA ALA D 213 51.50 9.93 21.01
C ALA D 213 52.23 10.69 22.11
N LEU D 214 52.96 9.95 22.93
CA LEU D 214 53.71 10.57 24.03
C LEU D 214 54.70 11.59 23.48
N SER D 215 55.41 11.21 22.44
CA SER D 215 56.47 12.07 21.87
C SER D 215 55.91 13.41 21.43
N HIS D 216 54.74 13.39 20.85
CA HIS D 216 54.06 14.62 20.40
C HIS D 216 53.85 15.63 21.53
N THR D 217 53.88 15.17 22.78
CA THR D 217 53.55 16.04 23.93
C THR D 217 54.78 16.63 24.61
N LEU D 218 55.92 16.05 24.33
CA LEU D 218 57.19 16.52 24.91
C LEU D 218 57.62 17.83 24.24
N ASN D 219 58.28 18.67 25.00
CA ASN D 219 58.86 19.91 24.46
C ASN D 219 60.19 19.61 23.74
N LYS D 220 60.52 20.46 22.78
CA LYS D 220 61.73 20.26 21.93
C LYS D 220 62.99 19.97 22.75
N LYS D 221 63.12 20.69 23.84
CA LYS D 221 64.35 20.61 24.68
C LYS D 221 64.37 19.42 25.62
N HIS D 222 63.31 18.64 25.62
CA HIS D 222 63.14 17.54 26.58
C HIS D 222 64.22 16.47 26.42
N LYS D 223 64.69 15.99 27.54
CA LYS D 223 65.70 14.93 27.56
C LYS D 223 65.09 13.60 27.12
N PRO D 224 65.92 12.63 26.73
CA PRO D 224 65.41 11.31 26.40
C PRO D 224 64.71 10.68 27.59
N ILE D 225 63.78 9.78 27.31
CA ILE D 225 63.06 9.08 28.39
C ILE D 225 63.82 7.82 28.78
N PRO D 226 63.96 7.57 30.08
CA PRO D 226 64.66 6.40 30.57
C PRO D 226 64.00 5.09 30.11
N PHE D 227 64.79 4.05 29.99
CA PHE D 227 64.29 2.75 29.53
C PHE D 227 63.25 2.18 30.49
N ILE D 228 63.58 2.16 31.76
CA ILE D 228 62.69 1.58 32.78
C ILE D 228 61.26 2.13 32.61
N TYR D 229 61.18 3.43 32.50
CA TYR D 229 59.88 4.09 32.35
C TYR D 229 59.15 3.58 31.13
N LEU D 230 59.85 3.56 30.00
CA LEU D 230 59.25 3.07 28.73
C LEU D 230 58.91 1.57 28.80
N GLU D 231 59.71 0.83 29.53
CA GLU D 231 59.47 -0.60 29.71
C GLU D 231 58.22 -0.82 30.52
N ASN D 232 58.02 0.02 31.51
CA ASN D 232 56.80 -0.01 32.30
C ASN D 232 55.60 0.49 31.51
N MET D 233 55.82 1.55 30.75
CA MET D 233 54.74 2.17 29.96
C MET D 233 54.16 1.18 28.95
N LEU D 234 55.04 0.41 28.36
CA LEU D 234 54.69 -0.52 27.27
C LEU D 234 54.86 -1.99 27.66
N LEU D 235 54.99 -2.21 28.96
CA LEU D 235 55.08 -3.56 29.55
C LEU D 235 56.01 -4.49 28.74
N PHE D 236 57.16 -3.97 28.35
CA PHE D 236 58.21 -4.79 27.70
C PHE D 236 58.73 -5.83 28.68
N ASN D 237 59.14 -6.98 28.16
CA ASN D 237 59.64 -8.07 29.02
C ASN D 237 61.03 -7.78 29.56
N ASN D 238 61.85 -7.17 28.73
CA ASN D 238 63.23 -6.84 29.09
C ASN D 238 63.88 -5.83 28.15
N ARG D 239 65.06 -5.38 28.51
CA ARG D 239 65.76 -4.31 27.78
C ARG D 239 65.95 -4.66 26.29
N GLN D 240 66.22 -5.93 26.07
CA GLN D 240 66.50 -6.38 24.71
C GLN D 240 65.36 -5.99 23.78
N GLU D 241 64.15 -6.25 24.24
CA GLU D 241 62.94 -5.95 23.46
C GLU D 241 62.84 -4.48 23.08
N ILE D 242 63.17 -3.62 24.03
CA ILE D 242 63.06 -2.17 23.77
C ILE D 242 64.19 -1.67 22.86
N ILE D 243 65.39 -2.19 23.04
CA ILE D 243 66.49 -1.82 22.11
C ILE D 243 66.15 -2.31 20.71
N GLU D 244 65.62 -3.50 20.61
CA GLU D 244 65.15 -4.04 19.30
C GLU D 244 64.07 -3.15 18.70
N PHE D 245 63.09 -2.84 19.51
CA PHE D 245 61.97 -1.98 19.10
C PHE D 245 62.44 -0.62 18.62
N CYS D 246 63.32 -0.01 19.40
CA CYS D 246 63.86 1.32 19.05
C CYS D 246 64.67 1.21 17.76
N ASN D 247 65.49 0.17 17.71
CA ASN D 247 66.30 -0.10 16.52
C ASN D 247 65.41 -0.10 15.28
N TYR D 248 64.38 -0.91 15.34
CA TYR D 248 63.46 -1.08 14.21
C TYR D 248 62.88 0.25 13.70
N TYR D 249 62.41 1.07 14.62
CA TYR D 249 61.73 2.32 14.26
C TYR D 249 62.64 3.54 14.23
N SER D 250 63.93 3.29 14.17
CA SER D 250 64.92 4.37 14.10
C SER D 250 64.71 5.41 15.20
N ILE D 251 64.64 4.91 16.42
CA ILE D 251 64.62 5.74 17.64
C ILE D 251 66.01 5.67 18.24
N GLU D 252 66.67 6.81 18.33
CA GLU D 252 68.02 6.86 18.89
C GLU D 252 68.03 6.58 20.37
N ILE D 253 68.99 5.77 20.78
CA ILE D 253 69.22 5.41 22.18
C ILE D 253 70.43 6.13 22.75
N ILE D 254 70.25 6.79 23.88
CA ILE D 254 71.36 7.54 24.49
C ILE D 254 71.87 6.83 25.75
N ASN D 255 73.16 6.57 25.79
CA ASN D 255 73.81 5.94 26.96
C ASN D 255 73.38 4.50 27.20
N GLY D 256 72.56 3.98 26.30
CA GLY D 256 72.08 2.59 26.39
C GLY D 256 71.08 2.37 27.49
N ASP D 257 70.53 3.46 28.00
CA ASP D 257 69.50 3.38 29.07
C ASP D 257 68.38 4.38 28.90
N ALA D 258 68.34 5.02 27.75
CA ALA D 258 67.29 6.02 27.44
C ALA D 258 67.03 6.10 25.95
N ALA D 259 65.85 6.57 25.61
CA ALA D 259 65.43 6.72 24.21
C ALA D 259 64.94 8.14 23.96
N ASP D 260 65.45 8.75 22.91
CA ASP D 260 65.10 10.14 22.56
C ASP D 260 63.93 10.11 21.60
N LEU D 261 62.75 10.26 22.14
CA LEU D 261 61.48 10.04 21.37
C LEU D 261 61.26 11.06 20.26
N LYS D 262 62.08 12.08 20.19
CA LYS D 262 61.93 13.11 19.15
C LYS D 262 62.46 12.62 17.80
N THR D 263 63.25 11.56 17.85
CA THR D 263 63.83 10.97 16.65
C THR D 263 62.88 9.97 15.99
N LEU D 264 61.81 9.65 16.69
CA LEU D 264 60.74 8.81 16.16
C LEU D 264 59.99 9.59 15.08
N GLN D 265 60.38 9.37 13.85
CA GLN D 265 59.77 10.07 12.72
C GLN D 265 59.23 9.07 11.69
N HIS D 266 57.96 8.72 11.84
CA HIS D 266 57.29 7.77 10.93
C HIS D 266 55.80 8.05 10.77
N TYR D 267 55.39 8.23 9.55
CA TYR D 267 53.95 8.42 9.22
C TYR D 267 53.08 7.30 9.77
N SER D 268 53.52 6.09 9.52
CA SER D 268 52.81 4.88 9.95
C SER D 268 53.68 3.91 10.73
N HIS D 269 53.01 2.98 11.39
CA HIS D 269 53.69 1.91 12.13
C HIS D 269 54.17 0.83 11.17
N LYS D 270 53.60 0.85 9.99
CA LYS D 270 54.00 -0.09 8.91
C LYS D 270 55.05 0.57 8.03
N LEU D 271 56.19 -0.09 7.91
CA LEU D 271 57.30 0.43 7.08
C LEU D 271 57.25 -0.17 5.68
N SER D 272 57.36 0.71 4.69
CA SER D 272 57.03 0.34 3.30
C SER D 272 57.93 -0.75 2.72
N GLU D 273 59.22 -0.58 2.90
CA GLU D 273 60.20 -1.46 2.26
C GLU D 273 60.74 -2.56 3.18
N THR D 274 60.18 -2.65 4.36
CA THR D 274 60.72 -3.55 5.39
C THR D 274 59.71 -4.57 5.88
N GLN D 275 60.24 -5.74 6.23
CA GLN D 275 59.45 -6.80 6.85
C GLN D 275 59.02 -6.38 8.25
N PRO D 276 57.80 -6.74 8.65
CA PRO D 276 57.29 -6.39 9.98
C PRO D 276 58.19 -6.88 11.12
N LEU D 277 58.23 -6.08 12.17
CA LEU D 277 58.94 -6.44 13.40
C LEU D 277 58.36 -7.72 13.97
N LYS D 278 59.22 -8.60 14.44
CA LYS D 278 58.79 -9.89 15.00
C LYS D 278 57.77 -9.69 16.11
N LYS D 279 56.71 -10.47 16.08
CA LYS D 279 55.69 -10.43 17.13
C LYS D 279 56.32 -10.75 18.48
N THR D 280 55.66 -10.26 19.52
CA THR D 280 56.09 -10.42 20.92
C THR D 280 54.97 -10.93 21.82
N TYR D 281 55.32 -11.34 23.01
CA TYR D 281 54.37 -11.83 24.00
C TYR D 281 54.56 -11.16 25.37
N LEU D 282 53.59 -11.33 26.24
CA LEU D 282 53.66 -10.86 27.62
C LEU D 282 54.04 -12.00 28.56
N THR D 283 55.02 -11.74 29.40
CA THR D 283 55.53 -12.76 30.31
C THR D 283 54.43 -13.32 31.22
N CYS D 284 53.56 -12.43 31.69
CA CYS D 284 52.45 -12.85 32.60
C CYS D 284 51.61 -13.97 31.97
N LEU D 285 51.30 -13.78 30.71
CA LEU D 285 50.50 -14.76 29.96
C LEU D 285 51.23 -16.09 29.84
N GLU D 286 52.50 -16.01 29.55
CA GLU D 286 53.37 -17.21 29.46
C GLU D 286 53.35 -17.96 30.79
N ARG D 287 53.61 -17.21 31.83
CA ARG D 287 53.66 -17.75 33.19
C ARG D 287 52.36 -18.45 33.50
N ARG D 288 51.26 -17.79 33.14
CA ARG D 288 49.93 -18.38 33.35
C ARG D 288 49.77 -19.65 32.54
N LEU D 289 50.24 -19.60 31.31
CA LEU D 289 50.17 -20.79 30.42
C LEU D 289 50.85 -21.97 31.09
N GLN D 290 52.05 -21.73 31.56
CA GLN D 290 52.89 -22.79 32.19
C GLN D 290 52.23 -23.43 33.42
N LYS D 291 51.31 -22.72 34.02
CA LYS D 291 50.60 -23.22 35.22
C LYS D 291 49.29 -23.95 34.87
N THR D 292 49.07 -24.14 33.58
CA THR D 292 47.91 -24.89 33.08
C THR D 292 48.31 -25.84 31.94
N THR D 293 47.37 -26.67 31.52
CA THR D 293 47.63 -27.62 30.44
C THR D 293 46.99 -27.15 29.14
N TYR D 294 47.58 -27.55 28.01
CA TYR D 294 47.02 -27.23 26.69
C TYR D 294 45.60 -27.80 26.53
N LYS D 295 45.52 -29.08 26.82
CA LYS D 295 44.27 -29.83 26.72
C LYS D 295 43.17 -29.12 27.51
N GLY D 296 43.51 -28.77 28.74
CA GLY D 296 42.55 -28.12 29.65
C GLY D 296 42.05 -26.80 29.09
N LEU D 297 42.96 -26.08 28.49
CA LEU D 297 42.68 -24.78 27.83
C LEU D 297 41.77 -24.91 26.62
N ILE D 298 42.05 -25.90 25.79
CA ILE D 298 41.28 -26.16 24.56
C ILE D 298 39.89 -26.76 24.84
N ASN D 299 39.78 -27.53 25.91
CA ASN D 299 38.49 -28.15 26.30
C ASN D 299 37.75 -27.36 27.37
N GLY D 300 38.10 -26.09 27.50
CA GLY D 300 37.60 -25.26 28.61
C GLY D 300 36.29 -24.56 28.32
N GLY D 301 35.27 -25.36 28.09
CA GLY D 301 33.93 -24.82 27.81
C GLY D 301 32.86 -25.85 28.14
N GLU D 302 31.63 -25.47 27.89
CA GLU D 302 30.48 -26.38 28.10
C GLU D 302 30.36 -27.32 26.90
N ASP D 303 29.50 -28.31 27.01
CA ASP D 303 29.29 -29.26 25.90
C ASP D 303 27.87 -29.78 25.83
N ASP E 2 -14.30 -17.13 -21.58
CA ASP E 2 -12.89 -17.59 -21.33
C ASP E 2 -12.10 -16.46 -20.69
N MET E 3 -11.34 -16.79 -19.67
CA MET E 3 -10.65 -15.79 -18.85
C MET E 3 -9.16 -15.71 -19.16
N ALA E 4 -8.53 -16.87 -19.26
CA ALA E 4 -7.08 -16.97 -19.52
C ALA E 4 -6.66 -16.18 -20.76
N ASN E 5 -7.39 -16.40 -21.84
CA ASN E 5 -7.10 -15.72 -23.12
C ASN E 5 -7.29 -14.21 -23.03
N GLN E 6 -8.35 -13.82 -22.34
CA GLN E 6 -8.63 -12.39 -22.12
C GLN E 6 -7.44 -11.74 -21.43
N LEU E 7 -7.04 -12.34 -20.33
CA LEU E 7 -5.87 -11.87 -19.56
C LEU E 7 -4.65 -11.81 -20.47
N LEU E 8 -4.32 -12.92 -21.09
CA LEU E 8 -3.14 -13.01 -21.96
C LEU E 8 -3.20 -11.95 -23.06
N ASP E 9 -4.41 -11.63 -23.49
CA ASP E 9 -4.62 -10.54 -24.46
C ASP E 9 -4.25 -9.19 -23.86
N GLU E 10 -4.83 -8.92 -22.70
CA GLU E 10 -4.52 -7.69 -21.95
C GLU E 10 -3.00 -7.54 -21.78
N LEU E 11 -2.37 -8.60 -21.32
CA LEU E 11 -0.93 -8.59 -21.06
C LEU E 11 -0.13 -8.42 -22.35
N ALA E 12 -0.53 -9.16 -23.36
CA ALA E 12 0.13 -9.10 -24.67
C ALA E 12 0.19 -7.65 -25.19
N HIS E 13 -0.93 -6.97 -25.04
CA HIS E 13 -1.03 -5.55 -25.42
C HIS E 13 -0.45 -4.66 -24.34
N GLY E 14 -0.25 -5.25 -23.18
CA GLY E 14 0.41 -4.56 -22.06
C GLY E 14 -0.50 -3.61 -21.28
N ASN E 15 -1.71 -4.09 -21.03
CA ASN E 15 -2.67 -3.36 -20.20
C ASN E 15 -2.19 -3.38 -18.74
N PHE E 16 -2.04 -4.57 -18.21
CA PHE E 16 -1.43 -4.78 -16.86
C PHE E 16 -2.31 -4.31 -15.71
N SER E 17 -3.54 -3.96 -16.00
CA SER E 17 -4.48 -3.48 -14.96
C SER E 17 -4.87 -4.64 -14.02
N HIS E 18 -4.97 -5.82 -14.60
CA HIS E 18 -5.34 -7.03 -13.82
C HIS E 18 -4.12 -7.82 -13.36
N LEU E 19 -2.95 -7.31 -13.68
CA LEU E 19 -1.68 -7.93 -13.27
C LEU E 19 -1.25 -7.42 -11.90
N THR E 20 -1.78 -8.05 -10.86
CA THR E 20 -1.57 -7.61 -9.48
C THR E 20 -1.72 -8.75 -8.48
N LEU E 21 -0.87 -8.73 -7.46
CA LEU E 21 -0.88 -9.77 -6.42
C LEU E 21 -1.90 -9.50 -5.33
N ASN E 22 -2.32 -8.26 -5.26
CA ASN E 22 -3.36 -7.83 -4.32
C ASN E 22 -4.70 -8.46 -4.69
N LEU E 23 -5.31 -9.17 -3.77
CA LEU E 23 -6.55 -9.92 -4.03
C LEU E 23 -7.81 -9.19 -3.56
N SER E 24 -7.62 -8.12 -2.80
CA SER E 24 -8.77 -7.24 -2.45
C SER E 24 -9.48 -6.81 -3.73
N GLN E 25 -8.70 -6.29 -4.66
CA GLN E 25 -9.15 -6.07 -6.04
C GLN E 25 -8.54 -7.19 -6.88
N ASN E 26 -9.06 -7.40 -8.06
CA ASN E 26 -8.48 -8.44 -8.95
C ASN E 26 -8.77 -9.87 -8.44
N GLY E 27 -9.50 -9.96 -7.35
CA GLY E 27 -9.83 -11.23 -6.72
C GLY E 27 -10.70 -12.13 -7.58
N ARG E 28 -11.87 -11.64 -7.92
CA ARG E 28 -12.85 -12.42 -8.71
C ARG E 28 -12.20 -12.98 -9.98
N GLU E 29 -11.45 -12.11 -10.62
CA GLU E 29 -10.61 -12.48 -11.76
C GLU E 29 -9.85 -13.78 -11.47
N ILE E 30 -9.11 -13.76 -10.38
CA ILE E 30 -8.28 -14.91 -9.98
C ILE E 30 -9.15 -16.11 -9.57
N ALA E 31 -10.30 -15.81 -9.02
CA ALA E 31 -11.27 -16.88 -8.66
C ALA E 31 -11.64 -17.73 -9.90
N ILE E 32 -12.14 -17.09 -10.93
CA ILE E 32 -12.48 -17.86 -12.15
C ILE E 32 -11.29 -18.50 -12.89
N LEU E 33 -10.27 -17.68 -13.04
CA LEU E 33 -9.04 -18.04 -13.74
C LEU E 33 -8.43 -19.22 -13.03
N GLN E 34 -8.50 -19.12 -11.73
CA GLN E 34 -8.03 -20.20 -10.87
C GLN E 34 -8.91 -21.37 -11.26
N LYS E 35 -10.18 -21.07 -11.43
CA LYS E 35 -11.14 -22.15 -11.76
C LYS E 35 -10.88 -22.81 -13.11
N GLN E 36 -10.63 -22.01 -14.13
CA GLN E 36 -10.40 -22.57 -15.47
C GLN E 36 -9.16 -23.42 -15.46
N LEU E 37 -8.14 -22.87 -14.84
CA LEU E 37 -6.75 -23.42 -14.84
C LEU E 37 -6.44 -24.64 -13.98
N THR E 38 -7.40 -25.06 -13.16
CA THR E 38 -7.13 -26.12 -12.19
C THR E 38 -6.61 -27.40 -12.80
N GLY E 39 -7.21 -27.77 -13.91
CA GLY E 39 -6.81 -29.05 -14.56
C GLY E 39 -5.37 -29.09 -15.10
N PHE E 40 -4.96 -27.97 -15.64
CA PHE E 40 -3.69 -27.86 -16.43
C PHE E 40 -2.36 -28.07 -15.73
N ASP E 41 -1.50 -28.72 -16.52
CA ASP E 41 -0.08 -29.02 -16.21
C ASP E 41 0.72 -27.74 -16.33
N ASP E 42 1.93 -27.71 -15.81
CA ASP E 42 2.67 -26.45 -15.83
C ASP E 42 2.80 -25.98 -17.28
N LYS E 43 3.02 -26.94 -18.15
CA LYS E 43 3.13 -26.65 -19.59
C LYS E 43 1.86 -26.06 -20.22
N GLN E 44 0.70 -26.56 -19.85
CA GLN E 44 -0.47 -26.01 -20.48
C GLN E 44 -0.36 -24.51 -20.29
N LEU E 45 -0.01 -24.12 -19.06
CA LEU E 45 0.19 -22.70 -18.76
C LEU E 45 1.33 -22.14 -19.59
N GLU E 46 2.41 -22.88 -19.64
CA GLU E 46 3.61 -22.48 -20.39
C GLU E 46 3.39 -22.51 -21.91
N THR E 47 2.78 -23.59 -22.35
CA THR E 47 2.47 -23.78 -23.77
C THR E 47 1.52 -22.69 -24.23
N PHE E 48 0.54 -22.42 -23.40
CA PHE E 48 -0.50 -21.42 -23.72
C PHE E 48 0.07 -20.03 -23.93
N VAL E 49 1.00 -19.65 -23.08
CA VAL E 49 1.61 -18.33 -23.19
C VAL E 49 2.39 -18.19 -24.49
N GLU E 50 3.17 -19.21 -24.78
CA GLU E 50 3.98 -19.23 -26.02
C GLU E 50 3.10 -19.23 -27.27
N GLN E 51 2.06 -20.04 -27.21
CA GLN E 51 1.12 -20.20 -28.33
C GLN E 51 0.28 -18.95 -28.57
N HIS E 52 -0.07 -18.29 -27.49
CA HIS E 52 -0.97 -17.13 -27.55
C HIS E 52 -0.44 -16.09 -28.55
N PRO E 53 -1.31 -15.60 -29.43
CA PRO E 53 -0.94 -14.58 -30.41
C PRO E 53 -0.73 -13.20 -29.80
N ALA E 54 0.06 -12.40 -30.49
CA ALA E 54 0.36 -11.02 -30.08
C ALA E 54 1.42 -10.97 -28.96
N MET E 55 1.95 -12.12 -28.61
CA MET E 55 2.95 -12.21 -27.53
C MET E 55 4.29 -11.63 -27.95
N PRO E 56 4.83 -10.70 -27.15
CA PRO E 56 6.17 -10.18 -27.38
C PRO E 56 7.18 -11.31 -27.51
N ASN E 57 8.16 -11.13 -28.38
CA ASN E 57 9.21 -12.14 -28.58
C ASN E 57 10.33 -12.02 -27.53
N ASP E 58 9.93 -12.16 -26.28
CA ASP E 58 10.86 -12.09 -25.14
C ASP E 58 10.67 -13.29 -24.22
N THR E 59 11.74 -14.00 -23.97
CA THR E 59 11.71 -15.17 -23.08
C THR E 59 11.20 -14.77 -21.69
N ARG E 60 11.78 -13.70 -21.17
CA ARG E 60 11.47 -13.22 -19.81
C ARG E 60 9.99 -12.87 -19.66
N PHE E 61 9.47 -12.13 -20.62
CA PHE E 61 8.07 -11.70 -20.60
C PHE E 61 7.14 -12.93 -20.54
N LYS E 62 7.39 -13.86 -21.43
CA LYS E 62 6.65 -15.13 -21.47
C LYS E 62 6.74 -15.84 -20.11
N ILE E 63 7.96 -15.98 -19.64
CA ILE E 63 8.21 -16.58 -18.32
C ILE E 63 7.35 -15.90 -17.24
N MET E 64 7.34 -14.59 -17.31
CA MET E 64 6.58 -13.78 -16.34
C MET E 64 5.08 -14.12 -16.42
N CYS E 65 4.55 -14.03 -17.62
CA CYS E 65 3.13 -14.36 -17.85
C CYS E 65 2.79 -15.75 -17.31
N THR E 66 3.56 -16.72 -17.74
CA THR E 66 3.39 -18.12 -17.28
C THR E 66 3.43 -18.17 -15.74
N SER E 67 4.36 -17.42 -15.19
CA SER E 67 4.51 -17.33 -13.73
C SER E 67 3.21 -16.85 -13.09
N PHE E 68 2.66 -15.79 -13.65
CA PHE E 68 1.39 -15.25 -13.15
C PHE E 68 0.27 -16.30 -13.26
N LEU E 69 0.24 -16.99 -14.40
CA LEU E 69 -0.72 -18.08 -14.58
C LEU E 69 -0.59 -19.12 -13.46
N ASN E 70 0.64 -19.54 -13.22
CA ASN E 70 0.95 -20.44 -12.10
C ASN E 70 0.36 -19.91 -10.79
N TYR E 71 0.66 -18.66 -10.52
CA TYR E 71 0.10 -17.97 -9.33
C TYR E 71 -1.43 -18.15 -9.27
N ALA E 72 -2.07 -17.80 -10.37
CA ALA E 72 -3.54 -17.88 -10.47
C ALA E 72 -4.05 -19.30 -10.20
N ARG E 73 -3.36 -20.27 -10.76
CA ARG E 73 -3.74 -21.67 -10.60
C ARG E 73 -3.62 -22.14 -9.14
N ASP E 74 -2.46 -21.87 -8.56
CA ASP E 74 -2.10 -22.47 -7.25
C ASP E 74 -2.38 -21.63 -6.01
N VAL E 75 -2.74 -20.38 -6.19
CA VAL E 75 -2.89 -19.45 -5.04
C VAL E 75 -3.92 -19.94 -4.03
N ASP E 76 -3.58 -19.81 -2.77
CA ASP E 76 -4.48 -20.16 -1.66
C ASP E 76 -5.01 -18.91 -0.96
N PRO E 77 -6.32 -18.65 -1.08
CA PRO E 77 -6.93 -17.48 -0.44
C PRO E 77 -6.91 -17.51 1.08
N TRP E 78 -6.94 -18.72 1.65
CA TRP E 78 -6.99 -18.89 3.09
C TRP E 78 -5.68 -18.56 3.78
N SER E 79 -4.59 -18.63 3.04
CA SER E 79 -3.26 -18.32 3.59
C SER E 79 -2.30 -17.70 2.61
N ALA E 80 -1.85 -16.51 2.93
CA ALA E 80 -0.79 -15.79 2.15
C ALA E 80 0.50 -16.59 2.21
N TRP E 81 0.82 -17.09 3.40
CA TRP E 81 2.04 -17.86 3.59
C TRP E 81 2.10 -19.09 2.69
N SER E 82 0.96 -19.75 2.57
CA SER E 82 0.85 -21.00 1.78
C SER E 82 1.07 -20.76 0.28
N SER E 83 0.81 -19.55 -0.13
CA SER E 83 1.00 -19.15 -1.53
C SER E 83 2.23 -18.26 -1.72
N SER E 84 3.06 -18.22 -0.71
CA SER E 84 4.22 -17.30 -0.70
C SER E 84 5.21 -17.58 -1.83
N ASP E 85 5.56 -18.83 -1.99
CA ASP E 85 6.51 -19.23 -3.04
C ASP E 85 6.05 -18.75 -4.44
N LEU E 86 4.78 -18.96 -4.70
CA LEU E 86 4.16 -18.51 -5.97
C LEU E 86 4.39 -17.01 -6.14
N ILE E 87 4.07 -16.31 -5.08
CA ILE E 87 4.16 -14.84 -5.03
C ILE E 87 5.58 -14.35 -5.32
N PHE E 88 6.51 -14.86 -4.53
CA PHE E 88 7.92 -14.48 -4.67
C PHE E 88 8.45 -14.82 -6.06
N GLU E 89 8.19 -16.03 -6.51
CA GLU E 89 8.62 -16.45 -7.85
C GLU E 89 8.12 -15.42 -8.87
N PHE E 90 6.83 -15.17 -8.83
CA PHE E 90 6.24 -14.18 -9.73
C PHE E 90 6.98 -12.85 -9.66
N TYR E 91 7.15 -12.35 -8.45
CA TYR E 91 7.85 -11.06 -8.24
C TYR E 91 9.22 -11.07 -8.92
N GLN E 92 9.98 -12.09 -8.61
CA GLN E 92 11.28 -12.32 -9.26
C GLN E 92 11.12 -12.10 -10.78
N CYS E 93 10.25 -12.90 -11.36
CA CYS E 93 9.98 -12.84 -12.81
C CYS E 93 9.67 -11.42 -13.26
N LEU E 94 8.75 -10.79 -12.55
CA LEU E 94 8.35 -9.41 -12.87
C LEU E 94 9.54 -8.46 -12.87
N ILE E 95 10.32 -8.54 -11.81
CA ILE E 95 11.47 -7.63 -11.64
C ILE E 95 12.49 -7.81 -12.76
N ASN E 96 12.88 -9.03 -13.03
CA ASN E 96 13.89 -9.23 -14.09
C ASN E 96 13.32 -9.09 -15.51
N CYS E 97 12.11 -8.58 -15.61
CA CYS E 97 11.54 -8.13 -16.89
C CYS E 97 11.88 -6.67 -17.15
N LEU E 98 12.57 -6.07 -16.20
CA LEU E 98 12.94 -4.65 -16.27
C LEU E 98 14.45 -4.46 -16.45
N ILE E 99 15.18 -5.56 -16.40
CA ILE E 99 16.65 -5.50 -16.52
C ILE E 99 17.09 -4.89 -17.87
N ASN E 100 16.51 -5.39 -18.94
CA ASN E 100 16.77 -4.86 -20.29
C ASN E 100 16.04 -3.53 -20.51
N ASP E 101 16.80 -2.52 -20.87
CA ASP E 101 16.26 -1.17 -21.08
C ASP E 101 15.26 -1.14 -22.24
N ASN E 102 15.55 -1.95 -23.24
CA ASN E 102 14.70 -2.07 -24.44
C ASN E 102 13.61 -3.15 -24.28
N ALA E 103 13.53 -3.69 -23.07
CA ALA E 103 12.52 -4.73 -22.76
C ALA E 103 11.13 -4.20 -23.08
N PRO E 104 10.23 -5.08 -23.55
CA PRO E 104 8.90 -4.66 -24.00
C PRO E 104 7.98 -4.24 -22.86
N HIS E 105 7.30 -3.12 -23.06
CA HIS E 105 6.30 -2.63 -22.11
C HIS E 105 6.89 -2.17 -20.77
N ILE E 106 8.20 -1.98 -20.75
CA ILE E 106 8.90 -1.53 -19.52
C ILE E 106 8.20 -0.34 -18.87
N GLU E 107 7.82 0.61 -19.70
CA GLU E 107 7.27 1.89 -19.21
C GLU E 107 5.93 1.69 -18.50
N MET E 108 5.16 0.75 -19.01
CA MET E 108 3.87 0.40 -18.42
C MET E 108 4.02 -0.69 -17.35
N LEU E 109 5.22 -1.24 -17.28
CA LEU E 109 5.51 -2.36 -16.37
C LEU E 109 6.14 -1.89 -15.05
N ILE E 110 6.90 -0.82 -15.15
CA ILE E 110 7.58 -0.24 -13.97
C ILE E 110 6.61 0.05 -12.82
N PRO E 111 5.52 0.80 -13.09
CA PRO E 111 4.57 1.10 -12.03
C PRO E 111 3.93 -0.15 -11.41
N VAL E 112 3.81 -1.20 -12.21
CA VAL E 112 3.37 -2.50 -11.70
C VAL E 112 4.38 -3.00 -10.68
N ALA E 113 5.64 -2.94 -11.06
CA ALA E 113 6.75 -3.37 -10.19
C ALA E 113 6.76 -2.62 -8.87
N THR E 114 6.57 -1.32 -8.95
CA THR E 114 6.64 -0.45 -7.76
C THR E 114 5.45 -0.66 -6.84
N ARG E 115 4.30 -0.95 -7.42
CA ARG E 115 3.08 -1.12 -6.62
C ARG E 115 3.12 -2.48 -5.91
N GLU E 116 3.70 -3.45 -6.57
CA GLU E 116 3.75 -4.82 -6.06
C GLU E 116 4.87 -4.96 -5.02
N THR E 117 5.96 -4.26 -5.26
CA THR E 117 7.13 -4.33 -4.38
C THR E 117 6.73 -4.05 -2.91
N GLU E 118 5.77 -3.16 -2.76
CA GLU E 118 5.23 -2.83 -1.43
C GLU E 118 4.58 -4.06 -0.82
N PHE E 119 3.71 -4.66 -1.60
CA PHE E 119 2.94 -5.83 -1.15
C PHE E 119 3.85 -6.99 -0.74
N ILE E 120 4.83 -7.25 -1.58
CA ILE E 120 5.76 -8.37 -1.35
C ILE E 120 6.68 -8.10 -0.14
N ILE E 121 7.07 -6.85 0.02
CA ILE E 121 7.88 -6.44 1.18
C ILE E 121 7.14 -6.75 2.48
N ASN E 122 5.88 -6.35 2.52
CA ASN E 122 5.04 -6.58 3.70
C ASN E 122 4.87 -8.06 4.00
N LEU E 123 4.77 -8.83 2.94
CA LEU E 123 4.60 -10.27 3.06
C LEU E 123 5.87 -10.88 3.66
N ALA E 124 6.99 -10.47 3.10
CA ALA E 124 8.30 -10.92 3.58
C ALA E 124 8.48 -10.57 5.06
N GLY E 125 8.15 -9.35 5.38
CA GLY E 125 8.23 -8.85 6.75
C GLY E 125 7.35 -9.63 7.71
N LYS E 126 6.12 -9.88 7.25
CA LYS E 126 5.13 -10.60 8.07
C LYS E 126 5.64 -12.00 8.36
N LEU E 127 6.31 -12.58 7.38
CA LEU E 127 6.90 -13.93 7.51
C LEU E 127 8.03 -13.91 8.50
N ASP E 128 8.93 -12.97 8.29
CA ASP E 128 10.18 -12.87 9.08
C ASP E 128 9.92 -12.65 10.57
N SER E 129 8.86 -11.94 10.88
CA SER E 129 8.50 -11.62 12.29
C SER E 129 8.24 -12.88 13.09
N PHE E 130 7.76 -13.90 12.40
CA PHE E 130 7.40 -15.18 13.06
C PHE E 130 8.41 -16.26 12.74
N HIS E 131 9.64 -15.83 12.55
CA HIS E 131 10.74 -16.73 12.13
C HIS E 131 11.02 -17.83 13.14
N LEU E 132 10.86 -17.50 14.41
CA LEU E 132 11.06 -18.49 15.49
C LEU E 132 10.06 -19.63 15.37
N GLN E 133 8.84 -19.24 15.09
CA GLN E 133 7.74 -20.19 14.91
C GLN E 133 7.93 -21.00 13.63
N LEU E 134 8.38 -20.32 12.59
CA LEU E 134 8.64 -20.96 11.28
C LEU E 134 9.97 -21.70 11.24
N HIS E 135 10.75 -21.51 12.28
CA HIS E 135 12.12 -22.07 12.32
C HIS E 135 12.92 -21.67 11.08
N THR E 136 12.67 -20.45 10.64
CA THR E 136 13.41 -19.86 9.51
C THR E 136 14.44 -18.87 10.06
N ARG E 137 15.50 -18.66 9.32
CA ARG E 137 16.55 -17.71 9.74
C ARG E 137 16.04 -16.29 9.61
N SER E 138 16.43 -15.47 10.58
CA SER E 138 15.97 -14.07 10.65
C SER E 138 16.15 -13.33 9.31
N HIS E 139 15.14 -12.58 8.95
CA HIS E 139 15.16 -11.77 7.72
C HIS E 139 15.54 -12.57 6.48
N GLN E 140 15.07 -13.80 6.43
CA GLN E 140 15.37 -14.69 5.30
C GLN E 140 14.75 -14.22 3.99
N PHE E 141 13.53 -13.74 4.08
CA PHE E 141 12.74 -13.39 2.88
C PHE E 141 13.02 -11.97 2.38
N LEU E 142 12.98 -11.05 3.33
CA LEU E 142 13.30 -9.65 3.04
C LEU E 142 14.65 -9.58 2.31
N SER E 143 15.59 -10.40 2.79
CA SER E 143 16.90 -10.55 2.15
C SER E 143 16.77 -10.85 0.66
N HIS E 144 15.94 -11.83 0.38
CA HIS E 144 15.67 -12.24 -1.00
C HIS E 144 15.20 -11.03 -1.81
N ILE E 145 14.25 -10.34 -1.22
CA ILE E 145 13.71 -9.12 -1.85
C ILE E 145 14.84 -8.14 -2.18
N SER E 146 15.66 -7.87 -1.18
CA SER E 146 16.77 -6.91 -1.33
C SER E 146 17.69 -7.35 -2.48
N SER E 147 18.02 -8.61 -2.50
CA SER E 147 18.86 -9.18 -3.57
C SER E 147 18.25 -8.86 -4.94
N ILE E 148 17.00 -9.25 -5.09
CA ILE E 148 16.25 -8.96 -6.32
C ILE E 148 16.39 -7.49 -6.73
N LEU E 149 16.05 -6.63 -5.78
CA LEU E 149 16.08 -5.18 -6.03
C LEU E 149 17.49 -4.68 -6.35
N SER E 150 18.50 -5.29 -5.75
CA SER E 150 19.90 -4.90 -6.00
C SER E 150 20.26 -5.24 -7.44
N ARG E 151 19.85 -6.42 -7.87
CA ARG E 151 20.01 -6.80 -9.28
C ARG E 151 19.37 -5.74 -10.17
N LEU E 152 18.14 -5.40 -9.86
CA LEU E 152 17.44 -4.34 -10.60
C LEU E 152 18.27 -3.05 -10.59
N PHE E 153 18.80 -2.72 -9.44
CA PHE E 153 19.62 -1.49 -9.30
C PHE E 153 20.81 -1.54 -10.27
N ASN E 154 21.51 -2.65 -10.27
CA ASN E 154 22.61 -2.86 -11.23
C ASN E 154 22.14 -2.68 -12.67
N SER E 155 20.95 -3.16 -12.94
CA SER E 155 20.35 -3.05 -14.29
C SER E 155 20.33 -1.62 -14.87
N ILE E 156 20.22 -0.65 -13.99
CA ILE E 156 20.13 0.78 -14.37
C ILE E 156 21.44 1.37 -14.89
N LYS E 157 21.39 1.80 -16.14
CA LYS E 157 22.50 2.47 -16.80
C LYS E 157 22.01 3.78 -17.40
N PRO E 158 22.74 4.87 -17.18
CA PRO E 158 22.34 6.15 -17.74
C PRO E 158 22.42 6.13 -19.26
N PRO E 159 21.44 6.77 -19.92
CA PRO E 159 21.39 6.77 -21.38
C PRO E 159 22.60 7.46 -22.01
N THR E 166 14.85 13.99 -25.95
CA THR E 166 15.30 13.18 -24.81
C THR E 166 14.33 13.30 -23.64
N ASN E 167 13.58 12.25 -23.41
CA ASN E 167 12.56 12.25 -22.35
C ASN E 167 12.86 11.18 -21.32
N ILE E 168 13.06 11.60 -20.08
CA ILE E 168 13.56 10.69 -19.01
C ILE E 168 12.86 9.31 -19.00
N PRO E 169 13.65 8.22 -19.03
CA PRO E 169 13.10 6.87 -19.09
C PRO E 169 12.39 6.51 -17.79
N GLY E 170 11.88 5.30 -17.74
CA GLY E 170 11.13 4.83 -16.57
C GLY E 170 12.00 4.50 -15.38
N LYS E 171 13.09 3.81 -15.64
CA LYS E 171 14.01 3.36 -14.59
C LYS E 171 14.74 4.52 -13.90
N GLN E 172 14.81 5.63 -14.61
CA GLN E 172 15.52 6.83 -14.10
C GLN E 172 14.70 7.57 -13.04
N ARG E 173 13.42 7.71 -13.32
CA ARG E 173 12.53 8.52 -12.45
C ARG E 173 12.31 7.86 -11.08
N ILE E 174 12.64 6.60 -10.99
CA ILE E 174 12.49 5.84 -9.73
C ILE E 174 13.81 5.45 -9.08
N LEU E 175 14.89 5.99 -9.61
CA LEU E 175 16.26 5.64 -9.17
C LEU E 175 16.45 5.86 -7.67
N LEU E 176 16.23 7.08 -7.25
CA LEU E 176 16.43 7.45 -5.84
C LEU E 176 15.46 6.68 -4.94
N TYR E 177 14.25 6.53 -5.43
CA TYR E 177 13.22 5.73 -4.74
C TYR E 177 13.76 4.33 -4.47
N LEU E 178 14.24 3.72 -5.54
CA LEU E 178 14.83 2.38 -5.48
C LEU E 178 15.98 2.35 -4.47
N VAL E 179 16.85 3.34 -4.58
CA VAL E 179 17.99 3.48 -3.66
C VAL E 179 17.52 3.46 -2.20
N ASN E 180 16.60 4.34 -1.89
CA ASN E 180 16.07 4.46 -0.53
C ASN E 180 15.37 3.18 -0.04
N LYS E 181 14.56 2.60 -0.90
CA LYS E 181 13.90 1.32 -0.59
C LYS E 181 14.95 0.27 -0.22
N LEU E 182 15.84 0.06 -1.17
CA LEU E 182 16.93 -0.91 -1.03
C LEU E 182 17.68 -0.71 0.31
N ASN E 183 18.16 0.50 0.52
CA ASN E 183 18.87 0.84 1.76
C ASN E 183 18.05 0.53 3.01
N ASN E 184 16.84 1.02 3.02
CA ASN E 184 15.91 0.75 4.14
C ASN E 184 15.79 -0.75 4.42
N ILE E 185 15.69 -1.51 3.35
CA ILE E 185 15.68 -2.96 3.46
C ILE E 185 16.98 -3.44 4.11
N TYR E 186 18.08 -2.94 3.59
CA TYR E 186 19.42 -3.29 4.13
C TYR E 186 19.52 -3.03 5.64
N PHE E 187 19.02 -1.90 6.06
CA PHE E 187 18.96 -1.57 7.50
C PHE E 187 17.96 -2.49 8.21
N ARG E 188 16.89 -2.82 7.52
CA ARG E 188 15.88 -3.73 8.08
C ARG E 188 16.52 -5.06 8.39
N ILE E 189 17.15 -5.63 7.40
CA ILE E 189 17.98 -6.82 7.61
C ILE E 189 19.09 -6.36 8.55
N GLU E 190 19.77 -7.28 9.18
CA GLU E 190 20.79 -6.86 10.16
C GLU E 190 22.02 -6.21 9.52
N SER E 191 22.27 -6.50 8.27
CA SER E 191 23.46 -5.97 7.59
C SER E 191 23.18 -4.77 6.70
N PRO E 192 23.52 -3.55 7.16
CA PRO E 192 23.48 -2.32 6.35
C PRO E 192 24.77 -1.98 5.60
N GLN E 193 25.76 -2.85 5.72
CA GLN E 193 27.06 -2.67 5.05
C GLN E 193 26.94 -2.70 3.53
N LEU E 194 25.95 -3.43 3.06
CA LEU E 194 25.68 -3.56 1.62
C LEU E 194 25.29 -2.22 1.02
N CYS E 195 24.92 -1.31 1.90
CA CYS E 195 24.52 0.04 1.53
C CYS E 195 25.62 0.80 0.78
N SER E 196 26.86 0.56 1.17
CA SER E 196 28.00 1.29 0.56
C SER E 196 28.10 1.10 -0.94
N ASN E 197 27.94 -0.13 -1.39
CA ASN E 197 28.01 -0.39 -2.83
C ASN E 197 27.04 0.52 -3.60
N ILE E 198 25.79 0.53 -3.18
CA ILE E 198 24.76 1.25 -3.92
C ILE E 198 25.02 2.76 -3.89
N PHE E 199 25.49 3.23 -2.74
CA PHE E 199 25.86 4.66 -2.59
C PHE E 199 26.87 5.07 -3.66
N LYS E 200 28.04 4.45 -3.60
CA LYS E 200 29.13 4.71 -4.56
C LYS E 200 28.64 4.76 -6.02
N ASN E 201 27.81 3.79 -6.36
CA ASN E 201 27.33 3.63 -7.74
C ASN E 201 26.13 4.52 -8.08
N PHE E 202 25.58 5.17 -7.07
CA PHE E 202 24.38 5.99 -7.24
C PHE E 202 24.63 7.06 -8.32
N GLN E 203 25.59 7.92 -8.04
CA GLN E 203 25.89 9.08 -8.91
C GLN E 203 26.17 8.66 -10.34
N PRO E 204 27.07 7.69 -10.54
CA PRO E 204 27.31 7.14 -11.87
C PRO E 204 26.05 6.75 -12.65
N LYS E 205 25.07 6.24 -11.93
CA LYS E 205 23.84 5.71 -12.55
C LYS E 205 22.82 6.81 -12.89
N SER E 206 22.83 7.87 -12.11
CA SER E 206 21.88 8.97 -12.29
C SER E 206 22.17 9.77 -13.56
N MET E 207 21.14 9.92 -14.39
CA MET E 207 21.27 10.61 -15.68
C MET E 207 21.22 12.13 -15.51
N LEU E 208 20.39 12.58 -14.58
CA LEU E 208 20.19 14.01 -14.36
C LEU E 208 21.48 14.63 -13.80
N ALA E 209 21.59 15.93 -13.94
CA ALA E 209 22.83 16.67 -13.60
C ALA E 209 23.01 16.98 -12.10
N HIS E 210 21.93 17.41 -11.48
CA HIS E 210 21.94 17.92 -10.08
C HIS E 210 21.04 17.17 -9.13
N PHE E 211 21.58 16.86 -7.97
CA PHE E 211 20.85 16.09 -6.94
C PHE E 211 19.56 16.82 -6.54
N ASN E 212 19.63 18.13 -6.59
CA ASN E 212 18.48 18.99 -6.25
C ASN E 212 17.25 18.68 -7.12
N GLU E 213 17.51 18.04 -8.25
CA GLU E 213 16.46 17.74 -9.23
C GLU E 213 15.53 16.60 -8.79
N TYR E 214 16.00 15.77 -7.87
CA TYR E 214 15.18 14.72 -7.27
C TYR E 214 14.21 15.32 -6.28
N GLN E 215 13.20 14.54 -5.93
CA GLN E 215 12.15 14.99 -5.04
C GLN E 215 12.72 15.34 -3.68
N LEU E 216 12.22 16.38 -3.07
CA LEU E 216 12.80 16.83 -1.81
C LEU E 216 12.69 15.78 -0.72
N ASP E 217 11.55 15.15 -0.62
CA ASP E 217 11.37 14.12 0.40
C ASP E 217 12.28 12.95 0.10
N GLN E 218 12.42 12.62 -1.16
CA GLN E 218 13.29 11.51 -1.53
C GLN E 218 14.70 11.86 -1.08
N GLN E 219 15.05 13.11 -1.27
CA GLN E 219 16.35 13.64 -0.88
C GLN E 219 16.58 13.54 0.61
N ILE E 220 15.61 13.93 1.39
CA ILE E 220 15.85 13.94 2.81
C ILE E 220 16.12 12.55 3.34
N GLU E 221 15.27 11.63 2.96
CA GLU E 221 15.41 10.21 3.38
C GLU E 221 16.83 9.73 3.05
N TYR E 222 17.23 9.98 1.82
CA TYR E 222 18.58 9.61 1.37
C TYR E 222 19.63 10.07 2.37
N ARG E 223 19.56 11.34 2.72
CA ARG E 223 20.51 11.93 3.68
C ARG E 223 20.43 11.23 5.03
N TYR E 224 19.22 10.99 5.48
CA TYR E 224 18.98 10.27 6.74
C TYR E 224 19.74 8.93 6.74
N LEU E 225 19.46 8.13 5.74
CA LEU E 225 20.10 6.82 5.59
C LEU E 225 21.63 6.92 5.48
N LEU E 226 22.09 7.80 4.62
CA LEU E 226 23.54 8.02 4.44
C LEU E 226 24.18 8.37 5.78
N GLY E 227 23.53 9.27 6.49
CA GLY E 227 24.00 9.72 7.81
C GLY E 227 24.11 8.56 8.78
N ARG E 228 23.07 7.77 8.85
CA ARG E 228 23.10 6.56 9.67
C ARG E 228 24.27 5.65 9.24
N TYR E 229 24.38 5.40 7.95
CA TYR E 229 25.46 4.57 7.42
C TYR E 229 26.84 5.08 7.87
N TYR E 230 27.03 6.37 7.75
CA TYR E 230 28.27 7.00 8.23
C TYR E 230 28.47 6.75 9.73
N LEU E 231 27.42 7.01 10.49
CA LEU E 231 27.48 6.85 11.95
C LEU E 231 27.78 5.39 12.36
N LEU E 232 27.29 4.45 11.57
CA LEU E 232 27.59 3.03 11.81
C LEU E 232 29.09 2.80 11.76
N ASN E 233 29.74 3.50 10.85
CA ASN E 233 31.21 3.42 10.70
C ASN E 233 31.94 4.44 11.57
N SER E 234 31.23 4.90 12.59
CA SER E 234 31.75 5.89 13.55
C SER E 234 32.50 7.07 12.87
N GLN E 235 32.12 7.34 11.63
CA GLN E 235 32.57 8.55 10.93
C GLN E 235 31.64 9.70 11.29
N VAL E 236 31.83 10.24 12.48
CA VAL E 236 30.82 11.09 13.14
C VAL E 236 30.48 12.40 12.40
N HIS E 237 31.51 13.10 11.96
CA HIS E 237 31.31 14.40 11.29
C HIS E 237 30.52 14.21 9.99
N ASN E 238 31.01 13.28 9.19
CA ASN E 238 30.33 12.90 7.94
C ASN E 238 28.84 12.67 8.15
N ALA E 239 28.53 11.91 9.18
CA ALA E 239 27.14 11.63 9.55
C ALA E 239 26.42 12.93 9.93
N PHE E 240 27.09 13.68 10.78
CA PHE E 240 26.53 14.94 11.28
C PHE E 240 26.09 15.88 10.16
N VAL E 241 26.97 16.12 9.19
CA VAL E 241 26.63 17.05 8.09
C VAL E 241 25.31 16.62 7.45
N GLN E 242 25.23 15.34 7.16
CA GLN E 242 24.04 14.77 6.49
C GLN E 242 22.78 14.92 7.35
N PHE E 243 22.88 14.52 8.60
CA PHE E 243 21.76 14.67 9.53
C PHE E 243 21.30 16.14 9.53
N ASN E 244 22.23 17.02 9.79
CA ASN E 244 21.98 18.47 9.84
C ASN E 244 21.22 18.92 8.59
N GLU E 245 21.84 18.71 7.45
CA GLU E 245 21.25 19.09 6.14
C GLU E 245 19.82 18.57 6.04
N ALA E 246 19.69 17.29 6.30
CA ALA E 246 18.37 16.61 6.24
C ALA E 246 17.34 17.34 7.10
N PHE E 247 17.65 17.48 8.37
CA PHE E 247 16.73 18.12 9.32
C PHE E 247 16.37 19.53 8.88
N GLN E 248 17.37 20.23 8.34
CA GLN E 248 17.11 21.57 7.81
C GLN E 248 16.07 21.48 6.68
N SER E 249 16.39 20.68 5.69
CA SER E 249 15.47 20.46 4.55
C SER E 249 14.07 20.13 5.04
N LEU E 250 13.98 19.30 6.07
CA LEU E 250 12.69 18.89 6.64
C LEU E 250 11.98 20.08 7.29
N LEU E 251 12.71 20.85 8.08
CA LEU E 251 12.18 22.06 8.71
C LEU E 251 11.60 22.99 7.63
N ASN E 252 12.38 23.13 6.57
CA ASN E 252 12.05 24.03 5.46
C ASN E 252 10.70 23.69 4.80
N LEU E 253 10.36 22.42 4.84
CA LEU E 253 9.11 21.92 4.26
C LEU E 253 7.91 22.58 4.95
N PRO E 254 7.01 23.21 4.16
CA PRO E 254 5.84 23.91 4.69
C PRO E 254 4.80 23.02 5.42
N LEU E 255 4.78 21.75 5.08
CA LEU E 255 3.72 20.84 5.54
C LEU E 255 3.80 20.58 7.04
N THR E 256 2.65 20.47 7.66
CA THR E 256 2.53 20.26 9.12
C THR E 256 2.00 18.87 9.46
N ASN E 257 2.12 17.95 8.52
CA ASN E 257 1.61 16.58 8.72
C ASN E 257 2.39 15.85 9.83
N GLN E 258 1.74 14.88 10.43
CA GLN E 258 2.35 14.08 11.51
C GLN E 258 3.59 13.35 11.00
N ALA E 259 3.45 12.71 9.86
CA ALA E 259 4.55 11.99 9.22
C ALA E 259 5.82 12.84 9.23
N ILE E 260 5.67 14.06 8.75
CA ILE E 260 6.77 15.04 8.73
C ILE E 260 7.49 15.11 10.08
N THR E 261 6.72 15.45 11.10
CA THR E 261 7.27 15.64 12.46
C THR E 261 7.90 14.34 12.98
N ARG E 262 7.23 13.23 12.74
CA ARG E 262 7.72 11.91 13.19
C ARG E 262 9.08 11.58 12.56
N ASN E 263 9.19 11.85 11.27
CA ASN E 263 10.45 11.70 10.54
C ASN E 263 11.52 12.66 11.09
N GLY E 264 11.09 13.86 11.35
CA GLY E 264 11.95 14.84 12.02
C GLY E 264 12.55 14.25 13.29
N THR E 265 11.67 13.71 14.12
CA THR E 265 12.08 13.04 15.37
C THR E 265 13.12 11.97 15.04
N ARG E 266 12.78 11.14 14.09
CA ARG E 266 13.67 10.05 13.64
C ARG E 266 15.07 10.59 13.37
N ILE E 267 15.15 11.67 12.62
CA ILE E 267 16.45 12.32 12.35
C ILE E 267 17.11 12.77 13.64
N LEU E 268 16.33 13.45 14.47
CA LEU E 268 16.83 14.01 15.74
C LEU E 268 17.46 12.94 16.63
N ASN E 269 16.81 11.79 16.69
CA ASN E 269 17.31 10.65 17.50
C ASN E 269 18.80 10.35 17.24
N TYR E 270 19.21 10.57 16.00
CA TYR E 270 20.60 10.35 15.60
C TYR E 270 21.43 11.64 15.61
N MET E 271 20.81 12.73 15.21
CA MET E 271 21.51 14.03 15.16
C MET E 271 21.96 14.51 16.56
N ILE E 272 21.09 14.38 17.53
CA ILE E 272 21.41 14.84 18.90
C ILE E 272 22.74 14.25 19.43
N PRO E 273 22.85 12.92 19.46
CA PRO E 273 24.03 12.27 19.98
C PRO E 273 25.25 12.45 19.07
N THR E 274 25.00 12.52 17.78
CA THR E 274 26.08 12.75 16.80
C THR E 274 26.74 14.09 17.09
N GLY E 275 25.90 15.08 17.29
CA GLY E 275 26.36 16.44 17.61
C GLY E 275 27.13 16.49 18.92
N LEU E 276 26.64 15.75 19.91
CA LEU E 276 27.25 15.76 21.25
C LEU E 276 28.71 15.33 21.20
N ILE E 277 28.95 14.25 20.45
CA ILE E 277 30.31 13.74 20.24
C ILE E 277 31.21 14.84 19.69
N LEU E 278 30.68 15.56 18.71
CA LEU E 278 31.40 16.68 18.06
C LEU E 278 31.45 17.91 18.97
N GLY E 279 30.78 17.80 20.10
CA GLY E 279 30.71 18.90 21.07
C GLY E 279 29.81 20.03 20.63
N LYS E 280 28.66 19.66 20.09
CA LYS E 280 27.63 20.61 19.70
C LYS E 280 26.32 20.31 20.43
N MET E 281 25.95 21.23 21.31
CA MET E 281 24.67 21.13 22.05
C MET E 281 23.51 21.59 21.16
N VAL E 282 22.30 21.28 21.60
CA VAL E 282 21.09 21.68 20.86
C VAL E 282 20.21 22.65 21.65
N LYS E 283 19.73 23.67 20.96
CA LYS E 283 18.67 24.54 21.50
C LYS E 283 17.36 23.76 21.45
N TRP E 284 16.77 23.52 22.62
CA TRP E 284 15.60 22.64 22.75
C TRP E 284 14.28 23.29 22.32
N GLY E 285 14.21 24.60 22.45
CA GLY E 285 13.00 25.36 22.08
C GLY E 285 12.50 24.98 20.68
N PRO E 286 13.37 25.13 19.66
CA PRO E 286 13.07 24.85 18.26
C PRO E 286 12.60 23.43 17.98
N LEU E 287 13.02 22.49 18.79
CA LEU E 287 12.72 21.06 18.58
C LEU E 287 11.60 20.54 19.48
N ARG E 288 10.98 21.45 20.22
CA ARG E 288 9.90 21.08 21.16
C ARG E 288 8.78 20.27 20.50
N PRO E 289 8.39 20.63 19.26
CA PRO E 289 7.33 19.91 18.57
C PRO E 289 7.71 18.54 18.03
N PHE E 290 8.99 18.19 18.16
CA PHE E 290 9.50 16.89 17.62
C PHE E 290 9.83 15.88 18.72
N LEU E 291 9.86 16.35 19.94
CA LEU E 291 10.37 15.55 21.07
C LEU E 291 9.56 15.70 22.34
N SER E 292 9.30 14.58 22.99
CA SER E 292 8.59 14.58 24.28
C SER E 292 9.47 15.16 25.36
N GLN E 293 8.88 15.43 26.51
CA GLN E 293 9.60 16.03 27.63
C GLN E 293 10.63 15.05 28.20
N GLU E 294 10.22 13.79 28.29
CA GLU E 294 11.10 12.74 28.83
C GLU E 294 12.39 12.63 28.00
N THR E 295 12.22 12.70 26.69
CA THR E 295 13.37 12.66 25.77
C THR E 295 14.34 13.82 26.06
N ILE E 296 13.80 15.03 25.98
CA ILE E 296 14.59 16.24 26.26
C ILE E 296 15.34 16.09 27.60
N ASP E 297 14.58 15.84 28.65
CA ASP E 297 15.16 15.66 30.00
C ASP E 297 16.30 14.63 29.95
N ASN E 298 15.97 13.50 29.37
CA ASN E 298 16.90 12.37 29.26
C ASN E 298 18.24 12.81 28.64
N TRP E 299 18.16 13.35 27.44
CA TRP E 299 19.37 13.85 26.77
C TRP E 299 20.02 14.97 27.60
N SER E 300 19.18 15.72 28.28
CA SER E 300 19.65 16.86 29.10
C SER E 300 20.63 16.39 30.17
N VAL E 301 20.21 15.39 30.93
CA VAL E 301 21.07 14.83 32.00
C VAL E 301 22.46 14.49 31.45
N LEU E 302 22.46 13.81 30.31
CA LEU E 302 23.71 13.46 29.62
C LEU E 302 24.51 14.72 29.29
N TYR E 303 23.84 15.64 28.65
CA TYR E 303 24.43 16.96 28.31
C TYR E 303 25.16 17.54 29.54
N LYS E 304 24.47 17.57 30.65
CA LYS E 304 25.05 18.06 31.92
C LYS E 304 26.32 17.26 32.25
N HIS E 305 26.15 15.95 32.30
CA HIS E 305 27.26 15.02 32.61
C HIS E 305 28.51 15.37 31.79
N VAL E 306 28.36 15.44 30.48
CA VAL E 306 29.48 15.75 29.59
C VAL E 306 30.01 17.16 29.84
N ARG E 307 29.09 18.10 29.95
CA ARG E 307 29.42 19.52 30.12
C ARG E 307 30.30 19.78 31.34
N TYR E 308 29.95 19.18 32.44
CA TYR E 308 30.72 19.38 33.68
C TYR E 308 31.82 18.33 33.90
N GLY E 309 32.00 17.48 32.91
CA GLY E 309 33.12 16.53 32.90
C GLY E 309 33.02 15.39 33.91
N ASN E 310 31.86 14.78 33.96
CA ASN E 310 31.62 13.64 34.87
C ASN E 310 31.56 12.31 34.12
N ILE E 311 32.66 11.58 34.17
CA ILE E 311 32.77 10.29 33.46
C ILE E 311 31.79 9.24 34.00
N GLN E 312 31.80 9.08 35.30
CA GLN E 312 30.92 8.11 35.96
C GLN E 312 29.47 8.36 35.52
N GLY E 313 29.11 9.63 35.51
CA GLY E 313 27.78 10.05 35.05
C GLY E 313 27.47 9.53 33.64
N VAL E 314 28.38 9.82 32.72
CA VAL E 314 28.22 9.40 31.31
C VAL E 314 28.08 7.90 31.22
N SER E 315 28.92 7.21 31.99
CA SER E 315 28.87 5.75 32.04
C SER E 315 27.47 5.26 32.50
N LEU E 316 27.07 5.72 33.67
CA LEU E 316 25.77 5.33 34.26
C LEU E 316 24.61 5.68 33.34
N TRP E 317 24.71 6.83 32.71
CA TRP E 317 23.69 7.27 31.76
C TRP E 317 23.60 6.27 30.62
N LEU E 318 24.73 6.04 29.97
CA LEU E 318 24.81 5.06 28.87
C LEU E 318 24.26 3.72 29.34
N ARG E 319 24.56 3.38 30.57
CA ARG E 319 24.09 2.13 31.18
C ARG E 319 22.57 2.07 31.24
N GLN E 320 21.97 3.09 31.82
CA GLN E 320 20.50 3.17 31.93
C GLN E 320 19.80 3.06 30.58
N ASN E 321 20.39 3.66 29.58
CA ASN E 321 19.81 3.66 28.22
C ASN E 321 20.47 2.66 27.28
N GLU E 322 21.09 1.65 27.86
CA GLU E 322 21.90 0.68 27.07
C GLU E 322 21.12 0.04 25.94
N ARG E 323 19.96 -0.51 26.29
CA ARG E 323 19.17 -1.33 25.35
C ARG E 323 18.58 -0.50 24.21
N HIS E 324 17.95 0.60 24.60
CA HIS E 324 17.43 1.54 23.60
C HIS E 324 18.58 2.02 22.73
N LEU E 325 19.63 2.47 23.41
CA LEU E 325 20.84 2.90 22.72
C LEU E 325 21.37 1.80 21.81
N CYS E 326 21.20 0.57 22.24
CA CYS E 326 21.71 -0.59 21.48
C CYS E 326 20.88 -0.84 20.23
N ALA E 327 19.57 -0.68 20.38
CA ALA E 327 18.61 -0.83 19.25
C ALA E 327 19.02 0.06 18.09
N ARG E 328 19.31 1.30 18.40
CA ARG E 328 20.02 2.19 17.45
C ARG E 328 21.51 1.88 17.56
N GLN E 329 22.27 2.17 16.54
CA GLN E 329 23.72 1.90 16.62
C GLN E 329 24.50 3.02 17.30
N LEU E 330 24.18 3.27 18.56
CA LEU E 330 24.67 4.47 19.24
C LEU E 330 25.44 4.19 20.51
N LEU E 331 25.13 3.07 21.13
CA LEU E 331 25.75 2.73 22.42
C LEU E 331 27.28 2.83 22.32
N ILE E 332 27.82 2.00 21.47
CA ILE E 332 29.29 1.84 21.36
C ILE E 332 29.99 3.16 20.98
N VAL E 333 29.47 3.78 19.93
CA VAL E 333 30.06 5.05 19.46
C VAL E 333 30.10 6.08 20.59
N LEU E 334 29.01 6.20 21.32
CA LEU E 334 28.94 7.13 22.46
C LEU E 334 29.97 6.73 23.52
N LEU E 335 29.94 5.45 23.86
CA LEU E 335 30.85 4.87 24.86
C LEU E 335 32.32 5.20 24.55
N GLU E 336 32.65 5.11 23.27
CA GLU E 336 34.02 5.37 22.79
C GLU E 336 34.34 6.85 22.62
N LYS E 337 33.39 7.62 22.10
CA LYS E 337 33.66 9.01 21.65
C LYS E 337 33.33 10.10 22.67
N LEU E 338 32.43 9.85 23.57
CA LEU E 338 32.05 10.88 24.56
C LEU E 338 33.14 11.18 25.58
N PRO E 339 33.82 10.14 26.10
CA PRO E 339 34.76 10.30 27.20
C PRO E 339 35.79 11.42 27.02
N MET E 340 36.17 11.73 25.79
CA MET E 340 37.22 12.76 25.56
C MET E 340 36.71 14.19 25.73
N VAL E 341 35.55 14.46 25.17
CA VAL E 341 34.94 15.82 25.32
C VAL E 341 34.63 16.06 26.78
N THR E 342 34.20 15.01 27.44
CA THR E 342 33.88 15.07 28.87
C THR E 342 35.19 15.20 29.69
N TYR E 343 36.23 14.57 29.20
CA TYR E 343 37.57 14.72 29.80
C TYR E 343 38.10 16.15 29.62
N ARG E 344 37.93 16.67 28.42
CA ARG E 344 38.42 18.02 28.09
C ARG E 344 37.78 19.07 29.01
N ASN E 345 36.49 18.94 29.20
CA ASN E 345 35.76 19.81 30.13
C ASN E 345 36.27 19.66 31.58
N LEU E 346 36.58 18.44 31.95
CA LEU E 346 37.08 18.15 33.29
C LEU E 346 38.38 18.90 33.59
N ILE E 347 39.37 18.72 32.72
CA ILE E 347 40.67 19.39 32.92
C ILE E 347 40.59 20.88 32.65
N LYS E 348 39.67 21.28 31.79
CA LYS E 348 39.45 22.71 31.55
C LYS E 348 39.06 23.36 32.88
N THR E 349 38.14 22.71 33.56
CA THR E 349 37.72 23.16 34.90
C THR E 349 38.93 23.28 35.81
N VAL E 350 39.68 22.20 35.88
CA VAL E 350 40.89 22.17 36.73
C VAL E 350 41.82 23.34 36.39
N ILE E 351 42.23 23.39 35.14
CA ILE E 351 43.16 24.40 34.64
C ILE E 351 42.66 25.83 34.93
N LYS E 352 41.40 26.07 34.64
CA LYS E 352 40.81 27.41 34.83
C LYS E 352 41.03 27.90 36.26
N SER E 353 40.64 27.07 37.20
CA SER E 353 40.76 27.42 38.63
C SER E 353 42.21 27.46 39.11
N TRP E 354 42.95 26.49 38.64
CA TRP E 354 44.35 26.28 39.03
C TRP E 354 45.41 27.21 38.46
N THR E 355 45.22 27.64 37.24
CA THR E 355 46.21 28.47 36.54
C THR E 355 45.72 29.90 36.27
N THR E 356 44.55 30.00 35.66
CA THR E 356 44.00 31.31 35.26
C THR E 356 43.70 32.19 36.48
N GLU E 357 43.22 31.57 37.53
CA GLU E 357 42.88 32.30 38.77
C GLU E 357 44.00 32.25 39.80
N TRP E 358 44.49 31.05 40.03
CA TRP E 358 45.52 30.82 41.07
C TRP E 358 46.94 31.09 40.58
N GLY E 359 47.10 31.06 39.28
CA GLY E 359 48.36 31.49 38.63
C GLY E 359 49.48 30.48 38.58
N GLN E 360 49.20 29.26 39.00
CA GLN E 360 50.19 28.16 38.90
C GLN E 360 50.07 27.49 37.53
N ASN E 361 51.17 27.41 36.80
CA ASN E 361 51.14 26.89 35.40
C ASN E 361 51.58 25.43 35.29
N LYS E 362 51.88 24.82 36.42
CA LYS E 362 52.37 23.43 36.46
C LYS E 362 51.46 22.52 37.28
N LEU E 363 50.74 21.66 36.58
CA LEU E 363 49.82 20.70 37.23
C LEU E 363 50.52 19.38 37.51
N PRO E 364 50.68 19.03 38.78
CA PRO E 364 51.26 17.72 39.13
C PRO E 364 50.28 16.57 38.91
N TYR E 365 50.79 15.48 38.40
CA TYR E 365 49.96 14.32 38.02
C TYR E 365 49.02 13.87 39.15
N SER E 366 49.51 13.89 40.36
CA SER E 366 48.75 13.41 41.54
C SER E 366 47.44 14.19 41.72
N LEU E 367 47.52 15.48 41.50
CA LEU E 367 46.34 16.36 41.54
C LEU E 367 45.28 15.87 40.53
N ILE E 368 45.70 15.79 39.28
CA ILE E 368 44.83 15.31 38.21
C ILE E 368 44.33 13.89 38.50
N GLU E 369 45.18 13.13 39.16
CA GLU E 369 44.82 11.77 39.60
C GLU E 369 43.58 11.84 40.49
N ARG E 370 43.69 12.62 41.54
CA ARG E 370 42.57 12.81 42.47
C ARG E 370 41.30 13.33 41.78
N VAL E 371 41.47 14.38 41.00
CA VAL E 371 40.35 14.92 40.21
C VAL E 371 39.70 13.79 39.39
N LEU E 372 40.54 13.10 38.65
CA LEU E 372 40.09 11.95 37.82
C LEU E 372 39.36 10.92 38.69
N GLN E 373 39.86 10.72 39.88
CA GLN E 373 39.22 9.75 40.78
C GLN E 373 37.78 10.15 41.08
N LEU E 374 37.58 11.40 41.38
CA LEU E 374 36.22 11.89 41.66
C LEU E 374 35.30 11.76 40.45
N SER E 375 35.81 12.15 39.30
CA SER E 375 35.05 12.08 38.04
C SER E 375 34.76 10.66 37.58
N ILE E 376 35.79 9.84 37.63
CA ILE E 376 35.70 8.42 37.15
C ILE E 376 34.81 7.53 37.99
N GLY E 377 34.88 7.71 39.30
CA GLY E 377 34.11 6.85 40.22
C GLY E 377 34.83 5.52 40.40
N PRO E 378 34.24 4.61 41.18
CA PRO E 378 34.84 3.30 41.42
C PRO E 378 34.99 2.43 40.18
N THR E 379 36.12 1.78 40.11
CA THR E 379 36.49 0.89 39.00
C THR E 379 36.18 -0.56 39.37
N PHE E 380 36.23 -1.42 38.38
CA PHE E 380 35.95 -2.86 38.62
C PHE E 380 36.96 -3.48 39.59
N GLU E 381 38.17 -2.99 39.50
CA GLU E 381 39.28 -3.44 40.38
C GLU E 381 39.10 -2.96 41.81
N ASP E 382 38.32 -1.92 41.96
CA ASP E 382 38.09 -1.28 43.29
C ASP E 382 37.07 -2.10 44.11
N PRO E 383 37.02 -1.87 45.44
CA PRO E 383 36.12 -2.58 46.32
C PRO E 383 34.64 -2.31 46.05
N GLY E 384 33.84 -3.33 46.26
CA GLY E 384 32.37 -3.22 46.10
C GLY E 384 31.89 -3.42 44.69
N ALA E 385 32.80 -3.81 43.82
CA ALA E 385 32.46 -4.05 42.40
C ALA E 385 32.13 -5.49 42.20
N GLN E 386 31.02 -5.74 41.54
CA GLN E 386 30.52 -7.14 41.41
C GLN E 386 30.77 -7.74 40.05
N GLU E 387 31.19 -6.93 39.10
CA GLU E 387 31.35 -7.39 37.71
C GLU E 387 32.24 -6.51 36.87
N ILE E 388 32.76 -7.09 35.79
CA ILE E 388 33.57 -6.34 34.80
C ILE E 388 32.69 -5.92 33.63
N THR E 389 32.60 -4.63 33.42
CA THR E 389 31.70 -4.10 32.40
C THR E 389 32.34 -2.97 31.58
N ILE E 390 31.68 -2.63 30.49
CA ILE E 390 32.14 -1.53 29.64
C ILE E 390 31.92 -0.17 30.32
N TYR E 391 31.42 -0.21 31.53
CA TYR E 391 31.12 1.02 32.28
C TYR E 391 32.09 1.25 33.44
N ASN E 392 32.86 0.21 33.75
CA ASN E 392 33.89 0.30 34.80
C ASN E 392 35.26 -0.24 34.38
N GLY E 393 35.32 -0.78 33.19
CA GLY E 393 36.55 -1.42 32.70
C GLY E 393 37.50 -0.51 31.92
N ILE E 394 36.95 0.51 31.31
CA ILE E 394 37.71 1.35 30.36
C ILE E 394 38.48 2.49 31.06
N HIS E 395 37.79 3.19 31.93
CA HIS E 395 38.35 4.42 32.54
C HIS E 395 38.92 4.19 33.92
N SER E 396 40.14 4.67 34.09
CA SER E 396 40.85 4.60 35.38
C SER E 396 41.42 5.95 35.76
N PRO E 397 41.35 6.32 37.04
CA PRO E 397 41.91 7.58 37.51
C PRO E 397 43.42 7.63 37.46
N LYS E 398 44.05 6.47 37.53
CA LYS E 398 45.52 6.38 37.65
C LYS E 398 46.27 6.70 36.37
N ASN E 399 45.64 6.51 35.24
CA ASN E 399 46.28 6.77 33.93
C ASN E 399 46.18 8.25 33.51
N VAL E 400 46.75 9.11 34.33
CA VAL E 400 46.71 10.56 34.15
C VAL E 400 47.43 11.00 32.86
N GLU E 401 48.69 10.60 32.77
CA GLU E 401 49.51 10.98 31.61
C GLU E 401 48.82 10.59 30.29
N ASN E 402 48.24 9.40 30.27
CA ASN E 402 47.63 8.88 29.04
C ASN E 402 46.50 9.78 28.56
N VAL E 403 45.57 10.01 29.47
CA VAL E 403 44.44 10.93 29.19
C VAL E 403 44.95 12.31 28.72
N LEU E 404 45.93 12.81 29.44
CA LEU E 404 46.58 14.09 29.03
C LEU E 404 47.13 13.99 27.61
N VAL E 405 47.83 12.90 27.35
CA VAL E 405 48.48 12.69 26.04
C VAL E 405 47.45 12.69 24.91
N THR E 406 46.40 11.91 25.10
CA THR E 406 45.36 11.81 24.07
C THR E 406 44.63 13.15 23.89
N LEU E 407 44.32 13.79 25.01
CA LEU E 407 43.75 15.15 24.96
C LEU E 407 44.63 16.08 24.12
N ILE E 408 45.92 16.05 24.41
CA ILE E 408 46.90 16.88 23.66
C ILE E 408 46.94 16.52 22.17
N ASN E 409 47.10 15.24 21.89
CA ASN E 409 47.21 14.75 20.51
C ASN E 409 45.95 15.01 19.68
N LEU E 410 44.81 14.91 20.32
CA LEU E 410 43.52 15.20 19.66
C LEU E 410 43.35 16.69 19.37
N GLY E 411 44.20 17.49 20.02
CA GLY E 411 44.23 18.93 19.80
C GLY E 411 43.17 19.67 20.59
N LEU E 412 42.82 19.10 21.74
CA LEU E 412 41.83 19.70 22.64
C LEU E 412 42.50 20.42 23.80
N LEU E 413 43.74 20.03 24.04
CA LEU E 413 44.54 20.61 25.14
C LEU E 413 45.92 20.99 24.66
N ARG E 414 46.31 22.20 24.99
CA ARG E 414 47.66 22.69 24.66
C ARG E 414 48.54 22.67 25.89
N ALA E 415 49.40 21.68 25.97
CA ALA E 415 50.26 21.48 27.14
C ALA E 415 51.44 20.58 26.80
N ASN E 416 52.35 20.47 27.75
CA ASN E 416 53.48 19.55 27.63
C ASN E 416 53.54 18.61 28.82
N CYS E 417 53.99 17.39 28.57
CA CYS E 417 54.09 16.37 29.62
C CYS E 417 55.52 16.16 30.09
N PHE E 418 55.67 16.02 31.39
CA PHE E 418 56.96 15.72 32.01
C PHE E 418 56.84 14.44 32.84
N PRO E 419 57.12 13.30 32.21
CA PRO E 419 56.99 12.00 32.83
C PRO E 419 57.91 11.72 34.00
N GLN E 420 59.15 12.15 33.88
CA GLN E 420 60.12 11.93 34.95
C GLN E 420 59.80 12.81 36.16
N LEU E 421 59.29 13.99 35.87
CA LEU E 421 58.88 14.94 36.92
C LEU E 421 57.46 14.65 37.40
N GLN E 422 56.76 13.86 36.60
CA GLN E 422 55.35 13.52 36.88
C GLN E 422 54.50 14.80 36.95
N LEU E 423 54.55 15.59 35.90
CA LEU E 423 53.74 16.80 35.85
C LEU E 423 53.51 17.34 34.43
N CYS E 424 52.44 18.09 34.31
CA CYS E 424 52.01 18.68 33.04
C CYS E 424 52.14 20.18 33.12
N VAL E 425 52.61 20.78 32.05
CA VAL E 425 52.83 22.26 32.01
C VAL E 425 52.03 22.92 30.88
N VAL E 426 51.31 23.96 31.26
CA VAL E 426 50.50 24.76 30.32
C VAL E 426 51.02 26.20 30.23
N LYS E 427 50.55 26.91 29.23
CA LYS E 427 50.95 28.33 29.01
C LYS E 427 50.38 29.26 30.09
N LYS E 428 51.25 30.02 30.72
CA LYS E 428 50.84 30.99 31.75
C LYS E 428 49.97 32.10 31.15
N THR E 429 48.68 32.00 31.36
CA THR E 429 47.72 32.98 30.83
C THR E 429 46.44 33.03 31.65
N THR E 430 45.67 34.07 31.44
CA THR E 430 44.36 34.24 32.09
C THR E 430 43.23 33.73 31.19
N MET E 431 43.48 33.84 29.90
CA MET E 431 42.51 33.37 28.88
C MET E 431 42.58 31.84 28.78
N ILE E 432 41.51 31.21 29.20
CA ILE E 432 41.44 29.74 29.23
C ILE E 432 41.37 29.14 27.83
N GLN E 433 40.75 29.88 26.92
CA GLN E 433 40.56 29.39 25.54
C GLN E 433 41.91 29.28 24.80
N GLU E 434 42.95 29.79 25.43
CA GLU E 434 44.31 29.69 24.88
C GLU E 434 44.92 28.32 25.17
N ILE E 435 44.51 27.75 26.29
CA ILE E 435 45.01 26.43 26.73
C ILE E 435 44.09 25.30 26.27
N VAL E 436 42.81 25.59 26.29
CA VAL E 436 41.75 24.61 25.95
C VAL E 436 40.80 25.18 24.90
N PRO E 437 41.17 25.09 23.62
CA PRO E 437 40.41 25.69 22.53
C PRO E 437 38.99 25.16 22.43
N PRO E 438 38.11 25.85 21.69
CA PRO E 438 36.76 25.36 21.44
C PRO E 438 36.78 24.00 20.76
N VAL E 439 36.14 23.03 21.40
CA VAL E 439 36.22 21.62 20.98
C VAL E 439 35.79 21.36 19.53
N ASN E 440 34.61 21.83 19.19
CA ASN E 440 34.02 21.53 17.86
C ASN E 440 34.96 21.93 16.72
N GLU E 441 35.40 23.17 16.76
CA GLU E 441 36.29 23.71 15.74
C GLU E 441 37.52 22.79 15.55
N ARG E 442 38.11 22.40 16.67
CA ARG E 442 39.30 21.54 16.67
C ARG E 442 39.00 20.17 16.04
N ILE E 443 37.99 19.52 16.57
CA ILE E 443 37.60 18.20 16.09
C ILE E 443 37.33 18.23 14.58
N THR E 444 36.51 19.18 14.17
CA THR E 444 36.14 19.33 12.74
C THR E 444 37.36 19.69 11.90
N LYS E 445 38.26 20.47 12.48
CA LYS E 445 39.53 20.81 11.81
C LYS E 445 40.32 19.54 11.51
N MET E 446 40.48 18.71 12.53
CA MET E 446 41.23 17.44 12.39
C MET E 446 40.49 16.48 11.47
N PHE E 447 39.18 16.53 11.51
CA PHE E 447 38.33 15.63 10.69
C PHE E 447 37.30 16.41 9.87
N PRO E 448 37.66 16.84 8.66
CA PRO E 448 36.74 17.59 7.82
C PRO E 448 35.70 16.69 7.16
N ALA E 449 34.60 17.29 6.74
CA ALA E 449 33.52 16.55 6.07
C ALA E 449 33.61 16.72 4.55
N HIS E 450 32.84 15.90 3.85
CA HIS E 450 32.77 15.96 2.38
C HIS E 450 31.86 17.09 1.92
N SER E 451 31.79 17.27 0.62
CA SER E 451 30.92 18.28 0.01
C SER E 451 29.46 18.07 0.47
N HIS E 452 28.81 19.15 0.81
CA HIS E 452 27.44 19.11 1.37
C HIS E 452 26.45 18.48 0.38
N VAL E 453 26.27 19.14 -0.75
CA VAL E 453 25.42 18.60 -1.82
C VAL E 453 26.31 17.80 -2.78
N LEU E 454 25.84 16.62 -3.16
CA LEU E 454 26.66 15.68 -3.96
C LEU E 454 26.91 16.19 -5.39
N TRP E 455 25.91 16.80 -5.98
CA TRP E 455 26.03 17.41 -7.32
C TRP E 455 25.60 18.85 -7.32
N GLU F 30 13.48 -0.48 15.77
CA GLU F 30 14.27 -0.37 14.52
C GLU F 30 13.39 -0.06 13.32
N GLU F 31 12.24 -0.71 13.26
CA GLU F 31 11.25 -0.38 12.22
C GLU F 31 10.76 1.05 12.38
N ASP F 32 10.58 1.42 13.64
CA ASP F 32 10.15 2.77 14.01
C ASP F 32 11.18 3.79 13.47
N ASP F 33 12.43 3.39 13.43
CA ASP F 33 13.52 4.22 12.90
C ASP F 33 13.33 4.53 11.41
N GLU F 34 12.60 3.69 10.74
CA GLU F 34 12.34 3.86 9.30
C GLU F 34 11.36 5.00 9.03
N PHE F 35 11.62 5.70 7.94
CA PHE F 35 10.84 6.87 7.52
C PHE F 35 9.43 6.52 7.06
N GLU F 36 8.46 7.21 7.62
CA GLU F 36 7.06 7.12 7.18
C GLU F 36 6.95 7.85 5.84
N ASP F 37 5.99 7.44 5.03
CA ASP F 37 5.83 8.03 3.69
C ASP F 37 5.49 9.53 3.74
N PHE F 38 6.06 10.27 2.82
CA PHE F 38 5.77 11.70 2.68
C PHE F 38 4.53 12.03 1.86
N PRO F 39 4.32 13.31 1.57
CA PRO F 39 3.22 13.72 0.73
C PRO F 39 3.59 14.58 -0.46
N ALA F 53 12.74 28.72 0.50
CA ALA F 53 11.69 29.71 0.77
C ALA F 53 11.44 29.81 2.27
N VAL F 54 12.45 29.44 3.04
CA VAL F 54 12.38 29.49 4.50
C VAL F 54 13.74 29.74 5.16
N THR F 55 13.69 30.24 6.38
CA THR F 55 14.90 30.51 7.15
C THR F 55 15.56 29.21 7.65
N GLN F 56 16.88 29.25 7.81
CA GLN F 56 17.66 28.09 8.29
C GLN F 56 17.37 27.79 9.77
N THR F 57 17.02 28.84 10.49
CA THR F 57 16.66 28.71 11.92
C THR F 57 17.58 27.72 12.63
N ASN F 58 18.87 28.00 12.56
CA ASN F 58 19.89 27.15 13.22
C ASN F 58 19.47 26.80 14.67
N ILE F 59 19.65 25.53 14.99
CA ILE F 59 19.20 24.95 16.28
C ILE F 59 20.35 24.43 17.15
N TRP F 60 21.56 24.77 16.74
CA TRP F 60 22.76 24.44 17.52
C TRP F 60 23.08 25.57 18.50
N GLU F 61 23.57 25.19 19.65
CA GLU F 61 23.94 26.14 20.70
C GLU F 61 25.46 26.21 20.87
N GLU F 62 25.97 27.41 20.74
CA GLU F 62 27.42 27.67 20.85
C GLU F 62 27.76 28.37 22.18
N ASN F 63 26.76 28.49 23.03
CA ASN F 63 26.87 29.22 24.30
C ASN F 63 27.15 28.32 25.50
N TRP F 64 27.15 27.02 25.27
CA TRP F 64 27.47 26.07 26.35
C TRP F 64 28.75 26.52 27.03
N ASP F 65 29.79 26.62 26.22
CA ASP F 65 31.16 26.93 26.68
C ASP F 65 31.21 28.23 27.51
N ASP F 66 30.33 29.16 27.17
CA ASP F 66 30.36 30.52 27.73
C ASP F 66 29.77 30.64 29.15
N VAL F 67 28.66 29.95 29.37
CA VAL F 67 27.93 30.07 30.65
C VAL F 67 27.86 28.78 31.45
N GLU F 68 28.33 28.85 32.69
CA GLU F 68 28.29 27.71 33.62
C GLU F 68 27.57 28.10 34.91
N VAL F 69 26.48 27.41 35.17
CA VAL F 69 25.65 27.65 36.37
C VAL F 69 26.31 27.02 37.59
N ASP F 70 25.88 27.45 38.76
CA ASP F 70 26.35 26.85 40.03
C ASP F 70 26.11 25.34 39.98
N ASP F 71 27.14 24.61 40.35
CA ASP F 71 27.13 23.14 40.23
C ASP F 71 27.90 22.49 41.37
N ASP F 72 27.34 21.41 41.87
CA ASP F 72 27.95 20.69 43.02
C ASP F 72 29.25 20.01 42.62
N PHE F 73 29.22 19.35 41.48
CA PHE F 73 30.38 18.61 40.97
C PHE F 73 31.59 19.53 40.89
N THR F 74 31.40 20.63 40.20
CA THR F 74 32.46 21.62 40.01
C THR F 74 32.95 22.16 41.36
N ASN F 75 32.00 22.38 42.25
CA ASN F 75 32.33 22.82 43.62
C ASN F 75 33.22 21.80 44.34
N GLU F 76 32.85 20.54 44.19
CA GLU F 76 33.61 19.43 44.80
C GLU F 76 35.02 19.40 44.23
N LEU F 77 35.09 19.55 42.92
CA LEU F 77 36.40 19.64 42.23
C LEU F 77 37.25 20.77 42.82
N LYS F 78 36.68 21.96 42.83
CA LYS F 78 37.36 23.13 43.37
C LYS F 78 37.85 22.84 44.79
N ALA F 79 36.94 22.31 45.61
CA ALA F 79 37.27 21.98 47.00
C ALA F 79 38.47 21.04 47.07
N GLU F 80 38.44 20.03 46.23
CA GLU F 80 39.55 19.06 46.14
C GLU F 80 40.86 19.77 45.80
N LEU F 81 40.79 20.66 44.82
CA LEU F 81 41.98 21.48 44.46
C LEU F 81 42.49 22.25 45.68
N ASP F 82 41.57 22.89 46.37
CA ASP F 82 41.90 23.60 47.62
C ASP F 82 42.64 22.68 48.58
N ARG F 83 42.06 21.54 48.83
CA ARG F 83 42.66 20.56 49.74
C ARG F 83 44.08 20.20 49.31
N TYR F 84 44.24 19.91 48.03
CA TYR F 84 45.56 19.54 47.50
C TYR F 84 46.56 20.66 47.74
N LYS F 85 46.18 21.84 47.33
CA LYS F 85 47.02 23.04 47.50
C LYS F 85 47.45 23.19 48.97
N ARG F 86 46.46 23.13 49.84
CA ARG F 86 46.67 23.28 51.29
C ARG F 86 47.56 22.16 51.85
N GLU F 87 47.38 20.98 51.31
CA GLU F 87 48.12 19.78 51.74
C GLU F 87 49.58 19.84 51.30
N ASN F 88 49.78 20.36 50.11
CA ASN F 88 51.12 20.43 49.51
C ASN F 88 51.69 21.86 49.46
N GLN F 89 50.96 22.78 50.04
CA GLN F 89 51.34 24.21 50.04
C GLN F 89 52.86 24.35 50.27
#